data_6CIJ
#
_entry.id   6CIJ
#
_cell.length_a   1.0
_cell.length_b   1.0
_cell.length_c   1.0
_cell.angle_alpha   90.00
_cell.angle_beta   90.00
_cell.angle_gamma   90.00
#
_symmetry.space_group_name_H-M   'P 1'
#
loop_
_entity.id
_entity.type
_entity.pdbx_description
1 polymer 'V(D)J recombination-activating protein 1'
2 polymer 'DNA (46-MER)'
3 polymer "DNA (5'-D(*GP*AP*TP*CP*TP*GP*GP*CP*CP*TP*GP*TP*CP*TP*TP*A)-3')"
4 polymer "DNA (5'-D(P*CP*TP*GP*GP*AP*TP*CP*TP*GP*GP*CP*CP*TP*GP*TP*CP*TP*TP*A)-3')"
5 polymer 'DNA (60-MER)'
6 polymer 'High mobility group protein B1'
7 polymer 'DNA (30-MER)'
8 polymer 'V(D)J recombination-activating protein 2'
9 polymer 'DNA (41-MER)'
10 non-polymer 'ZINC ION'
11 non-polymer 'CALCIUM ION'
#
loop_
_entity_poly.entity_id
_entity_poly.type
_entity_poly.pdbx_seq_one_letter_code
_entity_poly.pdbx_strand_id
1 'polypeptide(L)'
;NCSKIHLSTKLLAVDFPAHFVKSISCQICEHILADPVETSCKHLFCRICILRCLKVMGSYCPSCRYPCFPTDLESPVKSF
LNILNSLMVKCPAQDCNEEVSLEKYNHHVSSHKESKETLVHINKGGRPRQHLLSLTRRAQKHRLRELKIQVKEFADKEEG
GDVKAVCLTLFLLALRARNEHRQADELEAIMQGRGSGLQPAVCLAIRVNTFLSCSQYHKMYRTVKAITGRQIFQPLHALR
NAEKVLLPGYHPFEWQPPLKNVSSRTDVGIIDGLSGLASSVDEYPVDTIAKRFRYDSALVSALMDMEEDILEGMRSQDLD
DYLNGPFTVVVKESCDGMGDVSEKHGSGPAVPEKAVRFSFTVMRITIEHGSQNVKVFEEPKPNSELCCKPLCLMLADESD
HETLTAILSPLIAEREAMKSSELTLEMGGIPRTFKFIFRGTGYDEKLVREVEGLEASGSVYICTLCDTTRLEASQNLVFH
SITRSHAENLQRYEVWRSNPYHESVEELRDRVKGVSAKPFIETVPSIDALHCDIGNAAEFYKIFQLEIGEVYKHPNASKE
ERKRWQATLDKHLRKRMNLKPIMRMNGNFARKLMTQETVDAVCELIPSEERHEALRELMDLYLKMKPVWRSSCPAKECPE
SLCQYSFNSQRFAELLSTKFKYRYEGKITNYFHKTLAHVPEIIERDGSIGAWASEGNQSGNKLFRRFRKMNARQSKCYEM
EDVLKHHWLYTSKYLQKFMNAHNALKSSGFTMNSKETLGDPLGIEDSLESQDSMEF
;
A,C
2 'polydeoxyribonucleotide'
;(DC)(DG)(DG)(DG)(DT)(DT)(DT)(DT)(DT)(DG)(DT)(DT)(DA)(DA)(DG)(DG)(DG)(DC)(DT)(DG)
(DT)(DA)(DT)(DC)(DA)(DC)(DT)(DG)(DT)(DG)(DT)(DA)(DA)(DG)(DA)(DC)(DA)(DG)(DG)(DC)
(DC)(DA)(DG)(DA)(DT)(DC)
;
F
3 'polydeoxyribonucleotide' (DG)(DA)(DT)(DC)(DT)(DG)(DG)(DC)(DC)(DT)(DG)(DT)(DC)(DT)(DT)(DA) I
4 'polydeoxyribonucleotide' (DC)(DC)(DT)(DG)(DG)(DA)(DT)(DC)(DT)(DG)(DG)(DC)(DC)(DT)(DG)(DT)(DC)(DT)(DT)(DA) J
5 'polydeoxyribonucleotide'
;(DC)(DG)(DG)(DG)(DT)(DT)(DT)(DT)(DT)(DG)(DT)(DC)(DT)(DG)(DG)(DC)(DT)(DT)(DC)(DA)
(DC)(DA)(DC)(DT)(DT)(DG)(DA)(DT)(DT)(DT)(DG)(DC)(DA)(DT)(DC)(DA)(DC)(DT)(DG)(DT)
(DG)(DT)(DA)(DA)(DG)(DA)(DC)(DA)(DG)(DG)(DC)(DC)(DA)(DG)(DA)(DT)(DC)(DC)(DA)(DG)
(DG)
;
G
6 'polypeptide(L)'
;MGKGDPKKPRGKMSSYAFFVQTCREEHKKKHPDASVNFSEFSKKCSERWKTMSAKEKGKFEDMAKADKARYEREMKTYIP
PKGETKKKFKDPNAPKRPPSAFFLFCSEYRPKIKGEHPGLSIGDVAKKLGEMWNNTAADDKQPYEKKAAKLKEKYEKDIA
AYR
;
N
7 'polydeoxyribonucleotide'
;(DC)(DA)(DC)(DA)(DG)(DT)(DG)(DA)(DT)(DA)(DC)(DA)(DG)(DC)(DC)(DC)(DT)(DT)(DA)(DA)
(DC)(DA)(DA)(DA)(DA)(DA)(DC)(DC)(DC)(DG)
;
L
8 'polypeptide(L)'
;MSLQMVTVGHNIALIQPGFSLMNFDGQVFFFGQKGWPKRSCPTGVFHFDIKQNHLKLKPAIFSKDSCYLPPLRYPATCSY
KGSIDSDKHQYIIHGGKTPNNELSDKIYIMSVACKNNKKVTFRCTEKDLVGDVPEPRYGHSIDVVYSRGKSMGVLFGGRS
YMPSTQRTTEKWNSVADCLPHVFLIDFEFGCATSYILPELQDGLSFHVSIARNDTVYILGGHSLASNIRPANLYRIRVDL
PLGTPAVNCTVLPGGISVSSAILTQTNNDEFVIVGGYQLENQKRMVCSLVSLGDNTIEISEMETPDWTSDIKHSKIWFGS
NMGNGTIFLGIPGDNKQAMSEAFYFYTLRCSEEDLSEDQKIVSNSQTSTEDPGDSTPFEDSEEFCFSAEATSFDGDDEFD
TYNEDDEDDESVTGYWITCCPTCDVDINTWVPFYSTELNKPAMIYCSHGDGHWVHAQCMDLEERTLIHLSEGSNKYYCNE
HVQIARALQAPKRNPPLQKPPMKSLHKKGSGKVLTPAKKS
;
D,B
9 'polydeoxyribonucleotide'
;(DC)(DA)(DC)(DA)(DG)(DT)(DG)(DA)(DT)(DG)(DC)(DA)(DA)(DA)(DT)(DC)(DA)(DA)(DG)(DT)
(DG)(DT)(DG)(DA)(DA)(DG)(DC)(DC)(DA)(DG)(DA)(DC)(DA)(DA)(DA)(DA)(DA)(DC)(DC)(DC)
(DG)
;
M
#
loop_
_chem_comp.id
_chem_comp.type
_chem_comp.name
_chem_comp.formula
CA non-polymer 'CALCIUM ION' 'Ca 2'
DA DNA linking 2'-DEOXYADENOSINE-5'-MONOPHOSPHATE 'C10 H14 N5 O6 P'
DC DNA linking 2'-DEOXYCYTIDINE-5'-MONOPHOSPHATE 'C9 H14 N3 O7 P'
DG DNA linking 2'-DEOXYGUANOSINE-5'-MONOPHOSPHATE 'C10 H14 N5 O7 P'
DT DNA linking THYMIDINE-5'-MONOPHOSPHATE 'C10 H15 N2 O8 P'
ZN non-polymer 'ZINC ION' 'Zn 2'
#
# COMPACT_ATOMS: atom_id res chain seq x y z
N HIS A 131 -30.24 -20.86 -46.68
CA HIS A 131 -30.72 -20.15 -45.51
C HIS A 131 -30.88 -18.67 -45.79
N LEU A 132 -32.10 -18.15 -45.67
CA LEU A 132 -32.36 -16.76 -45.96
C LEU A 132 -31.65 -15.85 -44.96
N LEU A 133 -31.69 -14.54 -45.25
CA LEU A 133 -31.02 -13.52 -44.47
C LEU A 133 -29.51 -13.71 -44.45
N SER A 134 -29.01 -14.58 -45.35
CA SER A 134 -27.58 -14.80 -45.50
C SER A 134 -27.11 -14.72 -46.95
N LEU A 135 -28.01 -14.85 -47.92
CA LEU A 135 -27.65 -14.70 -49.32
C LEU A 135 -27.42 -13.24 -49.65
N THR A 136 -27.11 -12.97 -50.92
CA THR A 136 -27.03 -11.62 -51.43
C THR A 136 -28.39 -11.25 -52.03
N ARG A 137 -28.44 -10.09 -52.68
CA ARG A 137 -29.69 -9.62 -53.26
C ARG A 137 -30.02 -10.26 -54.59
N ARG A 138 -31.12 -9.80 -55.19
CA ARG A 138 -31.60 -10.26 -56.48
C ARG A 138 -32.05 -11.72 -56.40
N ALA A 139 -31.89 -12.35 -55.24
CA ALA A 139 -32.36 -13.70 -55.00
C ALA A 139 -33.33 -13.76 -53.82
N GLN A 140 -32.97 -13.14 -52.68
CA GLN A 140 -33.92 -13.04 -51.58
C GLN A 140 -35.17 -12.28 -52.00
N LYS A 141 -35.01 -11.31 -52.90
CA LYS A 141 -36.16 -10.68 -53.52
C LYS A 141 -37.00 -11.72 -54.25
N HIS A 142 -36.42 -12.36 -55.27
CA HIS A 142 -37.11 -13.40 -56.03
C HIS A 142 -37.82 -14.42 -55.13
N ARG A 143 -37.30 -14.62 -53.91
CA ARG A 143 -37.96 -15.49 -52.96
C ARG A 143 -39.17 -14.81 -52.31
N LEU A 144 -39.01 -13.57 -51.86
CA LEU A 144 -40.05 -12.87 -51.11
C LEU A 144 -40.91 -11.95 -51.98
N ARG A 145 -40.90 -12.15 -53.30
CA ARG A 145 -41.59 -11.25 -54.21
C ARG A 145 -43.10 -11.22 -53.95
N GLU A 146 -43.68 -12.39 -53.72
CA GLU A 146 -45.10 -12.51 -53.46
C GLU A 146 -45.50 -11.73 -52.20
N LEU A 147 -44.74 -11.94 -51.13
CA LEU A 147 -45.02 -11.25 -49.87
C LEU A 147 -44.78 -9.76 -50.01
N LYS A 148 -43.79 -9.36 -50.81
CA LYS A 148 -43.53 -7.93 -51.02
C LYS A 148 -44.68 -7.27 -51.77
N ILE A 149 -45.19 -7.92 -52.81
CA ILE A 149 -46.30 -7.32 -53.55
C ILE A 149 -47.57 -7.33 -52.70
N GLN A 150 -47.72 -8.32 -51.81
CA GLN A 150 -48.86 -8.31 -50.90
C GLN A 150 -48.77 -7.16 -49.90
N VAL A 151 -47.57 -6.92 -49.36
CA VAL A 151 -47.38 -5.78 -48.46
C VAL A 151 -47.62 -4.48 -49.20
N LYS A 152 -47.22 -4.42 -50.48
CA LYS A 152 -47.46 -3.22 -51.29
C LYS A 152 -48.96 -2.99 -51.47
N GLU A 153 -49.71 -4.06 -51.77
CA GLU A 153 -51.16 -3.94 -51.90
C GLU A 153 -51.78 -3.48 -50.60
N PHE A 154 -51.32 -4.03 -49.47
CA PHE A 154 -51.87 -3.66 -48.18
C PHE A 154 -51.58 -2.20 -47.86
N ALA A 155 -50.38 -1.73 -48.19
CA ALA A 155 -50.02 -0.34 -47.93
C ALA A 155 -50.81 0.60 -48.84
N ASP A 156 -51.05 0.20 -50.09
CA ASP A 156 -51.86 1.01 -50.99
C ASP A 156 -53.31 1.07 -50.52
N LYS A 157 -53.81 -0.03 -49.95
CA LYS A 157 -55.19 -0.04 -49.48
C LYS A 157 -55.35 0.74 -48.18
N GLU A 158 -54.33 0.71 -47.32
CA GLU A 158 -54.42 1.35 -46.01
C GLU A 158 -53.91 2.79 -46.03
N GLU A 159 -52.64 2.98 -46.40
CA GLU A 159 -52.01 4.29 -46.36
C GLU A 159 -51.61 4.79 -47.74
N GLY A 160 -52.10 4.14 -48.81
CA GLY A 160 -51.84 4.60 -50.15
C GLY A 160 -50.44 4.38 -50.67
N GLY A 161 -49.58 3.69 -49.92
CA GLY A 161 -48.24 3.42 -50.39
C GLY A 161 -47.13 3.84 -49.44
N ASP A 162 -47.48 4.06 -48.17
CA ASP A 162 -46.49 4.37 -47.14
C ASP A 162 -45.82 3.09 -46.64
N VAL A 163 -45.06 2.48 -47.54
CA VAL A 163 -44.45 1.18 -47.25
C VAL A 163 -43.38 1.31 -46.18
N LYS A 164 -42.61 2.39 -46.22
CA LYS A 164 -41.49 2.54 -45.28
C LYS A 164 -41.98 2.57 -43.84
N ALA A 165 -42.98 3.42 -43.56
CA ALA A 165 -43.45 3.58 -42.19
C ALA A 165 -44.11 2.29 -41.68
N VAL A 166 -44.91 1.64 -42.52
CA VAL A 166 -45.60 0.44 -42.06
C VAL A 166 -44.62 -0.71 -41.84
N CYS A 167 -43.60 -0.81 -42.69
CA CYS A 167 -42.58 -1.84 -42.48
C CYS A 167 -41.76 -1.56 -41.23
N LEU A 168 -41.45 -0.28 -40.99
CA LEU A 168 -40.74 0.08 -39.76
C LEU A 168 -41.55 -0.28 -38.53
N THR A 169 -42.85 0.05 -38.53
CA THR A 169 -43.70 -0.27 -37.40
C THR A 169 -43.82 -1.78 -37.21
N LEU A 170 -43.97 -2.53 -38.30
CA LEU A 170 -44.07 -3.98 -38.21
C LEU A 170 -42.81 -4.58 -37.61
N PHE A 171 -41.63 -4.09 -38.05
CA PHE A 171 -40.39 -4.64 -37.53
C PHE A 171 -40.17 -4.23 -36.08
N LEU A 172 -40.59 -3.02 -35.70
CA LEU A 172 -40.50 -2.63 -34.30
C LEU A 172 -41.35 -3.53 -33.41
N LEU A 173 -42.60 -3.79 -33.82
CA LEU A 173 -43.45 -4.67 -33.03
C LEU A 173 -42.93 -6.11 -33.05
N ALA A 174 -42.29 -6.53 -34.15
CA ALA A 174 -41.71 -7.86 -34.19
C ALA A 174 -40.54 -7.98 -33.21
N LEU A 175 -39.74 -6.93 -33.10
CA LEU A 175 -38.67 -6.93 -32.10
C LEU A 175 -39.25 -6.93 -30.70
N ARG A 176 -40.29 -6.13 -30.47
CA ARG A 176 -40.90 -6.07 -29.15
C ARG A 176 -41.57 -7.39 -28.75
N ALA A 177 -42.00 -8.19 -29.73
CA ALA A 177 -42.64 -9.46 -29.41
C ALA A 177 -41.64 -10.44 -28.80
N ARG A 178 -40.42 -10.46 -29.30
CA ARG A 178 -39.39 -11.38 -28.82
C ARG A 178 -38.61 -10.84 -27.64
N ASN A 179 -39.08 -9.77 -27.00
CA ASN A 179 -38.43 -9.17 -25.83
C ASN A 179 -36.99 -8.75 -26.16
N GLU A 180 -36.90 -7.81 -27.10
CA GLU A 180 -35.63 -7.26 -27.58
C GLU A 180 -35.69 -5.74 -27.56
N HIS A 181 -36.11 -5.18 -26.42
CA HIS A 181 -36.35 -3.75 -26.31
C HIS A 181 -35.10 -2.92 -26.63
N ARG A 182 -33.92 -3.47 -26.37
CA ARG A 182 -32.68 -2.71 -26.61
C ARG A 182 -32.51 -2.39 -28.09
N GLN A 183 -32.59 -3.42 -28.93
CA GLN A 183 -32.39 -3.19 -30.36
C GLN A 183 -33.51 -2.33 -30.95
N ALA A 184 -34.74 -2.50 -30.48
CA ALA A 184 -35.84 -1.69 -30.97
C ALA A 184 -35.66 -0.23 -30.58
N ASP A 185 -35.20 0.03 -29.35
CA ASP A 185 -34.95 1.40 -28.93
C ASP A 185 -33.81 2.01 -29.72
N GLU A 186 -32.74 1.25 -29.96
CA GLU A 186 -31.65 1.74 -30.80
C GLU A 186 -32.14 2.07 -32.21
N LEU A 187 -33.02 1.24 -32.75
CA LEU A 187 -33.54 1.48 -34.09
C LEU A 187 -34.40 2.73 -34.13
N GLU A 188 -35.35 2.87 -33.19
CA GLU A 188 -36.19 4.04 -33.17
C GLU A 188 -35.42 5.31 -32.84
N ALA A 189 -34.25 5.18 -32.21
CA ALA A 189 -33.40 6.35 -31.98
C ALA A 189 -32.62 6.71 -33.24
N ILE A 190 -32.14 5.72 -33.98
CA ILE A 190 -31.35 6.00 -35.17
C ILE A 190 -32.24 6.43 -36.34
N MET A 191 -33.54 6.12 -36.29
CA MET A 191 -34.44 6.59 -37.34
C MET A 191 -34.58 8.10 -37.35
N GLN A 192 -34.17 8.73 -36.25
CA GLN A 192 -34.10 10.17 -36.18
C GLN A 192 -32.73 10.51 -36.76
N GLY A 193 -31.73 9.68 -36.44
CA GLY A 193 -30.32 9.93 -36.74
C GLY A 193 -29.88 11.07 -35.85
N ARG A 194 -29.41 10.79 -34.64
CA ARG A 194 -29.12 11.95 -33.82
C ARG A 194 -27.74 11.82 -33.19
N GLY A 195 -27.23 12.94 -32.68
CA GLY A 195 -25.91 12.96 -32.08
C GLY A 195 -25.93 12.56 -30.61
N SER A 196 -25.54 11.32 -30.33
CA SER A 196 -25.48 10.82 -28.95
C SER A 196 -24.08 11.05 -28.36
N GLY A 197 -23.67 12.31 -28.40
CA GLY A 197 -22.35 12.71 -27.90
C GLY A 197 -22.48 13.36 -26.54
N LEU A 198 -21.53 13.04 -25.66
CA LEU A 198 -21.51 13.57 -24.30
C LEU A 198 -20.69 14.85 -24.28
N GLN A 199 -21.23 15.89 -23.64
CA GLN A 199 -20.48 17.12 -23.45
C GLN A 199 -19.29 16.87 -22.54
N PRO A 200 -18.23 17.68 -22.64
CA PRO A 200 -17.03 17.40 -21.86
C PRO A 200 -17.22 17.48 -20.36
N ALA A 201 -18.25 18.18 -19.89
CA ALA A 201 -18.52 18.22 -18.45
C ALA A 201 -18.90 16.84 -17.92
N VAL A 202 -19.75 16.12 -18.66
CA VAL A 202 -20.14 14.78 -18.24
C VAL A 202 -18.94 13.83 -18.26
N CYS A 203 -18.10 13.94 -19.29
CA CYS A 203 -16.91 13.10 -19.36
C CYS A 203 -15.97 13.39 -18.20
N LEU A 204 -15.82 14.67 -17.84
CA LEU A 204 -14.99 15.02 -16.70
C LEU A 204 -15.56 14.46 -15.40
N ALA A 205 -16.88 14.57 -15.22
CA ALA A 205 -17.50 14.03 -14.02
C ALA A 205 -17.29 12.51 -13.94
N ILE A 206 -17.43 11.81 -15.06
CA ILE A 206 -17.23 10.37 -15.06
C ILE A 206 -15.78 10.03 -14.75
N ARG A 207 -14.85 10.78 -15.33
CA ARG A 207 -13.43 10.55 -15.13
C ARG A 207 -12.95 10.83 -13.71
N VAL A 208 -13.60 11.79 -13.04
CA VAL A 208 -13.22 12.15 -11.67
C VAL A 208 -13.91 11.24 -10.65
N ASN A 209 -15.24 11.22 -10.68
CA ASN A 209 -15.98 10.55 -9.62
C ASN A 209 -15.94 9.03 -9.71
N THR A 210 -15.19 8.46 -10.66
CA THR A 210 -15.07 7.01 -10.76
C THR A 210 -13.64 6.53 -10.57
N PHE A 211 -12.74 7.39 -10.11
CA PHE A 211 -11.36 7.03 -9.77
C PHE A 211 -10.64 6.43 -10.98
N LEU A 212 -10.51 7.23 -12.03
CA LEU A 212 -9.88 6.82 -13.28
C LEU A 212 -8.67 7.70 -13.54
N SER A 213 -7.53 7.06 -13.79
CA SER A 213 -6.35 7.78 -14.24
C SER A 213 -6.52 8.22 -15.70
N CYS A 214 -5.75 9.22 -16.11
CA CYS A 214 -5.87 9.74 -17.47
C CYS A 214 -5.48 8.70 -18.49
N SER A 215 -4.51 7.84 -18.16
CA SER A 215 -4.07 6.82 -19.11
C SER A 215 -5.15 5.78 -19.36
N GLN A 216 -5.80 5.29 -18.30
CA GLN A 216 -6.85 4.30 -18.48
C GLN A 216 -8.07 4.92 -19.17
N TYR A 217 -8.36 6.19 -18.86
CA TYR A 217 -9.45 6.88 -19.55
C TYR A 217 -9.15 7.01 -21.03
N HIS A 218 -7.90 7.32 -21.39
CA HIS A 218 -7.51 7.41 -22.79
C HIS A 218 -7.62 6.05 -23.48
N LYS A 219 -7.27 5.00 -22.74
CA LYS A 219 -7.35 3.64 -23.26
C LYS A 219 -8.81 3.32 -23.60
N MET A 220 -9.71 3.58 -22.66
CA MET A 220 -11.13 3.34 -22.87
C MET A 220 -11.66 4.20 -24.01
N TYR A 221 -11.21 5.44 -24.08
CA TYR A 221 -11.63 6.37 -25.12
C TYR A 221 -11.27 5.86 -26.52
N ARG A 222 -10.02 5.46 -26.70
CA ARG A 222 -9.57 4.97 -28.00
C ARG A 222 -10.23 3.64 -28.34
N THR A 223 -10.45 2.78 -27.35
CA THR A 223 -11.12 1.50 -27.60
C THR A 223 -12.54 1.72 -28.10
N VAL A 224 -13.31 2.55 -27.38
CA VAL A 224 -14.70 2.79 -27.75
C VAL A 224 -14.76 3.45 -29.12
N LYS A 225 -13.86 4.41 -29.38
CA LYS A 225 -13.89 5.11 -30.66
C LYS A 225 -13.53 4.17 -31.81
N ALA A 226 -12.57 3.27 -31.59
CA ALA A 226 -12.15 2.38 -32.67
C ALA A 226 -13.19 1.31 -32.94
N ILE A 227 -13.89 0.85 -31.91
CA ILE A 227 -14.86 -0.23 -32.10
C ILE A 227 -16.19 0.31 -32.59
N THR A 228 -16.77 1.26 -31.86
CA THR A 228 -18.08 1.81 -32.21
C THR A 228 -18.02 2.78 -33.40
N GLY A 229 -16.82 3.13 -33.87
CA GLY A 229 -16.70 4.01 -35.01
C GLY A 229 -17.25 5.40 -34.81
N ARG A 230 -17.36 5.86 -33.56
CA ARG A 230 -17.84 7.20 -33.28
C ARG A 230 -17.29 7.63 -31.93
N GLN A 231 -17.61 8.86 -31.53
CA GLN A 231 -17.10 9.45 -30.30
C GLN A 231 -18.26 9.62 -29.32
N ILE A 232 -18.44 8.60 -28.47
CA ILE A 232 -19.39 8.73 -27.36
C ILE A 232 -18.79 9.61 -26.27
N PHE A 233 -17.48 9.53 -26.11
CA PHE A 233 -16.74 10.31 -25.11
C PHE A 233 -15.92 11.41 -25.76
N GLN A 234 -15.41 12.35 -24.95
CA GLN A 234 -14.61 13.44 -25.49
C GLN A 234 -13.12 13.16 -25.25
N PRO A 235 -12.24 13.71 -26.09
CA PRO A 235 -10.80 13.52 -25.89
C PRO A 235 -10.30 14.27 -24.66
N LEU A 236 -9.01 14.07 -24.38
CA LEU A 236 -8.44 14.57 -23.13
C LEU A 236 -8.36 16.09 -23.10
N HIS A 237 -8.00 16.70 -24.24
CA HIS A 237 -7.82 18.15 -24.26
C HIS A 237 -9.12 18.90 -23.97
N ALA A 238 -10.26 18.34 -24.39
CA ALA A 238 -11.55 18.95 -24.07
C ALA A 238 -11.79 18.97 -22.56
N LEU A 239 -11.50 17.85 -21.90
CA LEU A 239 -11.63 17.80 -20.44
C LEU A 239 -10.66 18.75 -19.76
N ARG A 240 -9.45 18.85 -20.29
CA ARG A 240 -8.47 19.75 -19.71
C ARG A 240 -8.98 21.18 -19.81
N ASN A 241 -9.54 21.53 -20.96
CA ASN A 241 -10.06 22.89 -21.14
C ASN A 241 -11.26 23.15 -20.25
N ALA A 242 -12.08 22.12 -20.02
CA ALA A 242 -13.25 22.30 -19.16
C ALA A 242 -12.86 22.40 -17.69
N GLU A 243 -11.73 21.82 -17.30
CA GLU A 243 -11.30 21.86 -15.91
C GLU A 243 -11.01 23.29 -15.45
N LYS A 244 -10.62 24.15 -16.38
CA LYS A 244 -10.18 25.50 -16.04
C LYS A 244 -11.32 26.37 -15.55
N VAL A 245 -12.55 25.86 -15.61
CA VAL A 245 -13.69 26.63 -15.11
C VAL A 245 -13.92 26.36 -13.63
N LEU A 246 -13.78 25.10 -13.22
CA LEU A 246 -14.02 24.74 -11.82
C LEU A 246 -12.86 25.13 -10.92
N LEU A 247 -11.64 25.12 -11.46
CA LEU A 247 -10.47 25.47 -10.67
C LEU A 247 -10.50 26.95 -10.29
N PRO A 248 -9.88 27.31 -9.17
CA PRO A 248 -9.85 28.72 -8.75
C PRO A 248 -9.10 29.58 -9.75
N GLY A 249 -9.33 30.89 -9.64
CA GLY A 249 -8.69 31.83 -10.52
C GLY A 249 -9.34 31.95 -11.88
N TYR A 250 -10.67 31.85 -11.95
CA TYR A 250 -11.39 31.96 -13.21
C TYR A 250 -12.60 32.88 -13.16
N HIS A 251 -13.14 33.18 -11.98
CA HIS A 251 -14.29 34.06 -11.85
C HIS A 251 -13.89 35.38 -11.22
N PRO A 252 -14.41 36.50 -11.74
CA PRO A 252 -14.06 37.81 -11.16
C PRO A 252 -14.82 38.06 -9.86
N PHE A 253 -14.19 38.86 -9.01
CA PHE A 253 -14.74 39.21 -7.71
C PHE A 253 -13.95 40.41 -7.19
N GLU A 254 -14.46 41.03 -6.13
CA GLU A 254 -13.77 42.15 -5.50
C GLU A 254 -14.32 42.34 -4.10
N TRP A 255 -13.45 42.78 -3.20
CA TRP A 255 -13.81 43.07 -1.82
C TRP A 255 -14.05 44.56 -1.67
N GLN A 256 -15.21 44.93 -1.13
CA GLN A 256 -15.54 46.35 -1.03
C GLN A 256 -14.61 47.02 -0.02
N PRO A 257 -14.35 46.43 1.15
CA PRO A 257 -13.18 46.83 1.93
C PRO A 257 -11.94 46.15 1.40
N PRO A 258 -10.96 46.90 0.90
CA PRO A 258 -9.77 46.28 0.34
C PRO A 258 -9.03 45.45 1.39
N LEU A 259 -8.59 44.27 0.98
CA LEU A 259 -7.89 43.35 1.87
C LEU A 259 -6.48 43.87 2.15
N LYS A 260 -6.17 44.05 3.43
CA LYS A 260 -4.85 44.53 3.81
C LYS A 260 -3.80 43.46 3.52
N ASN A 261 -2.71 43.86 2.88
CA ASN A 261 -1.57 42.99 2.61
C ASN A 261 -1.95 41.81 1.72
N VAL A 262 -3.00 41.95 0.92
CA VAL A 262 -3.44 40.90 0.00
C VAL A 262 -3.69 41.54 -1.37
N SER A 263 -3.12 40.94 -2.41
CA SER A 263 -3.28 41.47 -3.75
C SER A 263 -4.73 41.35 -4.21
N SER A 264 -5.17 42.33 -5.00
CA SER A 264 -6.52 42.36 -5.55
C SER A 264 -6.62 41.67 -6.90
N ARG A 265 -5.51 41.15 -7.42
CA ARG A 265 -5.55 40.45 -8.68
C ARG A 265 -6.47 39.26 -8.48
N THR A 266 -7.18 38.85 -9.53
CA THR A 266 -8.12 37.74 -9.41
C THR A 266 -7.93 36.68 -10.48
N ASP A 267 -6.68 36.29 -10.76
CA ASP A 267 -6.44 35.19 -11.68
C ASP A 267 -5.32 34.26 -11.21
N VAL A 268 -4.98 34.30 -9.93
CA VAL A 268 -3.90 33.46 -9.39
C VAL A 268 -4.42 32.04 -9.21
N GLY A 269 -3.57 31.07 -9.52
CA GLY A 269 -3.94 29.67 -9.40
C GLY A 269 -3.30 28.98 -8.21
N ILE A 270 -2.30 28.14 -8.49
CA ILE A 270 -1.63 27.37 -7.45
C ILE A 270 -0.38 28.17 -7.06
N ILE A 271 -0.51 28.95 -6.00
CA ILE A 271 0.62 29.71 -5.49
C ILE A 271 1.57 28.77 -4.74
N ASP A 272 2.87 29.01 -4.88
CA ASP A 272 3.86 28.19 -4.20
C ASP A 272 3.68 28.27 -2.69
N GLY A 273 3.92 27.14 -2.03
CA GLY A 273 3.70 27.04 -0.60
C GLY A 273 4.76 27.74 0.23
N LEU A 274 6.00 27.77 -0.28
CA LEU A 274 7.08 28.42 0.46
C LEU A 274 6.89 29.92 0.61
N SER A 275 6.01 30.53 -0.20
CA SER A 275 5.71 31.95 -0.12
C SER A 275 6.96 32.81 -0.28
N GLY A 276 7.84 32.39 -1.20
CA GLY A 276 9.06 33.13 -1.45
C GLY A 276 10.06 33.10 -0.32
N LEU A 277 10.15 31.98 0.39
CA LEU A 277 11.09 31.86 1.49
C LEU A 277 12.52 31.83 0.97
N ALA A 278 13.42 32.51 1.67
CA ALA A 278 14.82 32.58 1.28
C ALA A 278 15.46 31.20 1.40
N SER A 279 16.01 30.70 0.28
CA SER A 279 16.63 29.38 0.23
C SER A 279 18.13 29.47 -0.02
N SER A 280 18.76 30.58 0.34
CA SER A 280 20.19 30.73 0.13
C SER A 280 20.95 29.82 1.11
N VAL A 281 22.26 29.69 0.87
CA VAL A 281 23.08 28.82 1.69
C VAL A 281 23.35 29.46 3.05
N ASP A 282 23.36 30.78 3.12
CA ASP A 282 23.58 31.45 4.39
C ASP A 282 22.32 31.45 5.25
N GLU A 283 21.15 31.50 4.61
CA GLU A 283 19.88 31.52 5.32
C GLU A 283 19.62 30.15 5.95
N TYR A 284 18.68 30.14 6.89
CA TYR A 284 18.24 28.89 7.52
C TYR A 284 17.87 27.88 6.44
N PRO A 285 18.31 26.63 6.56
CA PRO A 285 18.09 25.66 5.49
C PRO A 285 16.61 25.32 5.32
N VAL A 286 16.26 24.98 4.08
CA VAL A 286 14.90 24.63 3.71
C VAL A 286 14.92 23.23 3.11
N ASP A 287 14.05 22.35 3.62
CA ASP A 287 13.98 20.98 3.12
C ASP A 287 12.53 20.52 2.96
N THR A 288 11.63 21.44 2.65
CA THR A 288 10.21 21.12 2.50
C THR A 288 9.69 21.74 1.21
N ILE A 289 8.65 21.10 0.66
CA ILE A 289 7.96 21.62 -0.51
C ILE A 289 6.48 21.70 -0.18
N ALA A 290 5.79 22.65 -0.81
CA ALA A 290 4.39 22.89 -0.50
C ALA A 290 3.72 23.59 -1.67
N LYS A 291 2.43 23.32 -1.82
CA LYS A 291 1.60 23.97 -2.82
C LYS A 291 0.26 24.34 -2.19
N ARG A 292 -0.35 25.41 -2.68
CA ARG A 292 -1.61 25.85 -2.15
C ARG A 292 -2.22 26.96 -2.99
N PHE A 293 -3.48 27.25 -2.72
CA PHE A 293 -4.21 28.29 -3.42
C PHE A 293 -4.22 29.57 -2.58
N ARG A 294 -4.92 30.57 -3.10
CA ARG A 294 -5.17 31.82 -2.40
C ARG A 294 -6.45 31.50 -1.63
N TYR A 295 -6.51 31.92 -0.38
CA TYR A 295 -7.68 31.64 0.45
C TYR A 295 -8.98 32.24 -0.08
N ASP A 296 -8.94 33.52 -0.44
CA ASP A 296 -10.13 34.22 -0.92
C ASP A 296 -10.57 33.67 -2.28
N SER A 297 -9.61 33.39 -3.17
CA SER A 297 -9.97 32.77 -4.46
C SER A 297 -10.60 31.40 -4.25
N ALA A 298 -10.08 30.63 -3.29
CA ALA A 298 -10.66 29.33 -2.99
C ALA A 298 -12.09 29.48 -2.49
N LEU A 299 -12.34 30.45 -1.62
CA LEU A 299 -13.70 30.69 -1.14
C LEU A 299 -14.63 31.10 -2.28
N VAL A 300 -14.14 31.96 -3.18
CA VAL A 300 -14.96 32.38 -4.31
C VAL A 300 -15.31 31.18 -5.19
N SER A 301 -14.32 30.32 -5.46
CA SER A 301 -14.58 29.15 -6.29
C SER A 301 -15.55 28.20 -5.61
N ALA A 302 -15.42 28.01 -4.29
CA ALA A 302 -16.32 27.12 -3.57
C ALA A 302 -17.74 27.67 -3.58
N LEU A 303 -17.90 28.99 -3.42
CA LEU A 303 -19.22 29.59 -3.45
C LEU A 303 -19.84 29.49 -4.84
N MET A 304 -19.05 29.71 -5.88
CA MET A 304 -19.54 29.57 -7.25
C MET A 304 -19.84 28.13 -7.62
N ASP A 305 -19.25 27.15 -6.92
CA ASP A 305 -19.57 25.76 -7.20
C ASP A 305 -20.95 25.39 -6.69
N MET A 306 -21.41 26.03 -5.62
CA MET A 306 -22.70 25.75 -5.00
C MET A 306 -23.77 26.76 -5.37
N GLU A 307 -23.74 27.26 -6.61
CA GLU A 307 -24.75 28.22 -7.05
C GLU A 307 -26.14 27.61 -7.09
N GLU A 308 -26.26 26.44 -7.74
CA GLU A 308 -27.56 25.81 -7.89
C GLU A 308 -28.18 25.46 -6.54
N ASP A 309 -27.34 25.02 -5.60
CA ASP A 309 -27.86 24.65 -4.28
C ASP A 309 -28.43 25.87 -3.56
N ILE A 310 -27.71 27.00 -3.59
CA ILE A 310 -28.20 28.20 -2.92
C ILE A 310 -29.47 28.71 -3.60
N LEU A 311 -29.51 28.65 -4.93
CA LEU A 311 -30.69 29.09 -5.67
C LEU A 311 -31.90 28.23 -5.30
N GLU A 312 -31.72 26.91 -5.27
CA GLU A 312 -32.83 26.03 -4.91
C GLU A 312 -33.25 26.21 -3.46
N GLY A 313 -32.30 26.48 -2.56
CA GLY A 313 -32.66 26.75 -1.19
C GLY A 313 -33.47 28.02 -1.04
N MET A 314 -33.09 29.07 -1.76
CA MET A 314 -33.87 30.31 -1.71
C MET A 314 -35.24 30.12 -2.32
N ARG A 315 -35.33 29.34 -3.40
CA ARG A 315 -36.63 29.12 -4.03
C ARG A 315 -37.55 28.27 -3.16
N SER A 316 -36.98 27.32 -2.41
CA SER A 316 -37.79 26.42 -1.61
C SER A 316 -38.26 27.07 -0.30
N GLN A 317 -37.47 27.99 0.26
CA GLN A 317 -37.81 28.64 1.52
C GLN A 317 -38.72 29.85 1.34
N ASP A 318 -39.42 29.94 0.20
CA ASP A 318 -40.34 31.03 -0.11
C ASP A 318 -39.60 32.39 -0.06
N LEU A 319 -38.58 32.47 -0.90
CA LEU A 319 -37.77 33.68 -1.06
C LEU A 319 -37.53 33.94 -2.54
N ASP A 320 -37.64 35.20 -2.93
CA ASP A 320 -37.40 35.59 -4.31
C ASP A 320 -35.92 35.42 -4.65
N ASP A 321 -35.63 34.85 -5.82
CA ASP A 321 -34.24 34.52 -6.16
C ASP A 321 -33.42 35.77 -6.43
N TYR A 322 -34.06 36.84 -6.92
CA TYR A 322 -33.30 38.05 -7.25
C TYR A 322 -32.86 38.84 -6.04
N LEU A 323 -33.17 38.39 -4.83
CA LEU A 323 -32.72 39.09 -3.63
C LEU A 323 -31.21 38.96 -3.49
N ASN A 324 -30.58 40.02 -2.99
CA ASN A 324 -29.12 40.08 -2.85
C ASN A 324 -28.74 40.51 -1.44
N GLY A 325 -29.38 39.92 -0.43
CA GLY A 325 -29.11 40.27 0.95
C GLY A 325 -27.71 39.88 1.39
N PRO A 326 -27.30 40.37 2.55
CA PRO A 326 -25.96 40.05 3.06
C PRO A 326 -25.86 38.63 3.60
N PHE A 327 -25.61 37.67 2.72
CA PHE A 327 -25.48 36.28 3.13
C PHE A 327 -24.35 36.12 4.14
N THR A 328 -24.52 35.15 5.04
CA THR A 328 -23.52 34.82 6.05
C THR A 328 -23.08 33.38 5.85
N VAL A 329 -21.77 33.16 5.83
CA VAL A 329 -21.20 31.85 5.55
C VAL A 329 -20.32 31.43 6.72
N VAL A 330 -20.46 30.18 7.13
CA VAL A 330 -19.66 29.60 8.21
C VAL A 330 -18.84 28.46 7.62
N VAL A 331 -17.54 28.46 7.92
CA VAL A 331 -16.59 27.52 7.34
C VAL A 331 -15.86 26.80 8.47
N LYS A 332 -15.73 25.49 8.34
CA LYS A 332 -15.01 24.66 9.31
C LYS A 332 -13.63 24.34 8.76
N GLU A 333 -12.59 24.65 9.54
CA GLU A 333 -11.21 24.39 9.16
C GLU A 333 -10.69 23.13 9.84
N SER A 334 -9.65 22.55 9.25
CA SER A 334 -9.08 21.31 9.76
C SER A 334 -7.63 21.20 9.31
N CYS A 335 -6.79 20.62 10.17
CA CYS A 335 -5.39 20.40 9.87
C CYS A 335 -4.92 19.16 10.61
N ASP A 336 -4.27 18.25 9.89
CA ASP A 336 -3.76 17.02 10.48
C ASP A 336 -2.40 16.70 9.89
N GLY A 337 -1.59 15.96 10.66
CA GLY A 337 -0.29 15.53 10.21
C GLY A 337 -0.25 14.05 9.93
N MET A 338 -0.04 13.68 8.67
CA MET A 338 -0.03 12.28 8.27
C MET A 338 1.32 11.66 8.60
N GLY A 339 1.54 10.41 8.18
CA GLY A 339 2.79 9.74 8.46
C GLY A 339 3.00 8.57 7.51
N ASP A 340 4.23 8.04 7.57
CA ASP A 340 4.62 6.87 6.79
C ASP A 340 4.51 7.13 5.28
N VAL A 341 4.63 8.38 4.88
CA VAL A 341 4.62 8.72 3.46
C VAL A 341 6.02 8.50 2.90
N SER A 342 6.14 7.59 1.93
CA SER A 342 7.44 7.21 1.41
C SER A 342 8.08 8.35 0.63
N GLU A 343 9.38 8.55 0.87
CA GLU A 343 10.15 9.52 0.09
C GLU A 343 10.50 8.92 -1.27
N LYS A 344 10.64 9.79 -2.26
CA LYS A 344 10.93 9.37 -3.63
C LYS A 344 12.39 9.65 -3.98
N HIS A 345 12.84 9.00 -5.05
CA HIS A 345 14.20 9.18 -5.55
C HIS A 345 14.26 10.48 -6.36
N GLY A 346 15.37 10.68 -7.06
CA GLY A 346 15.52 11.81 -7.95
C GLY A 346 16.29 12.97 -7.36
N SER A 347 16.20 14.10 -8.04
CA SER A 347 16.91 15.31 -7.66
C SER A 347 15.96 16.27 -6.96
N GLY A 348 16.50 17.01 -6.00
CA GLY A 348 15.74 17.96 -5.24
C GLY A 348 16.17 18.03 -3.79
N PRO A 349 15.42 18.76 -2.98
CA PRO A 349 15.76 18.85 -1.55
C PRO A 349 15.41 17.58 -0.80
N ALA A 350 16.19 17.31 0.24
CA ALA A 350 15.97 16.14 1.07
C ALA A 350 14.76 16.34 1.97
N VAL A 351 13.57 16.00 1.49
CA VAL A 351 12.33 16.25 2.20
C VAL A 351 12.08 15.12 3.21
N PRO A 352 11.45 15.41 4.35
CA PRO A 352 11.14 14.35 5.31
C PRO A 352 9.97 13.48 4.84
N GLU A 353 9.54 12.55 5.68
CA GLU A 353 8.46 11.64 5.33
C GLU A 353 7.11 12.05 5.88
N LYS A 354 7.07 12.84 6.95
CA LYS A 354 5.80 13.26 7.53
C LYS A 354 5.14 14.31 6.65
N ALA A 355 3.87 14.10 6.32
CA ALA A 355 3.11 15.01 5.48
C ALA A 355 2.00 15.66 6.30
N VAL A 356 1.71 16.93 5.97
CA VAL A 356 0.68 17.71 6.64
C VAL A 356 -0.18 18.38 5.58
N ARG A 357 -1.49 18.42 5.82
CA ARG A 357 -2.44 19.07 4.93
C ARG A 357 -3.30 20.03 5.73
N PHE A 358 -4.10 20.81 5.01
CA PHE A 358 -4.96 21.81 5.63
C PHE A 358 -6.14 22.06 4.69
N SER A 359 -7.36 21.87 5.20
CA SER A 359 -8.55 21.96 4.36
C SER A 359 -9.63 22.75 5.10
N PHE A 360 -10.71 23.02 4.39
CA PHE A 360 -11.86 23.74 4.94
C PHE A 360 -13.13 23.11 4.40
N THR A 361 -14.27 23.60 4.87
CA THR A 361 -15.57 23.06 4.47
C THR A 361 -16.65 24.10 4.73
N VAL A 362 -17.42 24.43 3.70
CA VAL A 362 -18.56 25.32 3.86
C VAL A 362 -19.67 24.56 4.56
N MET A 363 -20.13 25.08 5.70
CA MET A 363 -21.06 24.37 6.57
C MET A 363 -22.49 24.82 6.41
N ARG A 364 -22.75 26.09 6.69
CA ARG A 364 -24.10 26.60 6.61
C ARG A 364 -24.11 28.03 6.13
N ILE A 365 -25.21 28.40 5.52
CA ILE A 365 -25.40 29.76 5.00
C ILE A 365 -26.77 30.27 5.42
N THR A 366 -26.83 31.52 5.87
CA THR A 366 -28.08 32.17 6.22
C THR A 366 -28.15 33.55 5.58
N ILE A 367 -29.38 34.08 5.52
CA ILE A 367 -29.64 35.42 5.04
C ILE A 367 -30.53 36.13 6.06
N GLU A 368 -30.34 37.44 6.18
CA GLU A 368 -31.12 38.25 7.11
C GLU A 368 -32.33 38.80 6.37
N HIS A 369 -33.45 38.10 6.48
CA HIS A 369 -34.71 38.51 5.85
C HIS A 369 -35.64 39.02 6.94
N GLY A 370 -35.92 40.31 6.91
CA GLY A 370 -36.76 40.91 7.94
C GLY A 370 -36.05 41.00 9.28
N SER A 371 -36.47 40.17 10.23
CA SER A 371 -35.84 40.11 11.54
C SER A 371 -35.50 38.66 11.92
N GLN A 372 -35.25 37.83 10.92
CA GLN A 372 -34.93 36.42 11.14
C GLN A 372 -33.68 36.06 10.36
N ASN A 373 -33.29 34.78 10.44
CA ASN A 373 -32.11 34.26 9.73
C ASN A 373 -32.51 32.92 9.13
N VAL A 374 -32.90 32.94 7.87
CA VAL A 374 -33.38 31.74 7.19
C VAL A 374 -32.19 30.89 6.78
N LYS A 375 -32.20 29.63 7.20
CA LYS A 375 -31.14 28.68 6.84
C LYS A 375 -31.32 28.23 5.40
N VAL A 376 -30.72 28.95 4.46
CA VAL A 376 -30.92 28.66 3.05
C VAL A 376 -30.20 27.39 2.61
N PHE A 377 -29.17 26.97 3.34
CA PHE A 377 -28.41 25.79 2.95
C PHE A 377 -27.62 25.21 4.11
N GLU A 378 -27.68 23.89 4.28
CA GLU A 378 -26.89 23.18 5.29
C GLU A 378 -26.39 21.89 4.69
N GLU A 379 -25.13 21.55 4.97
CA GLU A 379 -24.56 20.33 4.44
C GLU A 379 -25.24 19.12 5.07
N PRO A 380 -25.83 18.22 4.29
CA PRO A 380 -26.50 17.05 4.87
C PRO A 380 -25.56 16.02 5.45
N LYS A 381 -24.28 16.03 5.04
CA LYS A 381 -23.29 15.08 5.54
C LYS A 381 -22.03 15.85 5.88
N PRO A 382 -21.96 16.43 7.08
CA PRO A 382 -20.81 17.28 7.42
C PRO A 382 -19.55 16.49 7.74
N ASN A 383 -19.63 15.16 7.67
CA ASN A 383 -18.47 14.31 7.96
C ASN A 383 -18.10 13.45 6.76
N SER A 384 -18.54 13.81 5.56
CA SER A 384 -18.23 13.07 4.36
C SER A 384 -17.02 13.66 3.65
N GLU A 385 -16.23 12.80 3.03
CA GLU A 385 -15.07 13.26 2.27
C GLU A 385 -15.47 13.98 0.99
N LEU A 386 -16.72 13.84 0.55
CA LEU A 386 -17.20 14.49 -0.66
C LEU A 386 -17.44 15.99 -0.47
N CYS A 387 -17.27 16.53 0.74
CA CYS A 387 -17.49 17.95 0.96
C CYS A 387 -16.32 18.60 1.71
N CYS A 388 -15.18 17.91 1.82
CA CYS A 388 -13.99 18.45 2.47
C CYS A 388 -13.04 18.90 1.36
N LYS A 389 -13.06 20.21 1.06
CA LYS A 389 -12.32 20.75 -0.06
C LYS A 389 -10.90 21.12 0.37
N PRO A 390 -9.88 20.77 -0.42
CA PRO A 390 -8.51 21.01 0.03
C PRO A 390 -8.12 22.48 -0.08
N LEU A 391 -7.10 22.84 0.69
CA LEU A 391 -6.57 24.20 0.63
C LEU A 391 -5.07 24.26 0.48
N CYS A 392 -4.33 23.37 1.16
CA CYS A 392 -2.88 23.44 1.15
C CYS A 392 -2.29 22.08 1.46
N LEU A 393 -1.14 21.80 0.87
CA LEU A 393 -0.38 20.58 1.10
C LEU A 393 1.07 20.94 1.41
N MET A 394 1.74 20.05 2.14
CA MET A 394 3.13 20.27 2.50
C MET A 394 3.73 18.94 2.93
N LEU A 395 5.05 18.92 3.06
CA LEU A 395 5.80 17.72 3.49
C LEU A 395 6.72 18.14 4.63
N ALA A 396 6.20 18.10 5.85
CA ALA A 396 6.97 18.50 7.02
C ALA A 396 6.35 17.86 8.26
N ASP A 397 7.11 17.89 9.35
CA ASP A 397 6.63 17.36 10.62
C ASP A 397 5.59 18.31 11.22
N GLU A 398 4.63 17.72 11.94
CA GLU A 398 3.67 18.53 12.68
C GLU A 398 4.29 19.15 13.93
N SER A 399 5.26 18.47 14.53
CA SER A 399 5.96 19.01 15.69
C SER A 399 7.08 19.96 15.32
N ASP A 400 7.44 20.04 14.04
CA ASP A 400 8.45 20.99 13.59
C ASP A 400 7.84 22.39 13.55
N HIS A 401 7.95 23.11 14.67
CA HIS A 401 7.25 24.38 14.83
C HIS A 401 7.76 25.48 13.91
N GLU A 402 8.97 25.36 13.37
CA GLU A 402 9.52 26.42 12.52
C GLU A 402 8.90 26.39 11.12
N THR A 403 9.07 25.28 10.41
CA THR A 403 8.54 25.19 9.06
C THR A 403 7.03 25.28 9.04
N LEU A 404 6.36 24.71 10.06
CA LEU A 404 4.91 24.76 10.13
C LEU A 404 4.42 26.20 10.12
N THR A 405 4.97 27.04 11.00
CA THR A 405 4.56 28.44 11.03
C THR A 405 5.02 29.18 9.78
N ALA A 406 6.22 28.87 9.28
CA ALA A 406 6.72 29.54 8.09
C ALA A 406 5.81 29.29 6.88
N ILE A 407 5.12 28.15 6.86
CA ILE A 407 4.20 27.86 5.77
C ILE A 407 2.80 28.38 6.06
N LEU A 408 2.34 28.31 7.30
CA LEU A 408 0.96 28.67 7.62
C LEU A 408 0.78 30.14 7.96
N SER A 409 1.85 30.94 7.99
CA SER A 409 1.68 32.36 8.27
C SER A 409 0.85 33.09 7.22
N PRO A 410 1.07 32.92 5.91
CA PRO A 410 0.24 33.66 4.94
C PRO A 410 -1.24 33.29 5.02
N LEU A 411 -1.56 32.03 5.28
CA LEU A 411 -2.96 31.63 5.38
C LEU A 411 -3.65 32.32 6.55
N ILE A 412 -3.01 32.31 7.73
CA ILE A 412 -3.58 32.97 8.89
C ILE A 412 -3.66 34.47 8.65
N ALA A 413 -2.69 35.03 7.93
CA ALA A 413 -2.72 36.46 7.61
C ALA A 413 -3.94 36.80 6.76
N GLU A 414 -4.15 36.04 5.67
CA GLU A 414 -5.31 36.27 4.81
C GLU A 414 -6.61 36.07 5.57
N ARG A 415 -6.64 35.05 6.45
CA ARG A 415 -7.85 34.79 7.23
C ARG A 415 -8.18 35.96 8.14
N GLU A 416 -7.20 36.43 8.93
CA GLU A 416 -7.43 37.55 9.81
C GLU A 416 -7.74 38.82 9.04
N ALA A 417 -7.22 38.95 7.82
CA ALA A 417 -7.51 40.13 7.00
C ALA A 417 -8.96 40.12 6.53
N MET A 418 -9.41 39.00 5.97
CA MET A 418 -10.76 38.94 5.43
C MET A 418 -11.82 38.72 6.50
N LYS A 419 -11.40 38.60 7.75
CA LYS A 419 -12.36 38.44 8.84
C LYS A 419 -12.99 39.79 9.21
N SER A 420 -12.64 40.85 8.49
CA SER A 420 -13.20 42.17 8.77
C SER A 420 -13.65 42.87 7.50
N SER A 421 -14.14 42.11 6.53
CA SER A 421 -14.56 42.65 5.24
C SER A 421 -15.82 41.91 4.80
N GLU A 422 -16.22 42.12 3.55
CA GLU A 422 -17.38 41.44 2.99
C GLU A 422 -17.14 41.23 1.50
N LEU A 423 -17.59 40.08 1.01
CA LEU A 423 -17.38 39.68 -0.37
C LEU A 423 -18.62 39.94 -1.20
N THR A 424 -18.42 40.42 -2.43
CA THR A 424 -19.50 40.63 -3.39
C THR A 424 -19.12 40.01 -4.72
N LEU A 425 -20.10 39.37 -5.37
CA LEU A 425 -19.89 38.73 -6.67
C LEU A 425 -21.25 38.47 -7.28
N GLU A 426 -21.25 38.28 -8.60
CA GLU A 426 -22.49 38.15 -9.37
C GLU A 426 -22.61 36.74 -9.93
N MET A 427 -23.57 36.00 -9.37
CA MET A 427 -23.91 34.65 -9.80
C MET A 427 -25.40 34.74 -10.15
N GLY A 428 -25.83 34.08 -11.22
CA GLY A 428 -27.21 34.19 -11.63
C GLY A 428 -27.60 35.56 -12.13
N GLY A 429 -26.63 36.38 -12.51
CA GLY A 429 -26.89 37.70 -13.05
C GLY A 429 -27.16 38.77 -12.02
N ILE A 430 -27.00 38.43 -10.73
CA ILE A 430 -27.26 39.37 -9.65
C ILE A 430 -26.05 39.45 -8.74
N PRO A 431 -25.48 40.65 -8.52
CA PRO A 431 -24.38 40.77 -7.55
C PRO A 431 -24.89 40.60 -6.13
N ARG A 432 -24.21 39.75 -5.36
CA ARG A 432 -24.62 39.38 -4.03
C ARG A 432 -23.68 39.99 -2.99
N THR A 433 -23.89 39.62 -1.72
CA THR A 433 -23.09 40.11 -0.61
C THR A 433 -22.89 38.98 0.39
N PHE A 434 -21.64 38.76 0.80
CA PHE A 434 -21.30 37.67 1.69
C PHE A 434 -20.49 38.18 2.88
N LYS A 435 -20.66 37.50 4.01
CA LYS A 435 -19.90 37.77 5.22
C LYS A 435 -19.53 36.43 5.86
N PHE A 436 -18.28 36.30 6.28
CA PHE A 436 -17.76 35.03 6.76
C PHE A 436 -17.61 35.03 8.27
N ILE A 437 -17.90 33.87 8.87
CA ILE A 437 -17.67 33.63 10.29
C ILE A 437 -17.01 32.27 10.40
N PHE A 438 -15.68 32.25 10.51
CA PHE A 438 -14.92 31.02 10.48
C PHE A 438 -14.88 30.35 11.85
N ARG A 439 -14.69 29.03 11.82
CA ARG A 439 -14.59 28.23 13.04
C ARG A 439 -13.54 27.16 12.85
N GLY A 440 -12.59 27.09 13.78
CA GLY A 440 -11.57 26.06 13.73
C GLY A 440 -11.78 24.97 14.77
N THR A 441 -12.27 23.81 14.34
CA THR A 441 -12.56 22.71 15.25
C THR A 441 -11.92 21.39 14.84
N GLY A 442 -11.53 21.21 13.58
CA GLY A 442 -10.97 19.95 13.14
C GLY A 442 -9.52 19.77 13.53
N TYR A 443 -9.19 20.06 14.79
CA TYR A 443 -7.83 19.97 15.30
C TYR A 443 -7.81 18.98 16.45
N ASP A 444 -6.96 17.96 16.35
CA ASP A 444 -6.77 17.05 17.48
C ASP A 444 -6.11 17.79 18.64
N GLU A 445 -6.27 17.22 19.83
CA GLU A 445 -5.77 17.82 21.06
C GLU A 445 -4.30 18.23 21.05
N LYS A 446 -3.48 17.46 20.37
CA LYS A 446 -2.04 17.76 20.31
C LYS A 446 -1.78 19.05 19.54
N LEU A 447 -2.37 19.18 18.36
CA LEU A 447 -2.19 20.40 17.58
C LEU A 447 -2.79 21.60 18.30
N VAL A 448 -3.88 21.39 19.04
CA VAL A 448 -4.47 22.48 19.83
C VAL A 448 -3.48 22.95 20.89
N ARG A 449 -2.87 22.01 21.61
CA ARG A 449 -1.85 22.37 22.58
C ARG A 449 -0.69 23.11 21.92
N GLU A 450 -0.33 22.69 20.71
CA GLU A 450 0.83 23.28 20.04
C GLU A 450 0.55 24.73 19.60
N VAL A 451 -0.48 24.92 18.78
CA VAL A 451 -0.67 26.22 18.14
C VAL A 451 -1.17 27.26 19.14
N GLU A 452 -1.97 26.84 20.12
CA GLU A 452 -2.55 27.78 21.07
C GLU A 452 -1.56 28.21 22.15
N GLY A 453 -0.37 27.63 22.17
CA GLY A 453 0.65 28.03 23.13
C GLY A 453 0.53 27.32 24.46
N LEU A 454 0.41 26.00 24.42
CA LEU A 454 0.32 25.18 25.61
C LEU A 454 1.39 24.09 25.56
N GLU A 455 1.64 23.48 26.70
CA GLU A 455 2.62 22.41 26.82
C GLU A 455 2.03 21.10 26.32
N ALA A 456 2.71 19.99 26.63
CA ALA A 456 2.25 18.69 26.19
C ALA A 456 0.99 18.28 26.97
N SER A 457 0.43 17.13 26.59
CA SER A 457 -0.81 16.66 27.20
C SER A 457 -0.59 16.05 28.57
N GLY A 458 0.61 15.56 28.86
CA GLY A 458 0.88 14.90 30.12
C GLY A 458 1.12 15.84 31.29
N SER A 459 0.76 17.12 31.12
CA SER A 459 0.98 18.10 32.17
C SER A 459 -0.13 18.04 33.21
N VAL A 460 -0.14 19.02 34.11
CA VAL A 460 -1.16 19.11 35.15
C VAL A 460 -2.35 19.97 34.74
N TYR A 461 -2.17 20.88 33.78
CA TYR A 461 -3.27 21.70 33.26
C TYR A 461 -3.82 20.97 32.04
N ILE A 462 -4.87 20.18 32.25
CA ILE A 462 -5.34 19.23 31.26
C ILE A 462 -6.28 19.86 30.24
N CYS A 463 -7.34 20.52 30.71
CA CYS A 463 -8.38 21.00 29.82
C CYS A 463 -7.94 22.25 29.08
N THR A 464 -8.30 22.33 27.80
CA THR A 464 -8.07 23.51 26.98
C THR A 464 -9.25 24.48 27.03
N LEU A 465 -10.30 24.16 27.78
CA LEU A 465 -11.47 25.03 27.92
C LEU A 465 -11.53 25.64 29.31
N CYS A 466 -11.33 24.84 30.35
CA CYS A 466 -11.17 25.34 31.71
C CYS A 466 -9.73 25.16 32.15
N ASP A 467 -9.34 25.92 33.16
CA ASP A 467 -7.95 25.97 33.62
C ASP A 467 -7.77 25.27 34.96
N THR A 468 -8.45 24.15 35.17
CA THR A 468 -8.29 23.39 36.39
C THR A 468 -7.07 22.48 36.30
N THR A 469 -6.59 22.05 37.46
CA THR A 469 -5.43 21.17 37.53
C THR A 469 -5.87 19.72 37.53
N ARG A 470 -4.89 18.81 37.64
CA ARG A 470 -5.19 17.39 37.61
C ARG A 470 -5.98 16.96 38.84
N LEU A 471 -5.54 17.38 40.03
CA LEU A 471 -6.20 16.95 41.26
C LEU A 471 -7.59 17.55 41.36
N GLU A 472 -7.73 18.84 41.07
CA GLU A 472 -9.04 19.48 41.14
C GLU A 472 -10.00 18.95 40.08
N ALA A 473 -9.47 18.42 38.98
CA ALA A 473 -10.31 17.76 38.00
C ALA A 473 -10.61 16.31 38.36
N SER A 474 -9.80 15.70 39.24
CA SER A 474 -10.09 14.38 39.75
C SER A 474 -10.95 14.41 41.02
N GLN A 475 -11.20 15.59 41.57
CA GLN A 475 -12.06 15.73 42.75
C GLN A 475 -13.47 16.17 42.39
N ASN A 476 -13.60 17.26 41.63
CA ASN A 476 -14.93 17.84 41.39
C ASN A 476 -15.72 17.02 40.38
N LEU A 477 -15.21 16.94 39.14
CA LEU A 477 -15.77 16.19 38.02
C LEU A 477 -17.09 16.74 37.50
N VAL A 478 -17.65 17.80 38.10
CA VAL A 478 -19.00 18.21 37.76
C VAL A 478 -19.06 19.65 37.27
N PHE A 479 -18.71 20.61 38.13
CA PHE A 479 -18.94 22.03 37.88
C PHE A 479 -17.67 22.66 37.32
N HIS A 480 -17.69 22.97 36.03
CA HIS A 480 -16.57 23.64 35.38
C HIS A 480 -17.09 24.46 34.21
N SER A 481 -17.02 25.78 34.33
CA SER A 481 -17.36 26.68 33.22
C SER A 481 -16.14 26.83 32.32
N ILE A 482 -16.20 27.74 31.34
CA ILE A 482 -15.09 27.96 30.41
C ILE A 482 -14.74 29.44 30.43
N THR A 483 -13.48 29.75 30.78
CA THR A 483 -12.91 31.09 30.57
C THR A 483 -11.54 30.90 29.92
N ARG A 484 -11.53 30.75 28.60
CA ARG A 484 -10.29 30.61 27.84
C ARG A 484 -10.46 31.09 26.40
N SER A 485 -10.35 32.39 26.17
CA SER A 485 -10.51 32.95 24.84
C SER A 485 -9.18 32.93 24.10
N HIS A 486 -9.11 33.54 22.92
CA HIS A 486 -7.87 33.61 22.17
C HIS A 486 -7.00 34.78 22.57
N ALA A 487 -7.58 35.95 22.80
CA ALA A 487 -6.81 37.09 23.28
C ALA A 487 -6.30 36.84 24.70
N GLU A 488 -7.04 36.02 25.47
CA GLU A 488 -6.57 35.69 26.80
C GLU A 488 -5.26 34.93 26.76
N ASN A 489 -5.07 34.05 25.77
CA ASN A 489 -3.80 33.36 25.62
C ASN A 489 -2.68 34.34 25.30
N LEU A 490 -2.96 35.36 24.47
CA LEU A 490 -1.96 36.38 24.20
C LEU A 490 -1.59 37.15 25.46
N GLN A 491 -2.59 37.47 26.28
CA GLN A 491 -2.31 38.17 27.54
C GLN A 491 -1.48 37.31 28.47
N ARG A 492 -1.81 36.02 28.52
CA ARG A 492 -1.08 35.07 29.36
C ARG A 492 0.37 35.00 28.92
N TYR A 493 0.60 34.92 27.62
CA TYR A 493 1.96 34.86 27.09
C TYR A 493 2.73 36.15 27.34
N GLU A 494 2.05 37.29 27.23
CA GLU A 494 2.71 38.56 27.51
C GLU A 494 3.10 38.66 28.98
N VAL A 495 2.25 38.15 29.88
CA VAL A 495 2.60 38.13 31.30
C VAL A 495 3.78 37.21 31.55
N TRP A 496 3.78 36.07 30.88
CA TRP A 496 4.86 35.09 31.02
C TRP A 496 6.19 35.60 30.48
N ARG A 497 6.13 36.45 29.46
CA ARG A 497 7.35 37.00 28.87
C ARG A 497 7.87 38.19 29.66
N SER A 498 7.00 39.15 29.99
CA SER A 498 7.45 40.36 30.66
C SER A 498 7.70 40.15 32.14
N ASN A 499 6.90 39.31 32.80
CA ASN A 499 6.98 39.06 34.23
C ASN A 499 6.92 40.38 34.99
N PRO A 500 5.76 41.04 35.03
CA PRO A 500 5.70 42.35 35.70
C PRO A 500 5.79 42.26 37.21
N TYR A 501 5.40 41.13 37.80
CA TYR A 501 5.40 40.97 39.24
C TYR A 501 6.68 40.32 39.77
N HIS A 502 7.67 40.17 38.90
CA HIS A 502 8.96 39.59 39.29
C HIS A 502 8.78 38.39 40.21
N GLU A 503 8.01 37.42 39.75
CA GLU A 503 7.76 36.21 40.53
C GLU A 503 8.79 35.13 40.16
N SER A 504 8.68 33.99 40.84
CA SER A 504 9.57 32.87 40.59
C SER A 504 9.02 32.04 39.43
N VAL A 505 9.58 30.84 39.22
CA VAL A 505 9.12 29.98 38.14
C VAL A 505 7.73 29.43 38.44
N GLU A 506 7.58 28.83 39.63
CA GLU A 506 6.32 28.18 39.96
C GLU A 506 5.19 29.17 40.13
N GLU A 507 5.46 30.31 40.78
CA GLU A 507 4.42 31.32 40.98
C GLU A 507 3.95 31.88 39.64
N LEU A 508 4.88 32.20 38.74
CA LEU A 508 4.50 32.76 37.45
C LEU A 508 3.79 31.72 36.60
N ARG A 509 4.20 30.45 36.71
CA ARG A 509 3.52 29.39 35.97
C ARG A 509 2.09 29.22 36.47
N ASP A 510 1.89 29.29 37.79
CA ASP A 510 0.53 29.22 38.33
C ASP A 510 -0.29 30.43 37.90
N ARG A 511 0.35 31.59 37.79
CA ARG A 511 -0.36 32.79 37.36
C ARG A 511 -0.80 32.69 35.90
N VAL A 512 0.10 32.22 35.02
CA VAL A 512 -0.23 32.12 33.60
C VAL A 512 -1.01 30.86 33.26
N LYS A 513 -1.22 29.96 34.22
CA LYS A 513 -1.95 28.71 34.01
C LYS A 513 -1.31 27.88 32.90
N GLY A 514 0.02 27.91 32.84
CA GLY A 514 0.76 27.06 31.92
C GLY A 514 0.74 27.53 30.48
N VAL A 515 1.31 28.71 30.22
CA VAL A 515 1.45 29.25 28.87
C VAL A 515 2.90 29.63 28.65
N SER A 516 3.54 29.00 27.65
CA SER A 516 4.94 29.27 27.37
C SER A 516 5.21 29.36 25.87
N ALA A 517 4.23 29.83 25.09
CA ALA A 517 4.39 29.97 23.65
C ALA A 517 3.36 30.95 23.09
N LYS A 518 3.80 31.83 22.20
CA LYS A 518 2.92 32.82 21.62
C LYS A 518 1.95 32.15 20.64
N PRO A 519 0.64 32.28 20.85
CA PRO A 519 -0.32 31.67 19.91
C PRO A 519 -0.27 32.34 18.55
N PHE A 520 -0.63 31.57 17.52
CA PHE A 520 -0.65 32.08 16.15
C PHE A 520 -1.86 31.62 15.34
N ILE A 521 -2.76 30.86 15.96
CA ILE A 521 -3.97 30.42 15.30
C ILE A 521 -5.14 30.56 16.28
N GLU A 522 -6.21 31.22 15.85
CA GLU A 522 -7.40 31.39 16.65
C GLU A 522 -8.31 30.19 16.43
N THR A 523 -8.42 29.33 17.44
CA THR A 523 -9.19 28.11 17.36
C THR A 523 -10.44 28.23 18.22
N VAL A 524 -11.43 27.40 17.92
CA VAL A 524 -12.68 27.37 18.69
C VAL A 524 -12.52 26.35 19.82
N PRO A 525 -12.82 26.71 21.06
CA PRO A 525 -12.69 25.76 22.17
C PRO A 525 -13.79 24.71 22.16
N SER A 526 -13.62 23.67 21.34
CA SER A 526 -14.61 22.61 21.22
C SER A 526 -13.93 21.28 21.52
N ILE A 527 -14.66 20.20 21.28
CA ILE A 527 -14.18 18.84 21.58
C ILE A 527 -14.24 18.01 20.30
N ASP A 528 -13.16 17.30 20.02
CA ASP A 528 -13.14 16.36 18.90
C ASP A 528 -13.86 15.08 19.30
N ALA A 529 -14.95 14.77 18.62
CA ALA A 529 -15.78 13.64 19.00
C ALA A 529 -15.07 12.31 18.72
N LEU A 530 -14.36 12.23 17.60
CA LEU A 530 -13.71 10.98 17.21
C LEU A 530 -12.63 10.59 18.21
N HIS A 531 -11.71 11.50 18.50
CA HIS A 531 -10.65 11.20 19.45
C HIS A 531 -11.22 11.00 20.85
N CYS A 532 -12.31 11.68 21.18
CA CYS A 532 -12.97 11.43 22.47
C CYS A 532 -13.49 10.00 22.56
N ASP A 533 -14.14 9.52 21.50
CA ASP A 533 -14.62 8.15 21.47
C ASP A 533 -13.46 7.17 21.58
N ILE A 534 -12.36 7.44 20.86
CA ILE A 534 -11.20 6.56 20.91
C ILE A 534 -10.62 6.51 22.32
N GLY A 535 -10.47 7.67 22.96
CA GLY A 535 -9.91 7.68 24.30
C GLY A 535 -10.80 6.99 25.32
N ASN A 536 -12.11 7.22 25.21
CA ASN A 536 -13.04 6.54 26.11
C ASN A 536 -12.98 5.02 25.91
N ALA A 537 -12.91 4.57 24.66
CA ALA A 537 -12.82 3.14 24.40
C ALA A 537 -11.53 2.56 24.97
N ALA A 538 -10.41 3.26 24.80
CA ALA A 538 -9.15 2.76 25.33
C ALA A 538 -9.17 2.70 26.86
N GLU A 539 -9.73 3.73 27.48
CA GLU A 539 -9.80 3.74 28.93
C GLU A 539 -10.66 2.59 29.42
N PHE A 540 -11.81 2.39 28.78
CA PHE A 540 -12.70 1.32 29.18
C PHE A 540 -11.96 0.00 29.06
N TYR A 541 -11.29 -0.19 27.93
CA TYR A 541 -10.55 -1.42 27.70
C TYR A 541 -9.54 -1.67 28.82
N LYS A 542 -8.85 -0.61 29.24
CA LYS A 542 -7.93 -0.73 30.37
C LYS A 542 -8.68 -1.08 31.66
N ILE A 543 -9.87 -0.50 31.85
CA ILE A 543 -10.68 -0.83 33.02
C ILE A 543 -11.10 -2.29 32.99
N PHE A 544 -11.45 -2.81 31.81
CA PHE A 544 -11.76 -4.23 31.70
C PHE A 544 -10.56 -5.09 32.07
N GLN A 545 -9.39 -4.73 31.56
CA GLN A 545 -8.16 -5.43 31.92
C GLN A 545 -7.97 -5.45 33.44
N LEU A 546 -8.18 -4.30 34.09
CA LEU A 546 -7.95 -4.23 35.52
C LEU A 546 -8.99 -5.01 36.31
N GLU A 547 -10.22 -5.00 35.80
CA GLU A 547 -11.33 -5.70 36.43
C GLU A 547 -11.12 -7.21 36.38
N ILE A 548 -10.57 -7.70 35.27
CA ILE A 548 -10.34 -9.14 35.12
C ILE A 548 -9.30 -9.61 36.14
N GLY A 549 -8.25 -8.82 36.34
CA GLY A 549 -7.17 -9.18 37.23
C GLY A 549 -7.43 -8.98 38.70
N GLU A 550 -8.60 -8.46 39.08
CA GLU A 550 -8.96 -8.23 40.48
C GLU A 550 -7.96 -7.31 41.17
N VAL A 551 -7.69 -6.15 40.56
CA VAL A 551 -6.69 -5.23 41.12
C VAL A 551 -7.16 -4.64 42.43
N TYR A 552 -8.47 -4.39 42.57
CA TYR A 552 -9.00 -3.84 43.82
C TYR A 552 -8.79 -4.78 45.00
N LYS A 553 -8.61 -6.08 44.74
CA LYS A 553 -8.32 -7.05 45.78
C LYS A 553 -6.82 -7.25 46.00
N HIS A 554 -6.01 -7.10 44.97
CA HIS A 554 -4.56 -7.25 45.06
C HIS A 554 -3.91 -6.06 44.39
N PRO A 555 -3.51 -5.05 45.18
CA PRO A 555 -2.93 -3.83 44.58
C PRO A 555 -1.57 -4.05 43.95
N ASN A 556 -1.04 -5.26 44.02
CA ASN A 556 0.26 -5.60 43.45
C ASN A 556 0.08 -6.60 42.33
N ALA A 557 0.84 -6.41 41.26
CA ALA A 557 0.76 -7.28 40.09
C ALA A 557 2.01 -7.08 39.24
N SER A 558 2.56 -8.19 38.75
CA SER A 558 3.72 -8.12 37.88
C SER A 558 3.31 -7.85 36.44
N LYS A 559 4.30 -7.55 35.61
CA LYS A 559 4.05 -7.27 34.21
C LYS A 559 3.54 -8.52 33.51
N GLU A 560 4.08 -9.67 33.86
CA GLU A 560 3.67 -10.92 33.22
C GLU A 560 2.20 -11.21 33.50
N GLU A 561 1.73 -10.89 34.71
CA GLU A 561 0.32 -11.00 35.01
C GLU A 561 -0.51 -10.10 34.10
N ARG A 562 -0.02 -8.88 33.86
CA ARG A 562 -0.72 -7.97 32.95
C ARG A 562 -0.77 -8.53 31.54
N LYS A 563 0.33 -9.12 31.11
CA LYS A 563 0.42 -9.72 29.79
C LYS A 563 -0.60 -10.83 29.65
N ARG A 564 -0.67 -11.71 30.65
CA ARG A 564 -1.59 -12.83 30.61
C ARG A 564 -3.04 -12.37 30.67
N TRP A 565 -3.32 -11.35 31.47
CA TRP A 565 -4.68 -10.80 31.55
C TRP A 565 -5.11 -10.24 30.21
N GLN A 566 -4.23 -9.46 29.58
CA GLN A 566 -4.55 -8.88 28.27
C GLN A 566 -4.74 -9.97 27.22
N ALA A 567 -3.90 -11.01 27.26
CA ALA A 567 -4.04 -12.10 26.29
C ALA A 567 -5.35 -12.84 26.49
N THR A 568 -5.74 -13.08 27.75
CA THR A 568 -7.00 -13.75 28.03
C THR A 568 -8.18 -12.93 27.54
N LEU A 569 -8.16 -11.61 27.81
CA LEU A 569 -9.23 -10.75 27.33
C LEU A 569 -9.30 -10.73 25.82
N ASP A 570 -8.14 -10.66 25.15
CA ASP A 570 -8.13 -10.65 23.69
C ASP A 570 -8.69 -11.95 23.12
N LYS A 571 -8.28 -13.09 23.68
CA LYS A 571 -8.77 -14.37 23.20
C LYS A 571 -10.27 -14.50 23.43
N HIS A 572 -10.77 -14.02 24.58
CA HIS A 572 -12.20 -14.11 24.84
C HIS A 572 -12.98 -13.21 23.89
N LEU A 573 -12.50 -11.99 23.65
CA LEU A 573 -13.18 -11.11 22.70
C LEU A 573 -13.11 -11.67 21.28
N ARG A 574 -12.08 -12.45 20.98
CA ARG A 574 -12.00 -13.06 19.65
C ARG A 574 -12.96 -14.22 19.51
N LYS A 575 -13.15 -14.99 20.58
CA LYS A 575 -14.01 -16.16 20.53
C LYS A 575 -15.49 -15.83 20.77
N ARG A 576 -15.77 -14.64 21.26
CA ARG A 576 -17.14 -14.28 21.60
C ARG A 576 -17.63 -13.00 20.94
N MET A 577 -16.74 -12.22 20.31
CA MET A 577 -17.18 -10.97 19.69
C MET A 577 -16.64 -10.78 18.28
N ASN A 578 -15.94 -11.79 17.72
CA ASN A 578 -15.48 -11.74 16.34
C ASN A 578 -14.52 -10.57 16.10
N LEU A 579 -13.65 -10.31 17.08
CA LEU A 579 -12.69 -9.23 17.01
C LEU A 579 -11.28 -9.79 17.06
N LYS A 580 -10.31 -8.97 16.67
CA LYS A 580 -8.91 -9.37 16.67
C LYS A 580 -8.08 -8.41 17.50
N PRO A 581 -6.94 -8.88 18.01
CA PRO A 581 -6.07 -7.98 18.77
C PRO A 581 -5.47 -6.91 17.88
N ILE A 582 -5.48 -5.67 18.39
CA ILE A 582 -4.95 -4.53 17.66
C ILE A 582 -3.99 -3.75 18.56
N MET A 583 -2.99 -3.13 17.94
CA MET A 583 -1.99 -2.39 18.71
C MET A 583 -2.58 -1.08 19.23
N ARG A 584 -3.01 -0.21 18.33
CA ARG A 584 -3.60 1.07 18.70
C ARG A 584 -5.12 0.99 18.60
N MET A 585 -5.80 1.73 19.47
CA MET A 585 -7.25 1.73 19.49
C MET A 585 -7.80 2.25 18.16
N ASN A 586 -8.65 1.44 17.53
CA ASN A 586 -9.18 1.76 16.21
C ASN A 586 -10.47 2.57 16.38
N GLY A 587 -11.17 2.81 15.28
CA GLY A 587 -12.42 3.54 15.32
C GLY A 587 -13.61 2.60 15.30
N ASN A 588 -13.59 1.64 14.38
CA ASN A 588 -14.66 0.63 14.33
C ASN A 588 -14.61 -0.28 15.54
N PHE A 589 -13.40 -0.64 15.99
CA PHE A 589 -13.27 -1.42 17.22
C PHE A 589 -13.89 -0.70 18.41
N ALA A 590 -13.80 0.63 18.43
CA ALA A 590 -14.42 1.40 19.51
C ALA A 590 -15.93 1.28 19.47
N ARG A 591 -16.52 1.60 18.33
CA ARG A 591 -17.97 1.54 18.18
C ARG A 591 -18.54 0.15 18.43
N LYS A 592 -17.81 -0.89 18.04
CA LYS A 592 -18.28 -2.25 18.21
C LYS A 592 -18.01 -2.80 19.60
N LEU A 593 -17.00 -2.27 20.30
CA LEU A 593 -16.71 -2.72 21.65
C LEU A 593 -17.71 -2.20 22.67
N MET A 594 -18.46 -1.16 22.35
CA MET A 594 -19.34 -0.50 23.32
C MET A 594 -20.77 -1.02 23.21
N THR A 595 -20.95 -2.28 23.60
CA THR A 595 -22.26 -2.92 23.57
C THR A 595 -22.51 -3.66 24.87
N GLN A 596 -23.80 -3.93 25.14
CA GLN A 596 -24.16 -4.68 26.34
C GLN A 596 -23.64 -6.11 26.27
N GLU A 597 -23.65 -6.72 25.07
CA GLU A 597 -23.13 -8.08 24.93
C GLU A 597 -21.64 -8.14 25.22
N THR A 598 -20.91 -7.05 24.95
CA THR A 598 -19.51 -7.00 25.34
C THR A 598 -19.36 -7.02 26.85
N VAL A 599 -20.19 -6.26 27.56
CA VAL A 599 -20.18 -6.29 29.02
C VAL A 599 -20.49 -7.69 29.52
N ASP A 600 -21.44 -8.36 28.86
CA ASP A 600 -21.78 -9.73 29.26
C ASP A 600 -20.58 -10.66 29.07
N ALA A 601 -19.93 -10.59 27.90
CA ALA A 601 -18.78 -11.44 27.63
C ALA A 601 -17.65 -11.17 28.62
N VAL A 602 -17.46 -9.92 29.00
CA VAL A 602 -16.42 -9.61 29.99
C VAL A 602 -16.81 -10.14 31.37
N CYS A 603 -18.08 -10.02 31.74
CA CYS A 603 -18.55 -10.55 33.02
C CYS A 603 -18.50 -12.06 33.07
N GLU A 604 -18.46 -12.73 31.91
CA GLU A 604 -18.30 -14.18 31.90
C GLU A 604 -16.97 -14.62 32.48
N LEU A 605 -16.04 -13.71 32.75
CA LEU A 605 -14.76 -14.04 33.33
C LEU A 605 -14.59 -13.58 34.78
N ILE A 606 -15.35 -12.59 35.21
CA ILE A 606 -15.21 -12.07 36.57
C ILE A 606 -15.90 -13.02 37.54
N PRO A 607 -15.22 -13.49 38.58
CA PRO A 607 -15.87 -14.42 39.52
C PRO A 607 -16.85 -13.72 40.45
N SER A 608 -16.62 -12.44 40.71
CA SER A 608 -17.50 -11.68 41.59
C SER A 608 -18.82 -11.36 40.88
N GLU A 609 -19.79 -10.88 41.66
CA GLU A 609 -21.10 -10.54 41.15
C GLU A 609 -21.47 -9.07 41.30
N GLU A 610 -20.89 -8.37 42.28
CA GLU A 610 -21.18 -6.94 42.41
C GLU A 610 -20.45 -6.14 41.34
N ARG A 611 -19.30 -6.65 40.92
CA ARG A 611 -18.54 -6.01 39.86
C ARG A 611 -19.40 -6.02 38.61
N HIS A 612 -20.11 -7.13 38.40
CA HIS A 612 -21.01 -7.25 37.25
C HIS A 612 -22.00 -6.09 37.20
N GLU A 613 -22.74 -5.87 38.29
CA GLU A 613 -23.72 -4.79 38.32
C GLU A 613 -23.04 -3.43 38.19
N ALA A 614 -21.84 -3.28 38.77
CA ALA A 614 -21.11 -2.02 38.63
C ALA A 614 -20.81 -1.72 37.17
N LEU A 615 -20.29 -2.72 36.43
CA LEU A 615 -19.99 -2.52 35.03
C LEU A 615 -21.27 -2.29 34.22
N ARG A 616 -22.35 -2.98 34.58
CA ARG A 616 -23.63 -2.78 33.90
C ARG A 616 -24.07 -1.33 34.02
N GLU A 617 -24.05 -0.79 35.24
CA GLU A 617 -24.47 0.59 35.44
C GLU A 617 -23.52 1.56 34.75
N LEU A 618 -22.22 1.26 34.77
CA LEU A 618 -21.24 2.09 34.10
C LEU A 618 -21.55 2.20 32.60
N MET A 619 -21.71 1.05 31.95
CA MET A 619 -22.00 1.04 30.52
C MET A 619 -23.35 1.65 30.22
N ASP A 620 -24.34 1.47 31.11
CA ASP A 620 -25.65 2.08 30.88
C ASP A 620 -25.56 3.60 30.92
N LEU A 621 -24.83 4.15 31.90
CA LEU A 621 -24.65 5.59 31.96
C LEU A 621 -23.91 6.11 30.74
N TYR A 622 -22.88 5.36 30.30
CA TYR A 622 -22.11 5.83 29.14
C TYR A 622 -22.95 5.79 27.87
N LEU A 623 -23.82 4.78 27.73
CA LEU A 623 -24.68 4.72 26.56
C LEU A 623 -25.78 5.75 26.62
N LYS A 624 -26.09 6.22 27.83
CA LYS A 624 -27.10 7.26 28.02
C LYS A 624 -26.49 8.62 27.72
N MET A 625 -25.17 8.75 27.90
CA MET A 625 -24.47 10.00 27.64
C MET A 625 -23.92 10.11 26.23
N LYS A 626 -23.76 9.00 25.54
CA LYS A 626 -23.19 8.98 24.19
C LYS A 626 -23.90 9.77 23.09
N PRO A 627 -25.23 9.63 22.98
CA PRO A 627 -25.94 10.30 21.87
C PRO A 627 -25.97 11.82 21.98
N VAL A 628 -25.58 12.39 23.12
CA VAL A 628 -25.59 13.84 23.27
C VAL A 628 -24.51 14.48 22.40
N TRP A 629 -23.31 13.92 22.47
CA TRP A 629 -22.17 14.45 21.73
C TRP A 629 -21.80 13.64 20.50
N ARG A 630 -22.80 13.07 19.83
CA ARG A 630 -22.57 12.33 18.60
C ARG A 630 -23.58 12.60 17.51
N SER A 631 -24.70 13.25 17.81
CA SER A 631 -25.76 13.47 16.84
C SER A 631 -25.58 14.82 16.15
N SER A 632 -26.12 14.91 14.93
CA SER A 632 -26.05 16.17 14.19
C SER A 632 -26.92 17.25 14.80
N CYS A 633 -27.95 16.88 15.55
CA CYS A 633 -28.81 17.83 16.23
C CYS A 633 -29.48 17.16 17.42
N PRO A 634 -28.88 17.25 18.62
CA PRO A 634 -29.47 16.55 19.77
C PRO A 634 -30.80 17.14 20.22
N ALA A 635 -30.99 18.45 20.05
CA ALA A 635 -32.23 19.09 20.48
C ALA A 635 -33.43 18.71 19.62
N LYS A 636 -33.24 17.96 18.54
CA LYS A 636 -34.34 17.56 17.68
C LYS A 636 -34.38 16.05 17.43
N GLU A 637 -33.40 15.29 17.90
CA GLU A 637 -33.38 13.85 17.73
C GLU A 637 -33.52 13.09 19.04
N CYS A 638 -32.71 13.44 20.04
CA CYS A 638 -32.75 12.79 21.35
C CYS A 638 -32.79 13.84 22.47
N PRO A 639 -33.90 14.55 22.61
CA PRO A 639 -33.98 15.59 23.65
C PRO A 639 -34.00 15.04 25.05
N GLU A 640 -34.45 13.79 25.24
CA GLU A 640 -34.48 13.20 26.57
C GLU A 640 -33.07 13.02 27.11
N SER A 641 -32.14 12.55 26.27
CA SER A 641 -30.76 12.38 26.69
C SER A 641 -30.13 13.72 27.04
N LEU A 642 -30.46 14.76 26.26
CA LEU A 642 -29.90 16.08 26.53
C LEU A 642 -30.43 16.65 27.84
N CYS A 643 -31.74 16.52 28.07
CA CYS A 643 -32.32 17.04 29.30
C CYS A 643 -31.85 16.26 30.52
N GLN A 644 -31.60 14.97 30.37
CA GLN A 644 -31.15 14.12 31.47
C GLN A 644 -29.64 13.87 31.43
N TYR A 645 -28.86 14.79 30.85
CA TYR A 645 -27.43 14.57 30.73
C TYR A 645 -26.70 14.91 32.02
N SER A 646 -27.13 15.96 32.71
CA SER A 646 -26.41 16.41 33.90
C SER A 646 -26.49 15.38 35.01
N PHE A 647 -27.68 14.84 35.24
CA PHE A 647 -27.88 13.84 36.27
C PHE A 647 -27.05 12.60 35.98
N ASN A 648 -27.10 12.15 34.73
CA ASN A 648 -26.35 10.96 34.32
C ASN A 648 -24.85 11.18 34.50
N SER A 649 -24.36 12.37 34.15
CA SER A 649 -22.94 12.66 34.31
C SER A 649 -22.55 12.69 35.78
N GLN A 650 -23.41 13.26 36.63
CA GLN A 650 -23.12 13.29 38.06
C GLN A 650 -23.09 11.88 38.64
N ARG A 651 -24.02 11.03 38.23
CA ARG A 651 -24.02 9.65 38.73
C ARG A 651 -22.80 8.89 38.21
N PHE A 652 -22.39 9.16 36.97
CA PHE A 652 -21.18 8.57 36.42
C PHE A 652 -19.95 8.95 37.24
N ALA A 653 -19.82 10.25 37.56
CA ALA A 653 -18.70 10.71 38.36
C ALA A 653 -18.74 10.10 39.76
N GLU A 654 -19.93 10.03 40.36
CA GLU A 654 -20.05 9.43 41.69
C GLU A 654 -19.64 7.96 41.66
N LEU A 655 -20.07 7.22 40.63
CA LEU A 655 -19.67 5.83 40.47
C LEU A 655 -18.15 5.70 40.39
N LEU A 656 -17.53 6.51 39.52
CA LEU A 656 -16.08 6.48 39.38
C LEU A 656 -15.38 6.76 40.71
N SER A 657 -15.88 7.75 41.45
CA SER A 657 -15.23 8.15 42.69
C SER A 657 -15.38 7.09 43.77
N THR A 658 -16.56 6.45 43.84
CA THR A 658 -16.82 5.51 44.92
C THR A 658 -16.25 4.13 44.63
N LYS A 659 -16.72 3.48 43.56
CA LYS A 659 -16.40 2.08 43.32
C LYS A 659 -15.33 1.87 42.27
N PHE A 660 -14.50 2.88 42.01
CA PHE A 660 -13.33 2.74 41.15
C PHE A 660 -12.14 3.48 41.74
N LYS A 661 -11.95 3.36 43.06
CA LYS A 661 -10.89 4.10 43.73
C LYS A 661 -9.51 3.58 43.36
N TYR A 662 -9.41 2.31 42.97
CA TYR A 662 -8.10 1.72 42.69
C TYR A 662 -7.40 2.35 41.50
N ARG A 663 -8.14 3.06 40.64
CA ARG A 663 -7.54 3.68 39.47
C ARG A 663 -7.70 5.20 39.46
N TYR A 664 -8.88 5.70 39.76
CA TYR A 664 -9.19 7.13 39.63
C TYR A 664 -9.05 7.89 40.94
N GLU A 665 -8.09 7.51 41.77
CA GLU A 665 -7.83 8.19 43.04
C GLU A 665 -6.74 9.24 42.80
N GLY A 666 -7.16 10.46 42.50
CA GLY A 666 -6.26 11.57 42.34
C GLY A 666 -5.80 11.84 40.92
N LYS A 667 -6.34 11.15 39.93
CA LYS A 667 -5.95 11.39 38.55
C LYS A 667 -7.14 11.13 37.63
N ILE A 668 -7.16 11.84 36.51
CA ILE A 668 -8.21 11.69 35.51
C ILE A 668 -7.67 12.18 34.16
N THR A 669 -8.08 11.53 33.07
CA THR A 669 -7.57 11.89 31.76
C THR A 669 -8.26 13.14 31.25
N ASN A 670 -7.97 13.46 29.98
CA ASN A 670 -8.51 14.68 29.37
C ASN A 670 -9.98 14.50 29.01
N TYR A 671 -10.31 13.41 28.32
CA TYR A 671 -11.62 13.28 27.72
C TYR A 671 -12.72 12.98 28.74
N PHE A 672 -12.39 12.31 29.85
CA PHE A 672 -13.40 12.18 30.90
C PHE A 672 -13.79 13.56 31.45
N HIS A 673 -12.80 14.43 31.68
CA HIS A 673 -13.10 15.78 32.12
C HIS A 673 -13.91 16.53 31.07
N LYS A 674 -13.54 16.40 29.80
CA LYS A 674 -14.27 17.08 28.73
C LYS A 674 -15.71 16.61 28.67
N THR A 675 -15.93 15.30 28.85
CA THR A 675 -17.29 14.75 28.75
C THR A 675 -18.12 15.10 29.97
N LEU A 676 -17.53 15.13 31.15
CA LEU A 676 -18.27 15.33 32.39
C LEU A 676 -18.31 16.79 32.83
N ALA A 677 -17.67 17.70 32.09
CA ALA A 677 -17.58 19.08 32.53
C ALA A 677 -18.24 20.07 31.57
N HIS A 678 -17.96 19.97 30.27
CA HIS A 678 -18.25 21.06 29.35
C HIS A 678 -19.20 20.68 28.23
N VAL A 679 -19.73 19.46 28.21
CA VAL A 679 -20.62 19.06 27.11
C VAL A 679 -21.91 19.87 27.07
N PRO A 680 -22.65 20.04 28.17
CA PRO A 680 -23.90 20.81 28.07
C PRO A 680 -23.68 22.24 27.62
N GLU A 681 -22.61 22.89 28.09
CA GLU A 681 -22.35 24.26 27.71
C GLU A 681 -22.05 24.39 26.23
N ILE A 682 -21.24 23.47 25.70
CA ILE A 682 -20.93 23.50 24.27
C ILE A 682 -22.17 23.22 23.44
N ILE A 683 -23.01 22.29 23.90
CA ILE A 683 -24.24 21.98 23.16
C ILE A 683 -25.16 23.20 23.14
N GLU A 684 -25.30 23.88 24.28
CA GLU A 684 -26.22 25.01 24.34
C GLU A 684 -25.63 26.26 23.68
N ARG A 685 -24.31 26.32 23.49
CA ARG A 685 -23.70 27.49 22.85
C ARG A 685 -23.57 27.31 21.34
N ASP A 686 -22.85 26.29 20.91
CA ASP A 686 -22.58 26.08 19.48
C ASP A 686 -23.70 25.34 18.76
N GLY A 687 -24.52 24.58 19.47
CA GLY A 687 -25.66 23.94 18.86
C GLY A 687 -25.57 22.43 18.73
N SER A 688 -24.40 21.92 18.36
CA SER A 688 -24.28 20.49 18.13
C SER A 688 -22.80 20.10 18.12
N ILE A 689 -22.52 18.87 18.56
CA ILE A 689 -21.20 18.27 18.48
C ILE A 689 -21.31 17.02 17.62
N GLY A 690 -20.32 16.82 16.77
CA GLY A 690 -20.30 15.73 15.80
C GLY A 690 -20.31 16.23 14.37
N ALA A 691 -21.05 17.31 14.11
CA ALA A 691 -20.98 18.01 12.84
C ALA A 691 -19.78 18.93 12.75
N TRP A 692 -18.92 18.94 13.77
CA TRP A 692 -17.74 19.78 13.77
C TRP A 692 -16.47 18.98 14.08
N ALA A 693 -16.49 17.67 13.89
CA ALA A 693 -15.36 16.83 14.20
C ALA A 693 -14.30 16.91 13.10
N SER A 694 -13.16 16.29 13.36
CA SER A 694 -12.04 16.26 12.44
C SER A 694 -12.00 15.00 11.59
N GLU A 695 -13.10 14.23 11.58
CA GLU A 695 -13.09 12.94 10.89
C GLU A 695 -13.14 13.11 9.38
N GLY A 696 -13.64 14.25 8.90
CA GLY A 696 -13.65 14.50 7.46
C GLY A 696 -12.25 14.60 6.90
N ASN A 697 -11.35 15.29 7.61
CA ASN A 697 -9.96 15.38 7.18
C ASN A 697 -9.31 14.00 7.18
N GLN A 698 -9.66 13.15 8.15
CA GLN A 698 -9.08 11.81 8.19
C GLN A 698 -9.60 10.97 7.03
N SER A 699 -10.88 11.10 6.68
CA SER A 699 -11.39 10.43 5.50
C SER A 699 -10.70 10.93 4.24
N GLY A 700 -10.40 12.24 4.19
CA GLY A 700 -9.71 12.78 3.03
C GLY A 700 -8.26 12.36 2.95
N ASN A 701 -7.67 11.97 4.08
CA ASN A 701 -6.29 11.46 4.05
C ASN A 701 -6.18 10.22 3.17
N LYS A 702 -7.22 9.41 3.18
CA LYS A 702 -7.23 8.21 2.36
C LYS A 702 -7.17 8.64 0.90
N LEU A 703 -8.03 9.57 0.52
CA LEU A 703 -8.06 10.07 -0.85
C LEU A 703 -6.72 10.67 -1.24
N PHE A 704 -6.08 11.39 -0.30
CA PHE A 704 -4.76 11.95 -0.57
C PHE A 704 -3.75 10.85 -0.88
N ARG A 705 -3.74 9.80 -0.07
CA ARG A 705 -2.84 8.67 -0.30
C ARG A 705 -3.08 8.06 -1.67
N ARG A 706 -4.35 7.77 -1.98
CA ARG A 706 -4.67 7.09 -3.24
C ARG A 706 -4.31 7.97 -4.43
N PHE A 707 -4.53 9.29 -4.30
CA PHE A 707 -4.25 10.19 -5.41
C PHE A 707 -2.75 10.33 -5.63
N ARG A 708 -1.99 10.43 -4.55
CA ARG A 708 -0.55 10.54 -4.65
C ARG A 708 0.06 9.26 -5.19
N LYS A 709 -0.59 8.12 -4.92
CA LYS A 709 -0.06 6.85 -5.39
C LYS A 709 -0.46 6.55 -6.84
N MET A 710 -1.61 7.05 -7.29
CA MET A 710 -2.14 6.61 -8.58
C MET A 710 -2.63 7.73 -9.50
N ASN A 711 -2.65 8.99 -9.05
CA ASN A 711 -3.23 10.05 -9.86
C ASN A 711 -2.36 11.30 -9.83
N ALA A 712 -1.05 11.14 -10.00
CA ALA A 712 -0.15 12.28 -9.99
C ALA A 712 1.11 11.94 -10.78
N ARG A 713 1.86 12.99 -11.12
CA ARG A 713 3.15 12.81 -11.77
C ARG A 713 4.14 12.24 -10.77
N GLN A 714 4.79 11.13 -11.12
CA GLN A 714 5.74 10.50 -10.22
C GLN A 714 7.06 11.24 -10.23
N SER A 715 7.04 12.50 -9.79
CA SER A 715 8.23 13.33 -9.72
C SER A 715 8.24 14.07 -8.39
N LYS A 716 9.43 14.36 -7.88
CA LYS A 716 9.55 14.99 -6.57
C LYS A 716 9.04 16.43 -6.57
N CYS A 717 9.15 17.14 -7.69
CA CYS A 717 8.76 18.54 -7.77
C CYS A 717 7.51 18.76 -8.61
N TYR A 718 6.69 17.72 -8.80
CA TYR A 718 5.45 17.85 -9.56
C TYR A 718 4.24 17.18 -8.94
N GLU A 719 4.40 16.40 -7.87
CA GLU A 719 3.28 15.61 -7.36
C GLU A 719 2.30 16.47 -6.55
N MET A 720 2.81 17.47 -5.84
CA MET A 720 1.96 18.23 -4.92
C MET A 720 0.85 18.96 -5.67
N GLU A 721 1.21 19.70 -6.73
CA GLU A 721 0.21 20.47 -7.46
C GLU A 721 -0.80 19.56 -8.13
N ASP A 722 -0.35 18.41 -8.66
CA ASP A 722 -1.27 17.49 -9.31
C ASP A 722 -2.26 16.90 -8.32
N VAL A 723 -1.77 16.45 -7.16
CA VAL A 723 -2.66 15.90 -6.14
C VAL A 723 -3.63 16.97 -5.66
N LEU A 724 -3.14 18.19 -5.48
CA LEU A 724 -4.01 19.27 -5.00
C LEU A 724 -5.12 19.55 -6.01
N LYS A 725 -4.76 19.67 -7.29
CA LYS A 725 -5.75 19.93 -8.32
C LYS A 725 -6.77 18.80 -8.41
N HIS A 726 -6.30 17.55 -8.36
CA HIS A 726 -7.21 16.42 -8.48
C HIS A 726 -8.16 16.32 -7.30
N HIS A 727 -7.64 16.55 -6.08
CA HIS A 727 -8.50 16.48 -4.90
C HIS A 727 -9.45 17.67 -4.83
N TRP A 728 -9.06 18.80 -5.44
CA TRP A 728 -9.99 19.92 -5.55
C TRP A 728 -11.12 19.59 -6.52
N LEU A 729 -10.78 19.01 -7.67
CA LEU A 729 -11.80 18.64 -8.64
C LEU A 729 -12.72 17.54 -8.11
N TYR A 730 -12.20 16.65 -7.26
CA TYR A 730 -13.03 15.57 -6.73
C TYR A 730 -14.09 16.07 -5.76
N THR A 731 -13.90 17.25 -5.17
CA THR A 731 -14.84 17.75 -4.18
C THR A 731 -15.65 18.91 -4.73
N SER A 732 -16.04 18.82 -6.00
CA SER A 732 -16.85 19.85 -6.66
C SER A 732 -18.27 19.31 -6.80
N LYS A 733 -19.22 19.92 -6.10
CA LYS A 733 -20.60 19.49 -6.16
C LYS A 733 -21.19 19.64 -7.56
N TYR A 734 -20.57 20.46 -8.41
CA TYR A 734 -21.05 20.63 -9.78
C TYR A 734 -21.04 19.30 -10.53
N LEU A 735 -20.01 18.47 -10.31
CA LEU A 735 -19.95 17.17 -10.96
C LEU A 735 -20.79 16.14 -10.22
N GLN A 736 -20.89 16.30 -8.91
CA GLN A 736 -21.67 15.38 -8.08
C GLN A 736 -23.13 15.37 -8.50
N LYS A 737 -23.56 16.42 -9.18
CA LYS A 737 -24.94 16.54 -9.63
C LYS A 737 -25.15 15.77 -10.93
N PHE A 738 -24.09 15.59 -11.70
CA PHE A 738 -24.17 14.87 -12.96
C PHE A 738 -24.21 13.37 -12.72
N MET A 739 -23.65 12.95 -11.60
CA MET A 739 -23.58 11.55 -11.24
C MET A 739 -24.88 11.06 -10.61
N ASN A 740 -25.71 12.01 -10.19
CA ASN A 740 -26.99 11.71 -9.56
C ASN A 740 -28.14 11.93 -10.52
N ALA A 741 -27.87 11.81 -11.81
CA ALA A 741 -28.89 12.00 -12.84
C ALA A 741 -29.95 10.92 -12.75
N HIS A 742 -29.54 9.70 -12.42
CA HIS A 742 -30.46 8.57 -12.31
C HIS A 742 -31.61 8.90 -11.36
N ASN A 743 -31.36 9.83 -10.45
CA ASN A 743 -32.37 10.24 -9.47
C ASN A 743 -33.13 11.48 -9.97
N ALA A 744 -33.77 11.31 -11.12
CA ALA A 744 -34.52 12.41 -11.74
C ALA A 744 -35.69 11.86 -12.56
N PRO B 128 -61.77 9.20 -36.38
CA PRO B 128 -61.02 9.95 -37.40
C PRO B 128 -59.56 9.51 -37.49
N ARG B 129 -59.12 9.18 -38.70
CA ARG B 129 -57.75 8.74 -38.92
C ARG B 129 -56.82 9.95 -38.99
N GLN B 130 -55.67 9.84 -38.31
CA GLN B 130 -54.69 10.91 -38.28
C GLN B 130 -53.39 10.52 -38.98
N HIS B 131 -52.74 9.45 -38.52
CA HIS B 131 -51.49 8.96 -39.10
C HIS B 131 -51.11 7.65 -38.44
N LEU B 132 -50.26 6.86 -39.09
CA LEU B 132 -49.91 5.54 -38.57
C LEU B 132 -49.10 5.65 -37.28
N LEU B 133 -47.94 6.31 -37.35
CA LEU B 133 -47.05 6.38 -36.19
C LEU B 133 -47.57 7.27 -35.07
N SER B 134 -48.69 7.96 -35.28
CA SER B 134 -49.27 8.78 -34.22
C SER B 134 -49.98 7.96 -33.16
N LEU B 135 -50.33 6.71 -33.46
CA LEU B 135 -50.99 5.84 -32.52
C LEU B 135 -50.02 5.33 -31.47
N THR B 136 -50.56 4.70 -30.43
CA THR B 136 -49.74 4.05 -29.42
C THR B 136 -49.41 2.63 -29.86
N ARG B 137 -48.64 1.92 -29.02
CA ARG B 137 -48.19 0.58 -29.38
C ARG B 137 -49.35 -0.39 -29.49
N ARG B 138 -50.24 -0.39 -28.50
CA ARG B 138 -51.38 -1.30 -28.53
C ARG B 138 -52.32 -0.96 -29.69
N ALA B 139 -52.52 0.33 -29.96
CA ALA B 139 -53.39 0.72 -31.05
C ALA B 139 -52.79 0.34 -32.41
N GLN B 140 -51.47 0.53 -32.57
CA GLN B 140 -50.82 0.10 -33.80
C GLN B 140 -50.90 -1.41 -33.96
N LYS B 141 -50.78 -2.17 -32.86
CA LYS B 141 -50.93 -3.62 -32.95
C LYS B 141 -52.35 -3.99 -33.35
N HIS B 142 -53.35 -3.31 -32.79
CA HIS B 142 -54.74 -3.57 -33.18
C HIS B 142 -54.96 -3.28 -34.66
N ARG B 143 -54.31 -2.23 -35.16
CA ARG B 143 -54.44 -1.83 -36.56
C ARG B 143 -53.69 -2.70 -37.57
N LEU B 144 -52.59 -3.31 -37.13
CA LEU B 144 -51.78 -4.15 -38.02
C LEU B 144 -51.83 -5.63 -37.67
N ARG B 145 -52.77 -6.06 -36.84
CA ARG B 145 -52.89 -7.49 -36.51
C ARG B 145 -53.10 -8.33 -37.76
N GLU B 146 -53.87 -7.82 -38.74
CA GLU B 146 -54.15 -8.61 -39.94
C GLU B 146 -52.88 -8.83 -40.75
N LEU B 147 -52.15 -7.76 -41.04
CA LEU B 147 -50.88 -7.90 -41.74
C LEU B 147 -49.89 -8.73 -40.95
N LYS B 148 -49.92 -8.62 -39.62
CA LYS B 148 -49.04 -9.44 -38.78
C LYS B 148 -49.31 -10.92 -38.99
N ILE B 149 -50.58 -11.32 -38.87
CA ILE B 149 -50.96 -12.72 -39.06
C ILE B 149 -50.58 -13.19 -40.46
N GLN B 150 -50.88 -12.36 -41.47
CA GLN B 150 -50.61 -12.75 -42.85
C GLN B 150 -49.12 -12.96 -43.09
N VAL B 151 -48.29 -12.02 -42.63
CA VAL B 151 -46.85 -12.13 -42.83
C VAL B 151 -46.29 -13.33 -42.08
N LYS B 152 -46.73 -13.53 -40.83
CA LYS B 152 -46.22 -14.65 -40.06
C LYS B 152 -46.59 -15.98 -40.69
N GLU B 153 -47.82 -16.12 -41.18
CA GLU B 153 -48.22 -17.39 -41.78
C GLU B 153 -47.51 -17.61 -43.11
N PHE B 154 -47.43 -16.58 -43.96
CA PHE B 154 -46.75 -16.74 -45.24
C PHE B 154 -45.25 -16.83 -45.09
N ALA B 155 -44.71 -16.54 -43.90
CA ALA B 155 -43.29 -16.73 -43.65
C ALA B 155 -42.98 -18.08 -43.02
N ASP B 156 -43.87 -18.62 -42.18
CA ASP B 156 -43.60 -19.92 -41.60
C ASP B 156 -44.17 -21.08 -42.42
N LYS B 157 -44.90 -20.79 -43.50
CA LYS B 157 -45.26 -21.85 -44.43
C LYS B 157 -44.03 -22.45 -45.10
N GLU B 158 -43.23 -21.61 -45.77
CA GLU B 158 -42.12 -22.09 -46.58
C GLU B 158 -40.77 -21.54 -46.16
N GLU B 159 -40.70 -20.35 -45.59
CA GLU B 159 -39.43 -19.69 -45.28
C GLU B 159 -38.89 -20.08 -43.91
N GLY B 160 -39.24 -21.25 -43.40
CA GLY B 160 -38.72 -21.76 -42.15
C GLY B 160 -39.47 -21.35 -40.90
N GLY B 161 -39.84 -20.08 -40.80
CA GLY B 161 -40.56 -19.57 -39.65
C GLY B 161 -39.88 -18.44 -38.91
N ASP B 162 -38.72 -17.98 -39.36
CA ASP B 162 -38.05 -16.86 -38.71
C ASP B 162 -38.73 -15.56 -39.13
N VAL B 163 -39.63 -15.05 -38.29
CA VAL B 163 -40.40 -13.87 -38.66
C VAL B 163 -39.49 -12.64 -38.72
N LYS B 164 -38.61 -12.48 -37.72
CA LYS B 164 -37.74 -11.30 -37.67
C LYS B 164 -36.84 -11.23 -38.89
N ALA B 165 -36.40 -12.38 -39.40
CA ALA B 165 -35.54 -12.40 -40.57
C ALA B 165 -36.26 -11.80 -41.77
N VAL B 166 -37.45 -12.31 -42.09
CA VAL B 166 -38.22 -11.77 -43.20
C VAL B 166 -38.56 -10.31 -42.97
N CYS B 167 -38.83 -9.94 -41.71
CA CYS B 167 -39.17 -8.55 -41.40
C CYS B 167 -38.03 -7.61 -41.75
N LEU B 168 -36.83 -7.85 -41.22
CA LEU B 168 -35.75 -6.91 -41.50
C LEU B 168 -35.29 -7.01 -42.94
N THR B 169 -35.44 -8.18 -43.57
CA THR B 169 -35.12 -8.28 -44.99
C THR B 169 -36.03 -7.39 -45.84
N LEU B 170 -37.34 -7.49 -45.61
CA LEU B 170 -38.28 -6.64 -46.35
C LEU B 170 -38.06 -5.17 -46.03
N PHE B 171 -37.72 -4.86 -44.78
CA PHE B 171 -37.49 -3.46 -44.43
C PHE B 171 -36.25 -2.92 -45.14
N LEU B 172 -35.17 -3.71 -45.16
CA LEU B 172 -33.96 -3.27 -45.88
C LEU B 172 -34.23 -3.12 -47.36
N LEU B 173 -35.04 -4.01 -47.94
CA LEU B 173 -35.36 -3.89 -49.36
C LEU B 173 -36.16 -2.62 -49.63
N ALA B 174 -37.21 -2.38 -48.84
CA ALA B 174 -38.02 -1.18 -49.01
C ALA B 174 -37.24 0.09 -48.71
N LEU B 175 -36.18 0.00 -47.90
CA LEU B 175 -35.37 1.17 -47.60
C LEU B 175 -34.36 1.44 -48.70
N ARG B 176 -33.77 0.38 -49.27
CA ARG B 176 -32.89 0.53 -50.41
C ARG B 176 -33.63 0.90 -51.68
N ALA B 177 -34.96 0.70 -51.70
CA ALA B 177 -35.75 1.24 -52.80
C ALA B 177 -35.63 2.75 -52.88
N ARG B 178 -35.35 3.37 -51.74
CA ARG B 178 -35.13 4.81 -51.65
C ARG B 178 -33.62 5.09 -51.65
N ASN B 179 -32.87 4.07 -52.05
CA ASN B 179 -31.40 4.08 -52.15
C ASN B 179 -30.72 4.83 -51.01
N GLU B 180 -31.16 4.56 -49.78
CA GLU B 180 -30.55 5.13 -48.58
C GLU B 180 -29.54 4.14 -47.99
N HIS B 181 -28.39 4.05 -48.67
CA HIS B 181 -27.37 3.06 -48.31
C HIS B 181 -26.94 3.21 -46.85
N ARG B 182 -26.86 4.45 -46.38
CA ARG B 182 -26.44 4.75 -45.03
C ARG B 182 -27.33 4.12 -43.97
N GLN B 183 -28.64 4.32 -44.10
CA GLN B 183 -29.59 3.79 -43.14
C GLN B 183 -29.55 2.26 -43.12
N ALA B 184 -29.45 1.64 -44.30
CA ALA B 184 -29.37 0.19 -44.36
C ALA B 184 -28.09 -0.32 -43.71
N ASP B 185 -26.96 0.37 -43.96
CA ASP B 185 -25.71 -0.03 -43.33
C ASP B 185 -25.76 0.12 -41.82
N GLU B 186 -26.39 1.20 -41.34
CA GLU B 186 -26.52 1.39 -39.90
C GLU B 186 -27.42 0.32 -39.27
N LEU B 187 -28.49 -0.06 -39.96
CA LEU B 187 -29.36 -1.12 -39.43
C LEU B 187 -28.63 -2.45 -39.43
N GLU B 188 -27.82 -2.72 -40.45
CA GLU B 188 -27.04 -3.95 -40.48
C GLU B 188 -26.02 -3.96 -39.35
N ALA B 189 -25.43 -2.79 -39.04
CA ALA B 189 -24.48 -2.70 -37.94
C ALA B 189 -25.17 -2.92 -36.60
N ILE B 190 -26.36 -2.36 -36.43
CA ILE B 190 -27.10 -2.54 -35.18
C ILE B 190 -27.49 -4.01 -34.99
N MET B 191 -28.10 -4.60 -36.03
CA MET B 191 -28.59 -5.97 -35.93
C MET B 191 -27.47 -7.01 -35.99
N GLN B 192 -26.24 -6.57 -36.17
CA GLN B 192 -25.10 -7.48 -36.22
C GLN B 192 -24.15 -7.24 -35.06
N GLY B 193 -24.38 -6.14 -34.35
CA GLY B 193 -23.55 -5.78 -33.21
C GLY B 193 -22.15 -5.38 -33.60
N ARG B 194 -22.01 -4.14 -34.08
CA ARG B 194 -20.72 -3.63 -34.52
C ARG B 194 -20.64 -2.11 -34.48
N GLY B 195 -21.68 -1.47 -33.96
CA GLY B 195 -21.70 -0.03 -33.84
C GLY B 195 -22.86 0.49 -33.03
N SER B 196 -22.63 1.55 -32.27
CA SER B 196 -23.64 2.17 -31.40
C SER B 196 -24.27 1.12 -30.48
N GLY B 197 -23.41 0.53 -29.66
CA GLY B 197 -23.81 -0.56 -28.79
C GLY B 197 -22.74 -1.63 -28.74
N LEU B 198 -22.33 -2.03 -27.54
CA LEU B 198 -21.22 -2.94 -27.37
C LEU B 198 -21.72 -4.33 -26.99
N GLN B 199 -21.03 -5.34 -27.51
CA GLN B 199 -21.28 -6.70 -27.04
C GLN B 199 -20.68 -6.87 -25.65
N PRO B 200 -21.23 -7.80 -24.85
CA PRO B 200 -20.80 -7.87 -23.44
C PRO B 200 -19.32 -8.18 -23.25
N ALA B 201 -18.70 -8.90 -24.19
CA ALA B 201 -17.28 -9.23 -24.04
C ALA B 201 -16.42 -7.97 -24.09
N VAL B 202 -16.75 -7.04 -25.00
CA VAL B 202 -15.93 -5.83 -25.14
C VAL B 202 -16.03 -4.97 -23.90
N CYS B 203 -17.25 -4.71 -23.42
CA CYS B 203 -17.39 -3.92 -22.21
C CYS B 203 -16.85 -4.62 -20.98
N LEU B 204 -16.87 -5.96 -20.96
CA LEU B 204 -16.19 -6.68 -19.88
C LEU B 204 -14.69 -6.44 -19.93
N ALA B 205 -14.09 -6.51 -21.11
CA ALA B 205 -12.66 -6.22 -21.25
C ALA B 205 -12.36 -4.79 -20.83
N ILE B 206 -13.26 -3.86 -21.14
CA ILE B 206 -13.06 -2.47 -20.72
C ILE B 206 -13.12 -2.35 -19.20
N ARG B 207 -14.09 -3.04 -18.60
CA ARG B 207 -14.27 -3.01 -17.15
C ARG B 207 -13.14 -3.68 -16.37
N VAL B 208 -12.47 -4.66 -17.00
CA VAL B 208 -11.38 -5.37 -16.34
C VAL B 208 -10.06 -4.65 -16.57
N ASN B 209 -9.69 -4.45 -17.84
CA ASN B 209 -8.38 -3.90 -18.17
C ASN B 209 -8.21 -2.46 -17.72
N THR B 210 -9.27 -1.78 -17.30
CA THR B 210 -9.17 -0.44 -16.76
C THR B 210 -9.32 -0.43 -15.24
N PHE B 211 -9.29 -1.60 -14.62
CA PHE B 211 -9.34 -1.77 -13.16
C PHE B 211 -10.61 -1.19 -12.54
N LEU B 212 -11.70 -1.12 -13.31
CA LEU B 212 -12.96 -0.66 -12.75
C LEU B 212 -13.51 -1.67 -11.75
N SER B 213 -14.16 -1.15 -10.71
CA SER B 213 -14.86 -2.01 -9.76
C SER B 213 -16.24 -2.35 -10.30
N CYS B 214 -17.02 -3.11 -9.53
CA CYS B 214 -18.38 -3.45 -9.94
C CYS B 214 -19.37 -2.36 -9.58
N SER B 215 -19.11 -1.60 -8.52
CA SER B 215 -20.01 -0.49 -8.18
C SER B 215 -19.66 0.76 -8.99
N GLN B 216 -18.38 0.99 -9.25
CA GLN B 216 -17.98 2.17 -10.02
C GLN B 216 -18.43 2.04 -11.47
N TYR B 217 -18.23 0.87 -12.09
CA TYR B 217 -18.78 0.63 -13.41
C TYR B 217 -20.29 0.79 -13.43
N HIS B 218 -20.95 0.35 -12.36
CA HIS B 218 -22.40 0.49 -12.25
C HIS B 218 -22.79 1.96 -12.28
N LYS B 219 -22.15 2.78 -11.44
CA LYS B 219 -22.40 4.22 -11.47
C LYS B 219 -22.16 4.79 -12.85
N MET B 220 -21.08 4.35 -13.49
CA MET B 220 -20.73 4.82 -14.82
C MET B 220 -21.77 4.36 -15.85
N TYR B 221 -22.36 3.20 -15.62
CA TYR B 221 -23.37 2.65 -16.51
C TYR B 221 -24.76 3.19 -16.18
N ARG B 222 -24.90 3.73 -14.97
CA ARG B 222 -26.17 4.29 -14.53
C ARG B 222 -26.31 5.75 -14.92
N THR B 223 -25.17 6.44 -15.03
CA THR B 223 -25.16 7.85 -15.40
C THR B 223 -25.23 8.03 -16.91
N VAL B 224 -24.52 7.17 -17.65
CA VAL B 224 -24.54 7.27 -19.12
C VAL B 224 -25.95 7.03 -19.65
N LYS B 225 -26.62 5.99 -19.15
CA LYS B 225 -27.97 5.69 -19.61
C LYS B 225 -28.96 6.76 -19.17
N ALA B 226 -28.74 7.36 -18.00
CA ALA B 226 -29.65 8.39 -17.52
C ALA B 226 -29.52 9.67 -18.35
N ILE B 227 -28.30 10.03 -18.74
CA ILE B 227 -28.10 11.27 -19.50
C ILE B 227 -28.41 11.06 -20.97
N THR B 228 -27.68 10.14 -21.62
CA THR B 228 -27.85 9.94 -23.05
C THR B 228 -29.22 9.36 -23.38
N GLY B 229 -29.63 8.32 -22.66
CA GLY B 229 -30.86 7.63 -22.95
C GLY B 229 -30.71 6.46 -23.89
N ARG B 230 -29.50 5.97 -24.09
CA ARG B 230 -29.24 4.82 -24.96
C ARG B 230 -28.26 3.90 -24.24
N GLN B 231 -28.56 2.61 -24.24
CA GLN B 231 -27.73 1.63 -23.56
C GLN B 231 -26.39 1.35 -24.22
N ILE B 232 -25.40 2.21 -23.97
CA ILE B 232 -24.07 1.99 -24.54
C ILE B 232 -23.37 0.83 -23.83
N PHE B 233 -23.62 0.63 -22.54
CA PHE B 233 -23.07 -0.47 -21.78
C PHE B 233 -24.21 -1.31 -21.22
N GLN B 234 -23.93 -2.59 -21.03
CA GLN B 234 -24.91 -3.52 -20.50
C GLN B 234 -24.84 -3.59 -18.97
N PRO B 235 -25.94 -3.98 -18.32
CA PRO B 235 -25.93 -4.06 -16.85
C PRO B 235 -24.94 -5.08 -16.30
N LEU B 236 -24.85 -5.14 -14.97
CA LEU B 236 -23.85 -5.98 -14.32
C LEU B 236 -24.14 -7.46 -14.53
N HIS B 237 -25.42 -7.82 -14.60
CA HIS B 237 -25.78 -9.23 -14.74
C HIS B 237 -25.33 -9.79 -16.08
N ALA B 238 -25.33 -8.96 -17.13
CA ALA B 238 -24.85 -9.43 -18.43
C ALA B 238 -23.38 -9.78 -18.37
N LEU B 239 -22.58 -8.95 -17.71
CA LEU B 239 -21.16 -9.25 -17.53
C LEU B 239 -20.97 -10.48 -16.67
N ARG B 240 -21.76 -10.60 -15.60
CA ARG B 240 -21.66 -11.76 -14.73
C ARG B 240 -21.98 -13.05 -15.48
N ASN B 241 -22.93 -12.99 -16.43
CA ASN B 241 -23.24 -14.16 -17.24
C ASN B 241 -22.15 -14.43 -18.25
N ALA B 242 -21.57 -13.38 -18.85
CA ALA B 242 -20.52 -13.56 -19.84
C ALA B 242 -19.23 -14.10 -19.21
N GLU B 243 -19.05 -13.89 -17.91
CA GLU B 243 -17.83 -14.36 -17.25
C GLU B 243 -17.71 -15.89 -17.32
N LYS B 244 -18.83 -16.60 -17.35
CA LYS B 244 -18.80 -18.06 -17.30
C LYS B 244 -18.18 -18.69 -18.54
N VAL B 245 -17.79 -17.92 -19.54
CA VAL B 245 -17.17 -18.49 -20.74
C VAL B 245 -15.65 -18.57 -20.59
N LEU B 246 -15.03 -17.61 -19.91
CA LEU B 246 -13.58 -17.55 -19.80
C LEU B 246 -13.04 -18.35 -18.64
N LEU B 247 -13.79 -18.44 -17.54
CA LEU B 247 -13.36 -19.16 -16.36
C LEU B 247 -13.20 -20.65 -16.67
N PRO B 248 -12.31 -21.36 -15.98
CA PRO B 248 -12.10 -22.78 -16.27
C PRO B 248 -13.34 -23.63 -15.97
N GLY B 249 -13.28 -24.90 -16.33
CA GLY B 249 -14.39 -25.81 -16.09
C GLY B 249 -15.60 -25.50 -16.94
N TYR B 250 -15.38 -25.15 -18.20
CA TYR B 250 -16.47 -24.84 -19.12
C TYR B 250 -16.38 -25.62 -20.42
N HIS B 251 -15.19 -25.88 -20.92
CA HIS B 251 -15.07 -26.56 -22.20
C HIS B 251 -14.79 -28.05 -21.99
N PRO B 252 -15.40 -28.90 -22.82
CA PRO B 252 -15.17 -30.35 -22.70
C PRO B 252 -13.82 -30.75 -23.26
N PHE B 253 -13.28 -31.82 -22.70
CA PHE B 253 -11.98 -32.35 -23.11
C PHE B 253 -11.90 -33.81 -22.67
N GLU B 254 -10.76 -34.44 -22.95
CA GLU B 254 -10.56 -35.84 -22.58
C GLU B 254 -9.10 -36.25 -22.74
N TRP B 255 -8.54 -36.84 -21.70
CA TRP B 255 -7.14 -37.28 -21.77
C TRP B 255 -7.04 -38.64 -22.45
N GLN B 256 -5.92 -38.89 -23.13
CA GLN B 256 -5.70 -40.16 -23.81
C GLN B 256 -5.70 -41.29 -22.80
N PRO B 257 -4.69 -41.32 -21.92
CA PRO B 257 -4.60 -42.31 -20.85
C PRO B 257 -5.25 -41.67 -19.63
N PRO B 258 -6.41 -42.17 -19.21
CA PRO B 258 -7.11 -41.55 -18.09
C PRO B 258 -6.19 -41.10 -16.96
N LEU B 259 -6.42 -39.88 -16.46
CA LEU B 259 -5.62 -39.33 -15.38
C LEU B 259 -5.72 -40.23 -14.15
N LYS B 260 -4.59 -40.42 -13.46
CA LYS B 260 -4.58 -41.28 -12.29
C LYS B 260 -4.96 -40.48 -11.07
N ASN B 261 -5.87 -41.03 -10.25
CA ASN B 261 -6.35 -40.41 -9.03
C ASN B 261 -7.02 -39.06 -9.29
N VAL B 262 -7.48 -38.83 -10.51
CA VAL B 262 -8.12 -37.57 -10.90
C VAL B 262 -9.50 -37.89 -11.47
N SER B 263 -10.49 -37.10 -11.08
CA SER B 263 -11.86 -37.31 -11.54
C SER B 263 -11.96 -36.87 -13.00
N SER B 264 -13.14 -37.06 -13.59
CA SER B 264 -13.39 -36.70 -14.98
C SER B 264 -14.38 -35.56 -15.13
N ARG B 265 -14.81 -34.93 -14.04
CA ARG B 265 -15.74 -33.82 -14.12
C ARG B 265 -15.08 -32.63 -14.81
N THR B 266 -15.70 -32.15 -15.89
CA THR B 266 -15.19 -31.03 -16.65
C THR B 266 -15.87 -29.71 -16.29
N ASP B 267 -16.64 -29.69 -15.20
CA ASP B 267 -17.32 -28.50 -14.72
C ASP B 267 -16.86 -28.13 -13.31
N VAL B 268 -15.58 -28.34 -13.04
CA VAL B 268 -14.99 -28.08 -11.73
C VAL B 268 -14.40 -26.67 -11.75
N GLY B 269 -15.06 -25.74 -11.08
CA GLY B 269 -14.59 -24.37 -11.01
C GLY B 269 -13.70 -24.13 -9.81
N ILE B 270 -14.00 -23.10 -9.02
CA ILE B 270 -13.21 -22.80 -7.84
C ILE B 270 -13.63 -23.74 -6.71
N ILE B 271 -12.65 -24.45 -6.15
CA ILE B 271 -12.90 -25.41 -5.09
C ILE B 271 -12.04 -25.05 -3.89
N ASP B 272 -12.37 -25.65 -2.75
CA ASP B 272 -11.64 -25.39 -1.52
C ASP B 272 -10.21 -25.91 -1.64
N GLY B 273 -9.25 -25.08 -1.22
CA GLY B 273 -7.85 -25.46 -1.33
C GLY B 273 -7.40 -26.48 -0.32
N LEU B 274 -8.14 -26.66 0.77
CA LEU B 274 -7.77 -27.63 1.78
C LEU B 274 -7.89 -29.06 1.29
N SER B 275 -8.55 -29.30 0.15
CA SER B 275 -8.67 -30.62 -0.46
C SER B 275 -9.29 -31.64 0.50
N GLY B 276 -10.28 -31.21 1.27
CA GLY B 276 -10.94 -32.11 2.19
C GLY B 276 -10.19 -32.39 3.47
N LEU B 277 -9.26 -31.50 3.85
CA LEU B 277 -8.53 -31.71 5.09
C LEU B 277 -9.46 -31.60 6.29
N ALA B 278 -9.29 -32.52 7.24
CA ALA B 278 -10.15 -32.54 8.42
C ALA B 278 -9.91 -31.30 9.28
N SER B 279 -10.99 -30.75 9.81
CA SER B 279 -10.92 -29.56 10.67
C SER B 279 -11.42 -29.84 12.08
N SER B 280 -11.49 -31.10 12.48
CA SER B 280 -11.97 -31.44 13.83
C SER B 280 -11.00 -30.92 14.88
N VAL B 281 -11.51 -30.77 16.10
CA VAL B 281 -10.69 -30.30 17.21
C VAL B 281 -9.68 -31.35 17.65
N ASP B 282 -9.86 -32.60 17.24
CA ASP B 282 -9.01 -33.69 17.71
C ASP B 282 -7.66 -33.70 17.00
N GLU B 283 -7.69 -33.67 15.67
CA GLU B 283 -6.48 -33.85 14.88
C GLU B 283 -5.65 -32.57 14.89
N TYR B 284 -4.63 -32.53 14.04
CA TYR B 284 -3.70 -31.41 13.98
C TYR B 284 -4.44 -30.11 13.65
N PRO B 285 -4.37 -29.10 14.51
CA PRO B 285 -5.13 -27.87 14.27
C PRO B 285 -4.66 -27.17 13.00
N VAL B 286 -5.60 -26.88 12.11
CA VAL B 286 -5.35 -26.12 10.89
C VAL B 286 -6.14 -24.82 10.98
N ASP B 287 -5.51 -23.72 10.61
CA ASP B 287 -6.11 -22.39 10.72
C ASP B 287 -5.80 -21.56 9.47
N THR B 288 -5.86 -22.20 8.31
CA THR B 288 -5.58 -21.54 7.04
C THR B 288 -6.68 -21.86 6.05
N ILE B 289 -7.07 -20.84 5.27
CA ILE B 289 -8.07 -20.99 4.23
C ILE B 289 -7.37 -20.91 2.87
N ALA B 290 -7.97 -21.55 1.87
CA ALA B 290 -7.34 -21.65 0.57
C ALA B 290 -8.41 -21.84 -0.49
N LYS B 291 -8.13 -21.29 -1.68
CA LYS B 291 -8.97 -21.47 -2.86
C LYS B 291 -8.06 -21.68 -4.06
N ARG B 292 -8.49 -22.57 -4.97
CA ARG B 292 -7.68 -22.90 -6.13
C ARG B 292 -8.55 -23.55 -7.19
N PHE B 293 -8.05 -23.53 -8.42
CA PHE B 293 -8.67 -24.26 -9.52
C PHE B 293 -8.13 -25.69 -9.56
N ARG B 294 -8.46 -26.39 -10.64
CA ARG B 294 -7.84 -27.68 -10.95
C ARG B 294 -6.91 -27.49 -12.14
N TYR B 295 -5.69 -27.97 -11.97
CA TYR B 295 -4.63 -27.81 -12.95
C TYR B 295 -5.01 -28.07 -14.39
N ASP B 296 -5.59 -29.23 -14.65
CA ASP B 296 -5.93 -29.61 -16.02
C ASP B 296 -6.98 -28.68 -16.61
N SER B 297 -8.02 -28.38 -15.83
CA SER B 297 -9.03 -27.41 -16.29
C SER B 297 -8.40 -26.04 -16.49
N ALA B 298 -7.43 -25.68 -15.66
CA ALA B 298 -6.74 -24.41 -15.83
C ALA B 298 -6.00 -24.37 -17.16
N LEU B 299 -5.29 -25.44 -17.50
CA LEU B 299 -4.59 -25.48 -18.79
C LEU B 299 -5.58 -25.49 -19.95
N VAL B 300 -6.72 -26.15 -19.80
CA VAL B 300 -7.72 -26.15 -20.86
C VAL B 300 -8.25 -24.73 -21.09
N SER B 301 -8.54 -24.02 -20.01
CA SER B 301 -8.99 -22.63 -20.13
C SER B 301 -7.90 -21.76 -20.74
N ALA B 302 -6.64 -22.00 -20.38
CA ALA B 302 -5.54 -21.22 -20.94
C ALA B 302 -5.42 -21.45 -22.44
N LEU B 303 -5.57 -22.70 -22.87
CA LEU B 303 -5.49 -23.01 -24.30
C LEU B 303 -6.68 -22.42 -25.05
N MET B 304 -7.87 -22.45 -24.46
CA MET B 304 -9.02 -21.78 -25.05
C MET B 304 -8.80 -20.28 -25.16
N ASP B 305 -8.04 -19.70 -24.22
CA ASP B 305 -7.85 -18.26 -24.22
C ASP B 305 -6.99 -17.80 -25.39
N MET B 306 -6.04 -18.62 -25.82
CA MET B 306 -5.06 -18.24 -26.83
C MET B 306 -5.18 -19.06 -28.11
N GLU B 307 -6.42 -19.40 -28.48
CA GLU B 307 -6.63 -20.16 -29.72
C GLU B 307 -6.31 -19.33 -30.95
N GLU B 308 -6.70 -18.05 -30.94
CA GLU B 308 -6.47 -17.19 -32.09
C GLU B 308 -4.97 -17.02 -32.34
N ASP B 309 -4.18 -16.87 -31.28
CA ASP B 309 -2.75 -16.72 -31.45
C ASP B 309 -2.11 -17.97 -32.02
N ILE B 310 -2.57 -19.14 -31.57
CA ILE B 310 -2.04 -20.40 -32.09
C ILE B 310 -2.39 -20.55 -33.57
N LEU B 311 -3.63 -20.21 -33.94
CA LEU B 311 -4.03 -20.30 -35.34
C LEU B 311 -3.24 -19.33 -36.20
N GLU B 312 -2.99 -18.11 -35.71
CA GLU B 312 -2.21 -17.15 -36.47
C GLU B 312 -0.76 -17.61 -36.61
N GLY B 313 -0.19 -18.21 -35.57
CA GLY B 313 1.14 -18.75 -35.67
C GLY B 313 1.23 -19.89 -36.66
N MET B 314 0.20 -20.74 -36.71
CA MET B 314 0.16 -21.81 -37.69
C MET B 314 0.06 -21.26 -39.11
N ARG B 315 -0.74 -20.21 -39.29
CA ARG B 315 -0.88 -19.61 -40.62
C ARG B 315 0.40 -18.91 -41.05
N SER B 316 1.14 -18.34 -40.10
CA SER B 316 2.33 -17.56 -40.45
C SER B 316 3.44 -18.46 -40.96
N GLN B 317 3.67 -19.60 -40.31
CA GLN B 317 4.76 -20.50 -40.64
C GLN B 317 4.48 -21.36 -41.87
N ASP B 318 3.43 -21.03 -42.64
CA ASP B 318 3.06 -21.77 -43.85
C ASP B 318 2.71 -23.22 -43.52
N LEU B 319 1.69 -23.38 -42.68
CA LEU B 319 1.09 -24.68 -42.38
C LEU B 319 -0.39 -24.65 -42.72
N ASP B 320 -1.07 -25.74 -42.40
CA ASP B 320 -2.50 -25.87 -42.65
C ASP B 320 -3.27 -25.75 -41.33
N ASP B 321 -4.42 -25.09 -41.38
CA ASP B 321 -5.21 -24.91 -40.17
C ASP B 321 -5.88 -26.19 -39.71
N TYR B 322 -6.07 -27.16 -40.60
CA TYR B 322 -6.69 -28.43 -40.25
C TYR B 322 -5.69 -29.46 -39.74
N LEU B 323 -4.48 -29.05 -39.39
CA LEU B 323 -3.50 -29.96 -38.84
C LEU B 323 -3.79 -30.22 -37.37
N ASN B 324 -3.49 -31.45 -36.93
CA ASN B 324 -3.75 -31.86 -35.56
C ASN B 324 -2.57 -32.64 -34.97
N GLY B 325 -1.35 -32.30 -35.37
CA GLY B 325 -0.17 -32.95 -34.87
C GLY B 325 0.00 -32.74 -33.37
N PRO B 326 0.86 -33.55 -32.75
CA PRO B 326 1.05 -33.43 -31.30
C PRO B 326 1.79 -32.16 -30.91
N PHE B 327 1.06 -31.21 -30.33
CA PHE B 327 1.66 -29.95 -29.91
C PHE B 327 2.52 -30.19 -28.65
N THR B 328 3.46 -29.27 -28.43
CA THR B 328 4.34 -29.31 -27.27
C THR B 328 4.28 -27.96 -26.58
N VAL B 329 3.78 -27.96 -25.34
CA VAL B 329 3.59 -26.73 -24.57
C VAL B 329 4.48 -26.80 -23.34
N VAL B 330 5.46 -25.91 -23.25
CA VAL B 330 6.33 -25.79 -22.10
C VAL B 330 5.80 -24.67 -21.21
N VAL B 331 5.88 -24.86 -19.89
CA VAL B 331 5.32 -23.92 -18.93
C VAL B 331 6.41 -23.54 -17.93
N LYS B 332 6.13 -22.47 -17.17
CA LYS B 332 7.03 -21.95 -16.17
C LYS B 332 6.27 -21.71 -14.88
N GLU B 333 6.55 -22.51 -13.86
CA GLU B 333 5.89 -22.38 -12.57
C GLU B 333 6.63 -21.37 -11.69
N SER B 334 5.91 -20.84 -10.70
CA SER B 334 6.48 -19.82 -9.82
C SER B 334 5.72 -19.84 -8.50
N CYS B 335 6.37 -19.32 -7.46
CA CYS B 335 5.80 -19.26 -6.12
C CYS B 335 6.61 -18.32 -5.24
N ASP B 336 5.94 -17.66 -4.29
CA ASP B 336 6.62 -16.72 -3.40
C ASP B 336 5.70 -16.45 -2.22
N GLY B 337 6.32 -16.09 -1.10
CA GLY B 337 5.58 -15.72 0.11
C GLY B 337 5.47 -14.22 0.22
N MET B 338 4.30 -13.76 0.66
CA MET B 338 3.98 -12.34 0.75
C MET B 338 3.76 -11.98 2.21
N GLY B 339 4.62 -11.12 2.74
CA GLY B 339 4.44 -10.61 4.09
C GLY B 339 3.58 -9.36 4.11
N ASP B 340 3.22 -8.95 5.32
CA ASP B 340 2.43 -7.75 5.57
C ASP B 340 1.09 -7.80 4.83
N VAL B 341 0.30 -8.80 5.21
CA VAL B 341 -1.06 -8.96 4.70
C VAL B 341 -1.98 -8.96 5.92
N SER B 342 -2.62 -7.83 6.17
CA SER B 342 -3.39 -7.64 7.39
C SER B 342 -4.57 -8.61 7.46
N GLU B 343 -5.01 -8.88 8.68
CA GLU B 343 -6.15 -9.75 8.95
C GLU B 343 -7.38 -8.91 9.25
N LYS B 344 -8.54 -9.45 8.88
CA LYS B 344 -9.81 -8.77 9.06
C LYS B 344 -10.51 -9.25 10.33
N HIS B 345 -11.50 -8.49 10.76
CA HIS B 345 -12.35 -8.89 11.88
C HIS B 345 -13.31 -9.98 11.41
N GLY B 346 -14.21 -10.39 12.30
CA GLY B 346 -15.25 -11.31 11.94
C GLY B 346 -15.00 -12.72 12.45
N SER B 347 -15.77 -13.65 11.89
CA SER B 347 -15.71 -15.06 12.27
C SER B 347 -14.76 -15.82 11.34
N GLY B 348 -14.39 -17.01 11.78
CA GLY B 348 -13.51 -17.87 11.02
C GLY B 348 -12.28 -18.27 11.80
N PRO B 349 -11.44 -19.11 11.21
CA PRO B 349 -10.22 -19.54 11.91
C PRO B 349 -9.20 -18.42 12.00
N ALA B 350 -8.26 -18.59 12.93
CA ALA B 350 -7.20 -17.61 13.14
C ALA B 350 -6.26 -17.62 11.94
N VAL B 351 -6.34 -16.58 11.11
CA VAL B 351 -5.55 -16.51 9.88
C VAL B 351 -4.24 -15.80 10.17
N PRO B 352 -3.09 -16.37 9.79
CA PRO B 352 -1.82 -15.68 9.98
C PRO B 352 -1.70 -14.49 9.05
N GLU B 353 -0.76 -13.60 9.40
CA GLU B 353 -0.58 -12.34 8.68
C GLU B 353 0.46 -12.51 7.56
N LYS B 354 0.23 -13.49 6.70
CA LYS B 354 1.11 -13.76 5.57
C LYS B 354 0.26 -14.17 4.38
N ALA B 355 0.91 -14.53 3.27
CA ALA B 355 0.22 -14.96 2.06
C ALA B 355 1.23 -15.63 1.14
N VAL B 356 0.78 -16.68 0.47
CA VAL B 356 1.61 -17.42 -0.48
C VAL B 356 0.78 -17.67 -1.74
N ARG B 357 1.36 -17.36 -2.91
CA ARG B 357 0.71 -17.53 -4.19
C ARG B 357 1.34 -18.69 -4.95
N PHE B 358 0.78 -18.99 -6.12
CA PHE B 358 1.30 -20.02 -7.00
C PHE B 358 0.71 -19.81 -8.39
N SER B 359 1.57 -19.70 -9.39
CA SER B 359 1.13 -19.37 -10.74
C SER B 359 1.98 -20.11 -11.76
N PHE B 360 1.55 -20.06 -13.01
CA PHE B 360 2.27 -20.67 -14.12
C PHE B 360 2.15 -19.77 -15.33
N THR B 361 2.93 -20.08 -16.37
CA THR B 361 2.95 -19.28 -17.59
C THR B 361 3.47 -20.13 -18.74
N VAL B 362 2.73 -20.14 -19.84
CA VAL B 362 3.18 -20.82 -21.04
C VAL B 362 4.32 -20.03 -21.67
N MET B 363 5.24 -20.75 -22.32
CA MET B 363 6.42 -20.12 -22.90
C MET B 363 6.49 -20.29 -24.41
N ARG B 364 6.43 -21.52 -24.89
CA ARG B 364 6.53 -21.74 -26.32
C ARG B 364 5.84 -23.01 -26.77
N ILE B 365 5.03 -22.86 -27.80
CA ILE B 365 4.29 -23.98 -28.39
C ILE B 365 5.02 -24.43 -29.65
N THR B 366 5.22 -25.74 -29.79
CA THR B 366 6.01 -26.28 -30.88
C THR B 366 5.30 -27.47 -31.50
N ILE B 367 5.26 -27.50 -32.83
CA ILE B 367 4.68 -28.59 -33.59
C ILE B 367 5.80 -29.37 -34.27
N GLU B 368 5.62 -30.68 -34.40
CA GLU B 368 6.55 -31.54 -35.10
C GLU B 368 6.04 -31.75 -36.53
N HIS B 369 6.56 -30.96 -37.47
CA HIS B 369 6.17 -31.04 -38.86
C HIS B 369 7.34 -31.53 -39.69
N GLY B 370 7.06 -32.45 -40.61
CA GLY B 370 8.09 -33.02 -41.45
C GLY B 370 9.05 -33.92 -40.69
N SER B 371 10.29 -33.45 -40.52
CA SER B 371 11.30 -34.20 -39.79
C SER B 371 11.94 -33.43 -38.64
N GLN B 372 11.55 -32.17 -38.43
CA GLN B 372 12.11 -31.35 -37.36
C GLN B 372 10.97 -30.63 -36.67
N ASN B 373 11.33 -29.69 -35.80
CA ASN B 373 10.37 -28.94 -35.01
C ASN B 373 10.38 -27.46 -35.40
N VAL B 374 9.29 -26.78 -35.09
CA VAL B 374 9.16 -25.35 -35.35
C VAL B 374 8.18 -24.77 -34.34
N LYS B 375 8.47 -23.57 -33.86
CA LYS B 375 7.62 -22.93 -32.87
C LYS B 375 6.43 -22.26 -33.53
N VAL B 376 5.33 -22.20 -32.79
CA VAL B 376 4.09 -21.61 -33.27
C VAL B 376 3.77 -20.32 -32.52
N PHE B 377 3.86 -20.36 -31.20
CA PHE B 377 3.57 -19.18 -30.39
C PHE B 377 4.46 -19.07 -29.16
N GLU B 378 5.38 -18.11 -29.20
CA GLU B 378 6.28 -17.85 -28.09
C GLU B 378 5.87 -16.57 -27.39
N GLU B 379 6.08 -16.51 -26.09
CA GLU B 379 5.67 -15.35 -25.30
C GLU B 379 6.56 -14.16 -25.64
N PRO B 380 6.00 -13.06 -26.16
CA PRO B 380 6.83 -11.90 -26.48
C PRO B 380 7.36 -11.20 -25.23
N LYS B 381 6.50 -11.04 -24.23
CA LYS B 381 6.88 -10.43 -22.95
C LYS B 381 6.87 -11.52 -21.87
N PRO B 382 8.00 -12.17 -21.62
CA PRO B 382 7.98 -13.30 -20.67
C PRO B 382 7.74 -12.89 -19.23
N ASN B 383 8.21 -11.72 -18.82
CA ASN B 383 8.08 -11.28 -17.43
C ASN B 383 6.92 -10.32 -17.22
N SER B 384 6.01 -10.22 -18.19
CA SER B 384 4.87 -9.31 -18.05
C SER B 384 3.84 -9.89 -17.11
N GLU B 385 3.16 -9.01 -16.38
CA GLU B 385 2.10 -9.45 -15.46
C GLU B 385 0.85 -9.89 -16.21
N LEU B 386 0.70 -9.49 -17.46
CA LEU B 386 -0.49 -9.82 -18.25
C LEU B 386 -0.50 -11.26 -18.72
N CYS B 387 0.48 -12.09 -18.33
CA CYS B 387 0.49 -13.50 -18.73
C CYS B 387 0.87 -14.40 -17.55
N CYS B 388 0.65 -13.94 -16.33
CA CYS B 388 0.94 -14.71 -15.12
C CYS B 388 -0.39 -15.25 -14.60
N LYS B 389 -0.78 -16.43 -15.08
CA LYS B 389 -2.07 -16.99 -14.72
C LYS B 389 -2.04 -17.55 -13.30
N PRO B 390 -2.87 -17.04 -12.39
CA PRO B 390 -2.86 -17.57 -11.02
C PRO B 390 -3.54 -18.93 -10.95
N LEU B 391 -3.00 -19.79 -10.09
CA LEU B 391 -3.55 -21.13 -9.91
C LEU B 391 -4.03 -21.38 -8.49
N CYS B 392 -3.19 -21.14 -7.49
CA CYS B 392 -3.53 -21.46 -6.10
C CYS B 392 -3.25 -20.24 -5.24
N LEU B 393 -4.11 -20.06 -4.22
CA LEU B 393 -3.98 -18.95 -3.30
C LEU B 393 -4.35 -19.42 -1.90
N MET B 394 -3.52 -19.05 -0.93
CA MET B 394 -3.73 -19.42 0.47
C MET B 394 -3.07 -18.39 1.38
N LEU B 395 -3.49 -18.36 2.63
CA LEU B 395 -2.96 -17.42 3.63
C LEU B 395 -2.25 -18.24 4.69
N ALA B 396 -0.96 -18.49 4.47
CA ALA B 396 -0.16 -19.27 5.40
C ALA B 396 1.30 -18.84 5.30
N ASP B 397 2.07 -19.22 6.30
CA ASP B 397 3.50 -18.90 6.31
C ASP B 397 4.23 -19.73 5.27
N GLU B 398 5.25 -19.13 4.65
CA GLU B 398 6.12 -19.85 3.73
C GLU B 398 7.09 -20.76 4.46
N SER B 399 7.18 -20.67 5.77
CA SER B 399 8.01 -21.57 6.57
C SER B 399 7.20 -22.63 7.29
N ASP B 400 5.87 -22.53 7.28
CA ASP B 400 5.02 -23.57 7.84
C ASP B 400 5.02 -24.78 6.91
N HIS B 401 6.04 -25.64 7.05
CA HIS B 401 6.24 -26.72 6.08
C HIS B 401 5.05 -27.67 6.05
N GLU B 402 4.48 -27.98 7.22
CA GLU B 402 3.37 -28.92 7.27
C GLU B 402 2.17 -28.42 6.46
N THR B 403 1.72 -27.19 6.76
CA THR B 403 0.59 -26.63 6.05
C THR B 403 0.89 -26.44 4.57
N LEU B 404 2.12 -26.00 4.26
CA LEU B 404 2.50 -25.78 2.87
C LEU B 404 2.41 -27.07 2.07
N THR B 405 2.96 -28.17 2.61
CA THR B 405 2.87 -29.45 1.91
C THR B 405 1.43 -29.95 1.85
N ALA B 406 0.66 -29.77 2.93
CA ALA B 406 -0.72 -30.22 2.94
C ALA B 406 -1.55 -29.49 1.89
N ILE B 407 -1.18 -28.26 1.56
CA ILE B 407 -1.91 -27.52 0.54
C ILE B 407 -1.40 -27.88 -0.86
N LEU B 408 -0.10 -28.04 -1.02
CA LEU B 408 0.48 -28.19 -2.36
C LEU B 408 0.62 -29.64 -2.81
N SER B 409 0.30 -30.63 -1.97
CA SER B 409 0.45 -32.01 -2.42
C SER B 409 -0.52 -32.40 -3.52
N PRO B 410 -1.80 -31.96 -3.52
CA PRO B 410 -2.66 -32.33 -4.65
C PRO B 410 -2.19 -31.77 -5.97
N LEU B 411 -1.69 -30.53 -5.98
CA LEU B 411 -1.19 -29.96 -7.22
C LEU B 411 0.01 -30.73 -7.75
N ILE B 412 0.90 -31.15 -6.86
CA ILE B 412 2.07 -31.92 -7.30
C ILE B 412 1.65 -33.30 -7.80
N ALA B 413 0.65 -33.91 -7.15
CA ALA B 413 0.13 -35.18 -7.63
C ALA B 413 -0.46 -35.04 -9.02
N GLU B 414 -1.23 -33.98 -9.24
CA GLU B 414 -1.80 -33.73 -10.57
C GLU B 414 -0.70 -33.50 -11.60
N ARG B 415 0.34 -32.75 -11.23
CA ARG B 415 1.45 -32.50 -12.14
C ARG B 415 2.16 -33.80 -12.52
N GLU B 416 2.41 -34.65 -11.53
CA GLU B 416 3.05 -35.94 -11.81
C GLU B 416 2.18 -36.82 -12.69
N ALA B 417 0.86 -36.81 -12.45
CA ALA B 417 -0.04 -37.61 -13.27
C ALA B 417 -0.10 -37.08 -14.70
N MET B 418 0.01 -35.76 -14.87
CA MET B 418 -0.12 -35.14 -16.18
C MET B 418 1.19 -35.16 -16.96
N LYS B 419 2.30 -35.46 -16.31
CA LYS B 419 3.60 -35.51 -16.98
C LYS B 419 3.76 -36.72 -17.90
N SER B 420 2.77 -37.60 -17.91
CA SER B 420 2.82 -38.80 -18.75
C SER B 420 1.45 -39.08 -19.37
N SER B 421 0.83 -38.06 -19.95
CA SER B 421 -0.45 -38.22 -20.61
C SER B 421 -0.52 -37.27 -21.80
N GLU B 422 -1.58 -37.39 -22.60
CA GLU B 422 -1.80 -36.53 -23.74
C GLU B 422 -3.25 -36.06 -23.73
N LEU B 423 -3.46 -34.83 -24.21
CA LEU B 423 -4.75 -34.18 -24.14
C LEU B 423 -5.38 -34.07 -25.53
N THR B 424 -6.68 -34.33 -25.60
CA THR B 424 -7.46 -34.11 -26.81
C THR B 424 -8.37 -32.90 -26.59
N LEU B 425 -8.28 -31.94 -27.51
CA LEU B 425 -8.92 -30.66 -27.29
C LEU B 425 -9.43 -30.13 -28.63
N GLU B 426 -10.60 -29.51 -28.63
CA GLU B 426 -11.18 -29.00 -29.86
C GLU B 426 -10.90 -27.52 -30.11
N MET B 427 -10.18 -27.26 -31.19
CA MET B 427 -9.78 -25.92 -31.59
C MET B 427 -10.38 -25.61 -32.95
N GLY B 428 -11.31 -24.66 -32.98
CA GLY B 428 -11.96 -24.30 -34.23
C GLY B 428 -12.82 -25.40 -34.83
N GLY B 429 -13.23 -26.37 -34.02
CA GLY B 429 -14.02 -27.48 -34.50
C GLY B 429 -13.23 -28.70 -34.91
N ILE B 430 -11.93 -28.74 -34.63
CA ILE B 430 -11.09 -29.88 -34.99
C ILE B 430 -10.36 -30.36 -33.75
N PRO B 431 -10.38 -31.67 -33.45
CA PRO B 431 -9.63 -32.16 -32.29
C PRO B 431 -8.13 -31.97 -32.47
N ARG B 432 -7.45 -31.65 -31.38
CA ARG B 432 -6.02 -31.41 -31.38
C ARG B 432 -5.36 -32.24 -30.29
N THR B 433 -4.05 -32.45 -30.44
CA THR B 433 -3.26 -33.25 -29.51
C THR B 433 -2.28 -32.34 -28.78
N PHE B 434 -2.16 -32.55 -27.47
CA PHE B 434 -1.28 -31.75 -26.62
C PHE B 434 -0.45 -32.65 -25.72
N LYS B 435 0.82 -32.30 -25.56
CA LYS B 435 1.69 -32.94 -24.58
C LYS B 435 2.56 -31.85 -23.96
N PHE B 436 2.82 -31.98 -22.66
CA PHE B 436 3.43 -30.91 -21.88
C PHE B 436 4.83 -31.28 -21.42
N ILE B 437 5.61 -30.23 -21.17
CA ILE B 437 6.94 -30.35 -20.58
C ILE B 437 7.00 -29.32 -19.45
N PHE B 438 6.98 -29.79 -18.21
CA PHE B 438 6.98 -28.88 -17.08
C PHE B 438 8.35 -28.44 -16.62
N ARG B 439 8.46 -27.15 -16.31
CA ARG B 439 9.70 -26.56 -15.85
C ARG B 439 9.38 -25.53 -14.78
N GLY B 440 9.94 -25.72 -13.59
CA GLY B 440 9.75 -24.76 -12.51
C GLY B 440 11.02 -23.98 -12.20
N THR B 441 11.05 -22.70 -12.55
CA THR B 441 12.22 -21.86 -12.35
C THR B 441 11.95 -20.62 -11.52
N GLY B 442 10.70 -20.16 -11.43
CA GLY B 442 10.40 -18.96 -10.70
C GLY B 442 10.40 -19.14 -9.20
N TYR B 443 11.44 -19.77 -8.66
CA TYR B 443 11.57 -20.05 -7.24
C TYR B 443 12.85 -19.39 -6.75
N ASP B 444 12.73 -18.51 -5.75
CA ASP B 444 13.91 -17.93 -5.14
C ASP B 444 14.68 -18.99 -4.36
N GLU B 445 15.97 -18.70 -4.11
CA GLU B 445 16.86 -19.71 -3.54
C GLU B 445 16.39 -20.19 -2.17
N LYS B 446 15.75 -19.30 -1.42
CA LYS B 446 15.24 -19.64 -0.09
C LYS B 446 14.23 -20.77 -0.19
N LEU B 447 13.24 -20.61 -1.06
CA LEU B 447 12.21 -21.63 -1.25
C LEU B 447 12.77 -22.88 -1.90
N VAL B 448 13.77 -22.72 -2.79
CA VAL B 448 14.41 -23.89 -3.39
C VAL B 448 15.07 -24.75 -2.32
N ARG B 449 15.77 -24.09 -1.41
CA ARG B 449 16.43 -24.78 -0.31
C ARG B 449 15.40 -25.42 0.61
N GLU B 450 14.30 -24.74 0.86
CA GLU B 450 13.29 -25.24 1.78
C GLU B 450 12.52 -26.43 1.20
N VAL B 451 12.33 -26.46 -0.12
CA VAL B 451 11.54 -27.50 -0.75
C VAL B 451 12.41 -28.70 -1.10
N GLU B 452 13.56 -28.45 -1.73
CA GLU B 452 14.43 -29.53 -2.19
C GLU B 452 15.07 -30.28 -1.03
N GLY B 453 14.79 -29.84 0.20
CA GLY B 453 15.32 -30.53 1.37
C GLY B 453 16.78 -30.27 1.66
N LEU B 454 17.37 -29.26 1.05
CA LEU B 454 18.76 -28.91 1.31
C LEU B 454 18.85 -28.14 2.62
N GLU B 455 20.05 -27.67 2.96
CA GLU B 455 20.23 -26.88 4.16
C GLU B 455 19.94 -25.41 3.87
N ALA B 456 20.16 -24.56 4.87
CA ALA B 456 19.85 -23.14 4.75
C ALA B 456 20.90 -22.46 3.87
N SER B 457 20.78 -21.14 3.72
CA SER B 457 21.71 -20.40 2.88
C SER B 457 23.08 -20.25 3.54
N GLY B 458 23.12 -20.22 4.87
CA GLY B 458 24.38 -20.08 5.58
C GLY B 458 25.12 -21.38 5.75
N SER B 459 24.74 -22.40 4.97
CA SER B 459 25.38 -23.70 5.06
C SER B 459 26.74 -23.68 4.39
N VAL B 460 27.53 -24.72 4.67
CA VAL B 460 28.83 -24.86 4.02
C VAL B 460 28.67 -25.33 2.57
N TYR B 461 27.65 -26.11 2.27
CA TYR B 461 27.34 -26.51 0.90
C TYR B 461 26.51 -25.38 0.29
N ILE B 462 27.18 -24.45 -0.38
CA ILE B 462 26.55 -23.19 -0.75
C ILE B 462 25.74 -23.33 -2.02
N CYS B 463 26.24 -24.10 -2.99
CA CYS B 463 25.59 -24.17 -4.28
C CYS B 463 24.44 -25.19 -4.26
N THR B 464 23.46 -24.94 -5.12
CA THR B 464 22.33 -25.86 -5.31
C THR B 464 22.42 -26.61 -6.62
N LEU B 465 23.52 -26.46 -7.35
CA LEU B 465 23.74 -27.14 -8.62
C LEU B 465 24.90 -28.13 -8.57
N CYS B 466 26.00 -27.77 -7.94
CA CYS B 466 27.16 -28.64 -7.77
C CYS B 466 27.30 -29.01 -6.29
N ASP B 467 28.37 -29.73 -5.97
CA ASP B 467 28.59 -30.26 -4.63
C ASP B 467 29.83 -29.68 -3.97
N THR B 468 30.18 -28.44 -4.32
CA THR B 468 31.34 -27.81 -3.69
C THR B 468 30.93 -27.14 -2.39
N THR B 469 31.93 -26.88 -1.54
CA THR B 469 31.71 -26.21 -0.27
C THR B 469 32.04 -24.72 -0.44
N ARG B 470 32.00 -23.98 0.67
CA ARG B 470 32.32 -22.56 0.63
C ARG B 470 33.82 -22.30 0.54
N LEU B 471 34.66 -23.27 0.92
CA LEU B 471 36.10 -23.07 0.88
C LEU B 471 36.63 -23.16 -0.55
N GLU B 472 36.35 -24.27 -1.25
CA GLU B 472 36.80 -24.41 -2.62
C GLU B 472 36.16 -23.38 -3.54
N ALA B 473 34.97 -22.88 -3.19
CA ALA B 473 34.34 -21.84 -3.98
C ALA B 473 35.09 -20.52 -3.91
N SER B 474 36.10 -20.41 -3.05
CA SER B 474 36.94 -19.23 -2.96
C SER B 474 38.31 -19.45 -3.58
N GLN B 475 38.55 -20.60 -4.21
CA GLN B 475 39.82 -20.91 -4.82
C GLN B 475 39.73 -21.15 -6.33
N ASN B 476 38.78 -21.99 -6.76
CA ASN B 476 38.72 -22.38 -8.17
C ASN B 476 37.97 -21.35 -9.01
N LEU B 477 36.68 -21.18 -8.74
CA LEU B 477 35.84 -20.11 -9.28
C LEU B 477 35.50 -20.26 -10.76
N VAL B 478 36.12 -21.20 -11.46
CA VAL B 478 35.93 -21.27 -12.91
C VAL B 478 35.68 -22.69 -13.40
N PHE B 479 35.96 -23.69 -12.58
CA PHE B 479 35.80 -25.08 -12.98
C PHE B 479 34.79 -25.76 -12.06
N HIS B 480 33.55 -25.87 -12.53
CA HIS B 480 32.50 -26.59 -11.84
C HIS B 480 31.55 -27.18 -12.87
N SER B 481 30.58 -27.96 -12.39
CA SER B 481 29.64 -28.62 -13.29
C SER B 481 28.35 -28.92 -12.53
N ILE B 482 27.23 -28.87 -13.26
CA ILE B 482 25.93 -29.13 -12.65
C ILE B 482 25.81 -30.61 -12.33
N THR B 483 25.48 -30.92 -11.08
CA THR B 483 25.34 -32.31 -10.65
C THR B 483 24.01 -32.60 -9.98
N ARG B 484 23.46 -31.65 -9.21
CA ARG B 484 22.26 -31.90 -8.44
C ARG B 484 21.08 -32.21 -9.36
N SER B 485 20.18 -33.07 -8.86
CA SER B 485 18.97 -33.44 -9.57
C SER B 485 17.97 -34.00 -8.57
N HIS B 486 16.71 -34.04 -8.98
CA HIS B 486 15.63 -34.53 -8.13
C HIS B 486 15.83 -35.98 -7.70
N ALA B 487 16.02 -36.86 -8.66
CA ALA B 487 16.20 -38.27 -8.35
C ALA B 487 17.43 -38.48 -7.46
N GLU B 488 18.51 -37.75 -7.74
CA GLU B 488 19.69 -37.85 -6.88
C GLU B 488 19.39 -37.35 -5.48
N ASN B 489 18.57 -36.31 -5.35
CA ASN B 489 18.20 -35.82 -4.03
C ASN B 489 17.40 -36.88 -3.28
N LEU B 490 16.47 -37.54 -3.96
CA LEU B 490 15.70 -38.60 -3.30
C LEU B 490 16.61 -39.75 -2.87
N GLN B 491 17.56 -40.13 -3.73
CA GLN B 491 18.49 -41.21 -3.37
C GLN B 491 19.35 -40.80 -2.18
N ARG B 492 19.78 -39.55 -2.16
CA ARG B 492 20.60 -39.06 -1.07
C ARG B 492 19.80 -39.15 0.22
N TYR B 493 18.55 -38.67 0.18
CA TYR B 493 17.71 -38.72 1.38
C TYR B 493 17.49 -40.15 1.85
N GLU B 494 17.38 -41.07 0.91
CA GLU B 494 17.21 -42.47 1.24
C GLU B 494 18.44 -42.94 2.01
N VAL B 495 19.61 -42.57 1.50
CA VAL B 495 20.86 -42.95 2.14
C VAL B 495 20.97 -42.31 3.53
N TRP B 496 20.50 -41.07 3.63
CA TRP B 496 20.55 -40.36 4.91
C TRP B 496 19.66 -40.99 5.97
N ARG B 497 18.51 -41.52 5.56
CA ARG B 497 17.59 -42.16 6.49
C ARG B 497 18.05 -43.58 6.83
N SER B 498 18.34 -44.38 5.81
CA SER B 498 18.68 -45.79 6.05
C SER B 498 20.05 -45.92 6.70
N ASN B 499 21.02 -45.11 6.27
CA ASN B 499 22.39 -45.16 6.75
C ASN B 499 22.97 -46.55 6.53
N PRO B 500 23.23 -46.95 5.28
CA PRO B 500 23.71 -48.32 5.02
C PRO B 500 25.08 -48.61 5.62
N TYR B 501 26.04 -47.71 5.39
CA TYR B 501 27.41 -47.95 5.80
C TYR B 501 27.62 -47.86 7.31
N HIS B 502 26.64 -47.36 8.06
CA HIS B 502 26.72 -47.23 9.52
C HIS B 502 27.94 -46.39 9.91
N GLU B 503 27.91 -45.12 9.52
CA GLU B 503 28.99 -44.18 9.78
C GLU B 503 28.48 -43.06 10.68
N SER B 504 29.40 -42.16 11.04
CA SER B 504 29.10 -41.09 11.98
C SER B 504 28.22 -40.03 11.31
N VAL B 505 27.95 -38.95 12.06
CA VAL B 505 27.04 -37.92 11.57
C VAL B 505 27.74 -37.04 10.54
N GLU B 506 29.00 -36.67 10.80
CA GLU B 506 29.72 -35.82 9.85
C GLU B 506 30.11 -36.58 8.60
N GLU B 507 30.49 -37.86 8.74
CA GLU B 507 30.78 -38.68 7.58
C GLU B 507 29.53 -38.87 6.73
N LEU B 508 28.38 -39.07 7.39
CA LEU B 508 27.13 -39.24 6.65
C LEU B 508 26.73 -37.94 5.98
N ARG B 509 26.99 -36.80 6.62
CA ARG B 509 26.73 -35.51 5.97
C ARG B 509 27.60 -35.35 4.73
N ASP B 510 28.87 -35.70 4.83
CA ASP B 510 29.76 -35.61 3.66
C ASP B 510 29.29 -36.55 2.56
N ARG B 511 28.79 -37.73 2.93
CA ARG B 511 28.30 -38.68 1.94
C ARG B 511 27.02 -38.19 1.27
N VAL B 512 26.17 -37.48 2.01
CA VAL B 512 24.89 -37.02 1.48
C VAL B 512 24.99 -35.63 0.84
N LYS B 513 26.05 -34.88 1.14
CA LYS B 513 26.25 -33.53 0.61
C LYS B 513 25.15 -32.58 1.09
N GLY B 514 24.77 -32.71 2.35
CA GLY B 514 23.88 -31.75 2.97
C GLY B 514 22.42 -31.86 2.60
N VAL B 515 21.84 -33.05 2.73
CA VAL B 515 20.41 -33.27 2.52
C VAL B 515 19.82 -33.84 3.79
N SER B 516 18.79 -33.18 4.32
CA SER B 516 18.18 -33.59 5.58
C SER B 516 16.66 -33.50 5.53
N ALA B 517 16.07 -33.67 4.34
CA ALA B 517 14.62 -33.66 4.20
C ALA B 517 14.27 -34.31 2.86
N LYS B 518 13.02 -34.73 2.74
CA LYS B 518 12.57 -35.43 1.55
C LYS B 518 12.00 -34.43 0.55
N PRO B 519 12.57 -34.31 -0.65
CA PRO B 519 12.00 -33.39 -1.63
C PRO B 519 10.60 -33.83 -2.07
N PHE B 520 9.78 -32.85 -2.44
CA PHE B 520 8.42 -33.14 -2.88
C PHE B 520 8.00 -32.32 -4.09
N ILE B 521 8.88 -31.50 -4.67
CA ILE B 521 8.59 -30.76 -5.88
C ILE B 521 9.79 -30.91 -6.81
N GLU B 522 9.62 -31.65 -7.90
CA GLU B 522 10.69 -31.80 -8.88
C GLU B 522 10.90 -30.50 -9.65
N THR B 523 12.06 -29.89 -9.45
CA THR B 523 12.41 -28.64 -10.11
C THR B 523 13.66 -28.86 -10.98
N VAL B 524 14.05 -27.80 -11.69
CA VAL B 524 15.23 -27.84 -12.55
C VAL B 524 16.24 -26.84 -12.03
N PRO B 525 17.54 -27.10 -12.17
CA PRO B 525 18.56 -26.14 -11.71
C PRO B 525 18.56 -24.90 -12.58
N SER B 526 18.35 -23.74 -11.96
CA SER B 526 18.32 -22.47 -12.66
C SER B 526 18.79 -21.38 -11.71
N ILE B 527 18.77 -20.13 -12.17
CA ILE B 527 19.21 -18.99 -11.39
C ILE B 527 18.20 -17.86 -11.58
N ASP B 528 17.65 -17.38 -10.46
CA ASP B 528 16.75 -16.23 -10.51
C ASP B 528 17.54 -14.97 -10.83
N ALA B 529 17.16 -14.27 -11.90
CA ALA B 529 17.93 -13.11 -12.34
C ALA B 529 17.75 -11.93 -11.40
N LEU B 530 16.51 -11.70 -10.94
CA LEU B 530 16.24 -10.56 -10.08
C LEU B 530 17.04 -10.63 -8.78
N HIS B 531 16.93 -11.74 -8.07
CA HIS B 531 17.64 -11.88 -6.81
C HIS B 531 19.15 -11.91 -7.01
N CYS B 532 19.62 -12.44 -8.14
CA CYS B 532 21.04 -12.41 -8.44
C CYS B 532 21.53 -10.98 -8.60
N ASP B 533 20.80 -10.16 -9.35
CA ASP B 533 21.18 -8.76 -9.51
C ASP B 533 21.12 -8.02 -8.18
N ILE B 534 20.10 -8.31 -7.37
CA ILE B 534 19.99 -7.65 -6.07
C ILE B 534 21.17 -7.98 -5.18
N GLY B 535 21.52 -9.27 -5.11
CA GLY B 535 22.66 -9.67 -4.28
C GLY B 535 23.97 -9.08 -4.78
N ASN B 536 24.16 -9.07 -6.10
CA ASN B 536 25.38 -8.51 -6.66
C ASN B 536 25.48 -7.02 -6.34
N ALA B 537 24.37 -6.29 -6.46
CA ALA B 537 24.39 -4.86 -6.18
C ALA B 537 24.64 -4.60 -4.70
N ALA B 538 24.03 -5.41 -3.82
CA ALA B 538 24.29 -5.25 -2.39
C ALA B 538 25.74 -5.51 -2.06
N GLU B 539 26.34 -6.53 -2.67
CA GLU B 539 27.75 -6.83 -2.38
C GLU B 539 28.66 -5.74 -2.93
N PHE B 540 28.29 -5.16 -4.06
CA PHE B 540 29.09 -4.08 -4.61
C PHE B 540 29.00 -2.91 -3.63
N TYR B 541 27.79 -2.60 -3.19
CA TYR B 541 27.61 -1.50 -2.24
C TYR B 541 28.50 -1.71 -1.01
N LYS B 542 28.54 -2.95 -0.51
CA LYS B 542 29.43 -3.28 0.59
C LYS B 542 30.89 -3.02 0.22
N ILE B 543 31.30 -3.43 -0.98
CA ILE B 543 32.67 -3.23 -1.42
C ILE B 543 32.99 -1.74 -1.49
N PHE B 544 32.05 -0.94 -1.98
CA PHE B 544 32.28 0.51 -2.07
C PHE B 544 32.46 1.11 -0.69
N GLN B 545 31.54 0.81 0.23
CA GLN B 545 31.64 1.38 1.57
C GLN B 545 32.82 0.83 2.35
N LEU B 546 33.40 -0.30 1.92
CA LEU B 546 34.67 -0.74 2.51
C LEU B 546 35.85 0.02 1.91
N GLU B 547 35.83 0.22 0.59
CA GLU B 547 36.94 0.92 -0.07
C GLU B 547 37.02 2.37 0.34
N ILE B 548 35.90 2.98 0.74
CA ILE B 548 35.95 4.35 1.26
C ILE B 548 36.82 4.42 2.50
N GLY B 549 36.67 3.45 3.40
CA GLY B 549 37.46 3.43 4.62
C GLY B 549 38.89 2.95 4.44
N GLU B 550 39.26 2.51 3.24
CA GLU B 550 40.61 2.03 2.96
C GLU B 550 40.97 0.87 3.88
N VAL B 551 40.09 -0.13 3.94
CA VAL B 551 40.28 -1.26 4.84
C VAL B 551 41.41 -2.17 4.36
N TYR B 552 41.82 -2.05 3.09
CA TYR B 552 42.86 -2.91 2.56
C TYR B 552 44.20 -2.74 3.27
N LYS B 553 44.40 -1.66 4.00
CA LYS B 553 45.60 -1.48 4.81
C LYS B 553 45.32 -1.46 6.31
N HIS B 554 44.09 -1.18 6.73
CA HIS B 554 43.72 -1.21 8.14
C HIS B 554 42.81 -2.41 8.41
N PRO B 555 43.36 -3.54 8.83
CA PRO B 555 42.51 -4.71 9.10
C PRO B 555 41.63 -4.55 10.32
N ASN B 556 41.93 -3.59 11.20
CA ASN B 556 41.15 -3.35 12.40
C ASN B 556 40.27 -2.11 12.21
N ALA B 557 39.00 -2.23 12.59
CA ALA B 557 38.07 -1.11 12.46
C ALA B 557 36.98 -1.27 13.52
N SER B 558 36.61 -0.16 14.15
CA SER B 558 35.61 -0.19 15.21
C SER B 558 34.21 -0.21 14.58
N LYS B 559 33.19 -0.02 15.41
CA LYS B 559 31.82 -0.05 14.94
C LYS B 559 31.35 1.28 14.35
N GLU B 560 31.65 2.37 15.03
CA GLU B 560 31.19 3.68 14.56
C GLU B 560 31.87 4.09 13.26
N GLU B 561 33.09 3.60 13.02
CA GLU B 561 33.79 3.92 11.79
C GLU B 561 33.00 3.44 10.57
N ARG B 562 32.52 2.20 10.62
CA ARG B 562 31.77 1.64 9.50
C ARG B 562 30.46 2.40 9.29
N LYS B 563 29.80 2.80 10.38
CA LYS B 563 28.55 3.55 10.26
C LYS B 563 28.80 4.92 9.64
N ARG B 564 29.87 5.57 10.07
CA ARG B 564 30.26 6.85 9.50
C ARG B 564 30.51 6.68 8.01
N TRP B 565 31.26 5.65 7.64
CA TRP B 565 31.60 5.40 6.25
C TRP B 565 30.34 5.22 5.41
N GLN B 566 29.40 4.42 5.91
CA GLN B 566 28.15 4.20 5.20
C GLN B 566 27.35 5.50 5.08
N ALA B 567 27.36 6.32 6.13
CA ALA B 567 26.65 7.60 6.07
C ALA B 567 27.28 8.53 5.05
N THR B 568 28.61 8.56 4.98
CA THR B 568 29.29 9.38 3.98
C THR B 568 28.96 8.91 2.57
N LEU B 569 28.96 7.58 2.37
CA LEU B 569 28.59 7.06 1.06
C LEU B 569 27.15 7.42 0.69
N ASP B 570 26.23 7.33 1.65
CA ASP B 570 24.84 7.65 1.37
C ASP B 570 24.69 9.13 1.02
N LYS B 571 25.38 10.00 1.76
CA LYS B 571 25.32 11.43 1.45
C LYS B 571 25.90 11.72 0.08
N HIS B 572 27.02 11.08 -0.26
CA HIS B 572 27.64 11.31 -1.56
C HIS B 572 26.75 10.82 -2.70
N LEU B 573 26.06 9.68 -2.49
CA LEU B 573 25.15 9.19 -3.50
C LEU B 573 23.95 10.12 -3.68
N ARG B 574 23.37 10.58 -2.56
CA ARG B 574 22.28 11.54 -2.64
C ARG B 574 22.71 12.81 -3.36
N LYS B 575 23.96 13.23 -3.16
CA LYS B 575 24.44 14.47 -3.77
C LYS B 575 24.75 14.32 -5.26
N ARG B 576 25.30 13.17 -5.66
CA ARG B 576 25.74 12.99 -7.04
C ARG B 576 24.75 12.23 -7.91
N MET B 577 24.39 11.01 -7.50
CA MET B 577 23.54 10.15 -8.31
C MET B 577 22.05 10.42 -8.12
N ASN B 578 21.69 11.39 -7.29
CA ASN B 578 20.28 11.73 -7.03
C ASN B 578 19.50 10.53 -6.51
N LEU B 579 20.16 9.64 -5.79
CA LEU B 579 19.54 8.43 -5.28
C LEU B 579 19.21 8.59 -3.80
N LYS B 580 18.25 7.79 -3.35
CA LYS B 580 17.81 7.83 -1.96
C LYS B 580 18.38 6.66 -1.20
N PRO B 581 18.97 6.87 -0.02
CA PRO B 581 19.46 5.74 0.78
C PRO B 581 18.33 4.89 1.31
N ILE B 582 18.18 3.68 0.78
CA ILE B 582 17.14 2.75 1.19
C ILE B 582 17.74 1.69 2.10
N MET B 583 16.91 1.18 3.02
CA MET B 583 17.41 0.23 4.01
C MET B 583 17.56 -1.16 3.42
N ARG B 584 16.64 -1.56 2.54
CA ARG B 584 16.64 -2.89 1.94
C ARG B 584 16.79 -2.75 0.43
N MET B 585 17.72 -3.50 -0.14
CA MET B 585 18.02 -3.39 -1.56
C MET B 585 16.85 -3.82 -2.42
N ASN B 586 16.51 -3.00 -3.42
CA ASN B 586 15.48 -3.32 -4.38
C ASN B 586 16.07 -3.35 -5.79
N GLY B 587 15.20 -3.45 -6.79
CA GLY B 587 15.68 -3.66 -8.15
C GLY B 587 16.11 -2.36 -8.83
N ASN B 588 15.34 -1.29 -8.65
CA ASN B 588 15.63 -0.05 -9.35
C ASN B 588 16.93 0.59 -8.88
N PHE B 589 17.19 0.50 -7.58
CA PHE B 589 18.43 1.03 -7.02
C PHE B 589 19.59 0.23 -7.60
N ALA B 590 19.41 -1.09 -7.68
CA ALA B 590 20.43 -1.98 -8.25
C ALA B 590 20.73 -1.61 -9.69
N ARG B 591 19.68 -1.35 -10.48
CA ARG B 591 19.87 -1.00 -11.88
C ARG B 591 20.58 0.33 -12.02
N LYS B 592 20.20 1.32 -11.21
CA LYS B 592 20.81 2.64 -11.32
C LYS B 592 22.23 2.66 -10.73
N LEU B 593 22.57 1.68 -9.90
CA LEU B 593 23.89 1.66 -9.29
C LEU B 593 24.95 1.18 -10.26
N MET B 594 24.64 0.16 -11.05
CA MET B 594 25.61 -0.44 -11.97
C MET B 594 25.79 0.48 -13.17
N THR B 595 26.80 1.34 -13.12
CA THR B 595 27.11 2.25 -14.23
C THR B 595 28.53 2.76 -14.04
N GLN B 596 29.23 2.96 -15.16
CA GLN B 596 30.61 3.44 -15.11
C GLN B 596 30.72 4.78 -14.39
N GLU B 597 29.83 5.72 -14.71
CA GLU B 597 29.90 7.04 -14.08
C GLU B 597 29.59 6.97 -12.58
N THR B 598 28.87 5.94 -12.14
CA THR B 598 28.71 5.74 -10.70
C THR B 598 30.05 5.49 -10.03
N VAL B 599 30.85 4.59 -10.60
CA VAL B 599 32.20 4.34 -10.07
C VAL B 599 33.06 5.59 -10.20
N ASP B 600 32.88 6.34 -11.29
CA ASP B 600 33.61 7.59 -11.46
C ASP B 600 33.32 8.56 -10.32
N ALA B 601 32.05 8.68 -9.96
CA ALA B 601 31.68 9.57 -8.86
C ALA B 601 32.19 9.04 -7.52
N VAL B 602 32.19 7.71 -7.35
CA VAL B 602 32.67 7.13 -6.10
C VAL B 602 34.17 7.35 -5.94
N CYS B 603 34.91 7.36 -7.05
CA CYS B 603 36.36 7.56 -6.98
C CYS B 603 36.75 8.89 -6.35
N GLU B 604 35.82 9.82 -6.17
CA GLU B 604 36.13 11.08 -5.49
C GLU B 604 36.38 10.89 -4.00
N LEU B 605 36.16 9.68 -3.47
CA LEU B 605 36.29 9.43 -2.04
C LEU B 605 37.54 8.65 -1.66
N ILE B 606 38.26 8.10 -2.63
CA ILE B 606 39.44 7.27 -2.37
C ILE B 606 40.67 8.05 -2.84
N PRO B 607 41.58 8.44 -1.94
CA PRO B 607 42.77 9.17 -2.37
C PRO B 607 43.73 8.34 -3.22
N SER B 608 43.60 7.01 -3.20
CA SER B 608 44.53 6.15 -3.93
C SER B 608 44.29 6.27 -5.44
N GLU B 609 45.12 5.58 -6.21
CA GLU B 609 45.01 5.60 -7.66
C GLU B 609 44.87 4.20 -8.21
N GLU B 610 45.58 3.23 -7.61
CA GLU B 610 45.47 1.85 -8.07
C GLU B 610 44.10 1.27 -7.76
N ARG B 611 43.52 1.61 -6.61
CA ARG B 611 42.21 1.09 -6.27
C ARG B 611 41.14 1.64 -7.20
N HIS B 612 41.34 2.86 -7.72
CA HIS B 612 40.44 3.38 -8.75
C HIS B 612 40.45 2.50 -9.98
N GLU B 613 41.65 2.14 -10.47
CA GLU B 613 41.76 1.24 -11.62
C GLU B 613 41.10 -0.09 -11.32
N ALA B 614 41.32 -0.61 -10.10
CA ALA B 614 40.73 -1.88 -9.71
C ALA B 614 39.21 -1.83 -9.79
N LEU B 615 38.60 -0.79 -9.18
CA LEU B 615 37.15 -0.68 -9.16
C LEU B 615 36.59 -0.47 -10.57
N ARG B 616 37.28 0.34 -11.39
CA ARG B 616 36.81 0.58 -12.74
C ARG B 616 36.85 -0.69 -13.58
N GLU B 617 37.94 -1.45 -13.50
CA GLU B 617 38.00 -2.72 -14.23
C GLU B 617 36.97 -3.70 -13.70
N LEU B 618 36.73 -3.69 -12.39
CA LEU B 618 35.73 -4.57 -11.79
C LEU B 618 34.35 -4.28 -12.36
N MET B 619 33.94 -3.01 -12.34
CA MET B 619 32.64 -2.64 -12.87
C MET B 619 32.55 -2.87 -14.37
N ASP B 620 33.65 -2.66 -15.10
CA ASP B 620 33.65 -2.92 -16.53
C ASP B 620 33.41 -4.39 -16.82
N LEU B 621 34.12 -5.27 -16.10
CA LEU B 621 33.89 -6.71 -16.28
C LEU B 621 32.46 -7.08 -15.92
N TYR B 622 31.94 -6.54 -14.82
CA TYR B 622 30.58 -6.90 -14.42
C TYR B 622 29.55 -6.45 -15.45
N LEU B 623 29.71 -5.24 -15.99
CA LEU B 623 28.77 -4.76 -17.00
C LEU B 623 28.94 -5.46 -18.33
N LYS B 624 30.13 -5.96 -18.65
CA LYS B 624 30.30 -6.78 -19.84
C LYS B 624 29.73 -8.18 -19.66
N MET B 625 29.66 -8.67 -18.42
CA MET B 625 29.14 -10.01 -18.16
C MET B 625 27.62 -10.04 -17.99
N LYS B 626 27.03 -8.98 -17.43
CA LYS B 626 25.61 -9.01 -17.09
C LYS B 626 24.68 -9.35 -18.25
N PRO B 627 24.82 -8.80 -19.46
CA PRO B 627 23.89 -9.16 -20.54
C PRO B 627 23.91 -10.63 -20.91
N VAL B 628 24.91 -11.39 -20.46
CA VAL B 628 24.96 -12.81 -20.79
C VAL B 628 23.82 -13.56 -20.11
N TRP B 629 23.58 -13.21 -18.85
CA TRP B 629 22.53 -13.87 -18.07
C TRP B 629 21.29 -13.03 -17.84
N ARG B 630 21.28 -11.79 -18.32
CA ARG B 630 20.13 -10.92 -18.11
C ARG B 630 19.33 -10.63 -19.37
N SER B 631 19.95 -10.78 -20.54
CA SER B 631 19.25 -10.48 -21.77
C SER B 631 18.15 -11.53 -22.04
N SER B 632 17.25 -11.19 -22.96
CA SER B 632 16.15 -12.08 -23.30
C SER B 632 16.64 -13.29 -24.09
N CYS B 633 17.39 -13.05 -25.18
CA CYS B 633 17.97 -14.10 -25.99
C CYS B 633 19.43 -13.77 -26.23
N PRO B 634 20.33 -14.32 -25.41
CA PRO B 634 21.76 -13.95 -25.55
C PRO B 634 22.39 -14.45 -26.83
N ALA B 635 21.82 -15.46 -27.49
CA ALA B 635 22.38 -15.98 -28.72
C ALA B 635 22.22 -15.02 -29.89
N LYS B 636 21.43 -13.98 -29.75
CA LYS B 636 21.20 -13.03 -30.84
C LYS B 636 21.47 -11.59 -30.45
N GLU B 637 21.20 -11.21 -29.20
CA GLU B 637 21.37 -9.83 -28.77
C GLU B 637 22.79 -9.52 -28.32
N CYS B 638 23.59 -10.53 -27.98
CA CYS B 638 24.95 -10.28 -27.53
C CYS B 638 25.83 -11.51 -27.73
N PRO B 639 26.12 -11.88 -28.98
CA PRO B 639 26.98 -13.05 -29.20
C PRO B 639 28.43 -12.83 -28.78
N GLU B 640 28.92 -11.59 -28.87
CA GLU B 640 30.30 -11.32 -28.46
C GLU B 640 30.48 -11.53 -26.97
N SER B 641 29.51 -11.08 -26.17
CA SER B 641 29.58 -11.29 -24.72
C SER B 641 29.47 -12.77 -24.38
N LEU B 642 28.69 -13.52 -25.17
CA LEU B 642 28.50 -14.94 -24.90
C LEU B 642 29.76 -15.73 -25.20
N CYS B 643 30.35 -15.50 -26.39
CA CYS B 643 31.54 -16.26 -26.77
C CYS B 643 32.75 -15.88 -25.92
N GLN B 644 32.84 -14.63 -25.51
CA GLN B 644 33.97 -14.14 -24.70
C GLN B 644 33.65 -14.13 -23.21
N TYR B 645 32.81 -15.06 -22.74
CA TYR B 645 32.38 -15.01 -21.35
C TYR B 645 33.37 -15.71 -20.42
N SER B 646 33.95 -16.83 -20.86
CA SER B 646 34.83 -17.59 -19.99
C SER B 646 36.08 -16.81 -19.63
N PHE B 647 36.69 -16.14 -20.60
CA PHE B 647 37.87 -15.33 -20.32
C PHE B 647 37.55 -14.18 -19.37
N ASN B 648 36.39 -13.54 -19.57
CA ASN B 648 35.98 -12.46 -18.69
C ASN B 648 35.76 -12.96 -17.27
N SER B 649 35.15 -14.15 -17.12
CA SER B 649 34.93 -14.71 -15.79
C SER B 649 36.24 -15.07 -15.12
N GLN B 650 37.18 -15.64 -15.88
CA GLN B 650 38.48 -15.96 -15.31
C GLN B 650 39.21 -14.70 -14.86
N ARG B 651 39.16 -13.63 -15.66
CA ARG B 651 39.80 -12.39 -15.27
C ARG B 651 39.11 -11.78 -14.05
N PHE B 652 37.78 -11.91 -13.97
CA PHE B 652 37.05 -11.43 -12.81
C PHE B 652 37.48 -12.16 -11.54
N ALA B 653 37.60 -13.49 -11.63
CA ALA B 653 38.04 -14.25 -10.47
C ALA B 653 39.48 -13.91 -10.10
N GLU B 654 40.34 -13.69 -11.09
CA GLU B 654 41.72 -13.30 -10.83
C GLU B 654 41.78 -11.95 -10.13
N LEU B 655 40.94 -11.02 -10.56
CA LEU B 655 40.89 -9.70 -9.93
C LEU B 655 40.38 -9.79 -8.50
N LEU B 656 39.39 -10.66 -8.26
CA LEU B 656 38.91 -10.86 -6.89
C LEU B 656 40.01 -11.44 -6.01
N SER B 657 40.74 -12.43 -6.52
CA SER B 657 41.73 -13.12 -5.69
C SER B 657 42.99 -12.28 -5.50
N THR B 658 43.27 -11.36 -6.42
CA THR B 658 44.51 -10.59 -6.38
C THR B 658 44.36 -9.30 -5.57
N LYS B 659 43.46 -8.42 -5.99
CA LYS B 659 43.32 -7.11 -5.36
C LYS B 659 42.37 -7.11 -4.19
N PHE B 660 41.33 -7.95 -4.22
CA PHE B 660 40.35 -8.03 -3.14
C PHE B 660 40.60 -9.22 -2.22
N LYS B 661 41.87 -9.53 -1.98
CA LYS B 661 42.21 -10.67 -1.13
C LYS B 661 41.77 -10.46 0.31
N TYR B 662 41.61 -9.21 0.73
CA TYR B 662 41.27 -8.90 2.12
C TYR B 662 39.88 -9.37 2.52
N ARG B 663 39.02 -9.71 1.56
CA ARG B 663 37.65 -10.11 1.87
C ARG B 663 37.27 -11.46 1.29
N TYR B 664 37.78 -11.82 0.12
CA TYR B 664 37.35 -13.01 -0.60
C TYR B 664 38.33 -14.17 -0.47
N GLU B 665 38.94 -14.32 0.70
CA GLU B 665 39.83 -15.45 0.99
C GLU B 665 39.17 -16.31 2.07
N GLY B 666 38.52 -17.38 1.63
CA GLY B 666 37.85 -18.29 2.55
C GLY B 666 36.35 -18.11 2.66
N LYS B 667 35.75 -17.21 1.88
CA LYS B 667 34.32 -16.99 1.92
C LYS B 667 33.91 -16.24 0.66
N ILE B 668 32.69 -16.53 0.18
CA ILE B 668 32.15 -15.89 -1.01
C ILE B 668 30.65 -16.12 -1.03
N THR B 669 29.92 -15.19 -1.64
CA THR B 669 28.48 -15.29 -1.71
C THR B 669 28.05 -16.42 -2.64
N ASN B 670 26.76 -16.75 -2.60
CA ASN B 670 26.24 -17.82 -3.43
C ASN B 670 26.19 -17.41 -4.90
N TYR B 671 25.68 -16.20 -5.16
CA TYR B 671 25.46 -15.78 -6.54
C TYR B 671 26.76 -15.53 -7.29
N PHE B 672 27.83 -15.12 -6.61
CA PHE B 672 29.13 -15.06 -7.26
C PHE B 672 29.52 -16.43 -7.81
N HIS B 673 29.48 -17.45 -6.96
CA HIS B 673 29.81 -18.80 -7.39
C HIS B 673 28.93 -19.25 -8.56
N LYS B 674 27.62 -19.07 -8.41
CA LYS B 674 26.70 -19.51 -9.46
C LYS B 674 27.01 -18.80 -10.78
N THR B 675 27.07 -17.47 -10.76
CA THR B 675 27.32 -16.70 -11.98
C THR B 675 28.65 -17.07 -12.61
N LEU B 676 29.68 -17.32 -11.80
CA LEU B 676 31.00 -17.53 -12.37
C LEU B 676 31.22 -18.96 -12.81
N ALA B 677 30.44 -19.93 -12.31
CA ALA B 677 30.76 -21.32 -12.60
C ALA B 677 29.59 -22.15 -13.10
N HIS B 678 28.44 -21.56 -13.40
CA HIS B 678 27.34 -22.40 -13.88
C HIS B 678 26.55 -21.85 -15.06
N VAL B 679 26.64 -20.57 -15.40
CA VAL B 679 25.73 -20.00 -16.38
C VAL B 679 26.04 -20.39 -17.83
N PRO B 680 27.30 -20.59 -18.25
CA PRO B 680 27.51 -21.00 -19.66
C PRO B 680 26.79 -22.30 -20.00
N GLU B 681 26.88 -23.29 -19.10
CA GLU B 681 26.15 -24.53 -19.31
C GLU B 681 24.66 -24.29 -19.32
N ILE B 682 24.18 -23.33 -18.54
CA ILE B 682 22.74 -23.05 -18.50
C ILE B 682 22.26 -22.51 -19.83
N ILE B 683 22.98 -21.55 -20.41
CA ILE B 683 22.61 -21.04 -21.73
C ILE B 683 22.73 -22.15 -22.78
N GLU B 684 23.81 -22.93 -22.72
CA GLU B 684 23.98 -23.98 -23.72
C GLU B 684 22.97 -25.12 -23.57
N ARG B 685 22.30 -25.23 -22.43
CA ARG B 685 21.33 -26.29 -22.20
C ARG B 685 19.90 -25.81 -22.43
N ASP B 686 19.60 -24.55 -22.13
CA ASP B 686 18.26 -24.00 -22.29
C ASP B 686 18.17 -22.95 -23.39
N GLY B 687 19.05 -21.95 -23.38
CA GLY B 687 19.06 -20.89 -24.38
C GLY B 687 18.95 -19.50 -23.78
N SER B 688 18.35 -19.38 -22.60
CA SER B 688 18.15 -18.08 -21.99
C SER B 688 17.91 -18.26 -20.50
N ILE B 689 18.10 -17.18 -19.76
CA ILE B 689 17.85 -17.13 -18.32
C ILE B 689 16.86 -16.04 -17.96
N GLY B 690 17.03 -14.84 -18.54
CA GLY B 690 16.16 -13.72 -18.25
C GLY B 690 14.71 -13.98 -18.57
N ALA B 691 14.45 -14.86 -19.53
CA ALA B 691 13.08 -15.23 -19.88
C ALA B 691 12.48 -16.20 -18.87
N TRP B 692 13.30 -16.85 -18.05
CA TRP B 692 12.83 -17.80 -17.05
C TRP B 692 12.91 -17.23 -15.64
N ALA B 693 12.93 -15.91 -15.50
CA ALA B 693 13.05 -15.26 -14.21
C ALA B 693 11.70 -15.29 -13.49
N SER B 694 11.61 -14.59 -12.37
CA SER B 694 10.40 -14.55 -11.55
C SER B 694 9.96 -13.12 -11.31
N GLU B 695 9.99 -12.32 -12.38
CA GLU B 695 9.57 -10.92 -12.31
C GLU B 695 8.06 -10.87 -12.37
N GLY B 696 7.48 -11.57 -13.34
CA GLY B 696 6.04 -11.62 -13.49
C GLY B 696 5.33 -12.06 -12.23
N ASN B 697 5.98 -12.92 -11.44
CA ASN B 697 5.41 -13.32 -10.16
C ASN B 697 5.30 -12.13 -9.21
N GLN B 698 6.32 -11.25 -9.20
CA GLN B 698 6.28 -10.11 -8.30
C GLN B 698 5.25 -9.08 -8.77
N SER B 699 5.14 -8.89 -10.09
CA SER B 699 4.07 -8.03 -10.59
C SER B 699 2.70 -8.62 -10.26
N GLY B 700 2.59 -9.94 -10.25
CA GLY B 700 1.35 -10.57 -9.81
C GLY B 700 1.10 -10.36 -8.34
N ASN B 701 2.16 -10.33 -7.52
CA ASN B 701 2.00 -9.99 -6.12
C ASN B 701 1.47 -8.57 -5.96
N LYS B 702 1.96 -7.65 -6.78
CA LYS B 702 1.45 -6.28 -6.76
C LYS B 702 -0.03 -6.26 -7.13
N LEU B 703 -0.40 -6.95 -8.21
CA LEU B 703 -1.80 -7.04 -8.61
C LEU B 703 -2.64 -7.68 -7.51
N PHE B 704 -2.08 -8.63 -6.77
CA PHE B 704 -2.79 -9.26 -5.67
C PHE B 704 -3.06 -8.26 -4.54
N ARG B 705 -2.03 -7.49 -4.17
CA ARG B 705 -2.22 -6.46 -3.15
C ARG B 705 -3.24 -5.42 -3.57
N ARG B 706 -3.33 -5.15 -4.87
CA ARG B 706 -4.32 -4.18 -5.34
C ARG B 706 -5.73 -4.78 -5.31
N PHE B 707 -5.87 -6.01 -5.81
CA PHE B 707 -7.20 -6.61 -5.94
C PHE B 707 -7.79 -6.95 -4.58
N ARG B 708 -6.99 -7.52 -3.68
CA ARG B 708 -7.48 -7.87 -2.35
C ARG B 708 -8.04 -6.67 -1.61
N LYS B 709 -7.54 -5.46 -1.93
CA LYS B 709 -8.00 -4.25 -1.26
C LYS B 709 -9.12 -3.53 -2.00
N MET B 710 -9.18 -3.60 -3.33
CA MET B 710 -10.19 -2.85 -4.06
C MET B 710 -11.04 -3.69 -5.01
N ASN B 711 -10.83 -5.00 -5.07
CA ASN B 711 -11.59 -5.85 -6.00
C ASN B 711 -11.98 -7.17 -5.33
N ALA B 712 -12.49 -7.08 -4.10
CA ALA B 712 -12.91 -8.28 -3.39
C ALA B 712 -13.97 -7.93 -2.35
N ARG B 713 -14.71 -8.94 -1.93
CA ARG B 713 -15.67 -8.80 -0.84
C ARG B 713 -14.90 -8.84 0.48
N GLN B 714 -15.15 -7.86 1.34
CA GLN B 714 -14.37 -7.70 2.55
C GLN B 714 -14.81 -8.71 3.61
N SER B 715 -14.45 -9.98 3.41
CA SER B 715 -14.81 -11.04 4.34
C SER B 715 -13.88 -12.22 4.10
N LYS B 716 -13.48 -12.89 5.19
CA LYS B 716 -12.54 -14.00 5.07
C LYS B 716 -13.10 -15.14 4.24
N CYS B 717 -14.42 -15.32 4.24
CA CYS B 717 -15.02 -16.47 3.57
C CYS B 717 -15.10 -16.28 2.06
N TYR B 718 -14.98 -15.05 1.55
CA TYR B 718 -15.25 -14.80 0.15
C TYR B 718 -14.14 -14.05 -0.57
N GLU B 719 -13.22 -13.45 0.19
CA GLU B 719 -12.23 -12.56 -0.42
C GLU B 719 -11.31 -13.29 -1.39
N MET B 720 -10.84 -14.48 -1.02
CA MET B 720 -9.82 -15.14 -1.84
C MET B 720 -10.41 -15.64 -3.15
N GLU B 721 -11.63 -16.18 -3.11
CA GLU B 721 -12.31 -16.59 -4.32
C GLU B 721 -12.47 -15.42 -5.29
N ASP B 722 -12.92 -14.27 -4.77
CA ASP B 722 -13.11 -13.10 -5.60
C ASP B 722 -11.78 -12.62 -6.20
N VAL B 723 -10.72 -12.57 -5.39
CA VAL B 723 -9.43 -12.13 -5.90
C VAL B 723 -8.94 -13.07 -6.99
N LEU B 724 -9.06 -14.39 -6.76
CA LEU B 724 -8.59 -15.36 -7.74
C LEU B 724 -9.36 -15.23 -9.04
N LYS B 725 -10.69 -15.10 -8.97
CA LYS B 725 -11.49 -14.98 -10.19
C LYS B 725 -11.16 -13.70 -10.94
N HIS B 726 -11.04 -12.58 -10.21
CA HIS B 726 -10.75 -11.31 -10.86
C HIS B 726 -9.37 -11.33 -11.51
N HIS B 727 -8.39 -11.96 -10.86
CA HIS B 727 -7.05 -12.04 -11.43
C HIS B 727 -7.02 -12.94 -12.65
N TRP B 728 -7.76 -14.05 -12.60
CA TRP B 728 -7.86 -14.91 -13.78
C TRP B 728 -8.50 -14.17 -14.95
N LEU B 729 -9.53 -13.37 -14.68
CA LEU B 729 -10.14 -12.57 -15.74
C LEU B 729 -9.16 -11.53 -16.28
N TYR B 730 -8.39 -10.91 -15.38
CA TYR B 730 -7.44 -9.88 -15.81
C TYR B 730 -6.31 -10.46 -16.64
N THR B 731 -5.93 -11.71 -16.39
CA THR B 731 -4.82 -12.31 -17.11
C THR B 731 -5.23 -12.80 -18.49
N SER B 732 -6.52 -13.04 -18.69
CA SER B 732 -7.03 -13.60 -19.94
C SER B 732 -6.63 -12.74 -21.14
N LYS B 733 -6.02 -13.38 -22.14
CA LYS B 733 -5.59 -12.67 -23.33
C LYS B 733 -6.75 -12.39 -24.28
N TYR B 734 -7.83 -13.17 -24.18
CA TYR B 734 -8.98 -12.97 -25.04
C TYR B 734 -9.58 -11.58 -24.85
N LEU B 735 -9.70 -11.14 -23.60
CA LEU B 735 -10.14 -9.79 -23.32
C LEU B 735 -9.09 -8.75 -23.68
N GLN B 736 -7.82 -9.13 -23.65
CA GLN B 736 -6.75 -8.18 -23.98
C GLN B 736 -6.71 -7.88 -25.47
N LYS B 737 -7.12 -8.85 -26.30
CA LYS B 737 -7.12 -8.63 -27.74
C LYS B 737 -8.09 -7.52 -28.13
N PHE B 738 -9.13 -7.29 -27.34
CA PHE B 738 -10.08 -6.22 -27.64
C PHE B 738 -9.54 -4.83 -27.32
N MET B 739 -8.29 -4.71 -26.89
CA MET B 739 -7.71 -3.42 -26.56
C MET B 739 -6.81 -2.87 -27.64
N ASN B 740 -6.24 -3.72 -28.50
CA ASN B 740 -5.41 -3.28 -29.61
C ASN B 740 -6.25 -3.08 -30.87
N ALA B 741 -7.27 -2.24 -30.73
CA ALA B 741 -8.22 -1.98 -31.80
C ALA B 741 -7.70 -0.97 -32.81
N HIS B 742 -6.42 -0.61 -32.77
CA HIS B 742 -5.86 0.32 -33.73
C HIS B 742 -5.24 -0.39 -34.93
N ASN B 743 -4.69 -1.58 -34.72
CA ASN B 743 -4.06 -2.33 -35.80
C ASN B 743 -4.94 -3.50 -36.22
N PRO G 9 -13.55 -1.33 -66.53
CA PRO G 9 -13.91 -2.29 -65.48
C PRO G 9 -15.42 -2.42 -65.30
N ARG G 10 -16.03 -3.36 -66.00
CA ARG G 10 -17.46 -3.59 -65.94
C ARG G 10 -17.74 -5.04 -66.29
N GLY G 11 -19.01 -5.37 -66.52
CA GLY G 11 -19.43 -6.70 -66.84
C GLY G 11 -19.36 -7.01 -68.33
N LYS G 12 -20.03 -8.09 -68.71
CA LYS G 12 -20.05 -8.54 -70.10
C LYS G 12 -21.40 -9.19 -70.39
N MET G 13 -21.57 -9.63 -71.63
CA MET G 13 -22.80 -10.26 -72.08
C MET G 13 -22.67 -11.77 -72.01
N SER G 14 -23.66 -12.49 -72.55
CA SER G 14 -23.67 -13.95 -72.57
C SER G 14 -24.29 -14.40 -73.89
N SER G 15 -24.44 -15.71 -74.03
CA SER G 15 -25.05 -16.29 -75.21
C SER G 15 -26.47 -15.75 -75.38
N TYR G 16 -27.25 -15.83 -74.30
CA TYR G 16 -28.61 -15.29 -74.33
C TYR G 16 -28.61 -13.79 -74.60
N ALA G 17 -27.53 -13.10 -74.21
CA ALA G 17 -27.52 -11.64 -74.27
C ALA G 17 -27.27 -11.12 -75.68
N PHE G 18 -26.35 -11.74 -76.41
CA PHE G 18 -26.05 -11.25 -77.76
C PHE G 18 -26.92 -11.94 -78.82
N PHE G 19 -28.19 -12.03 -78.52
CA PHE G 19 -29.32 -12.13 -79.43
C PHE G 19 -30.41 -11.14 -79.04
N VAL G 20 -30.59 -10.91 -77.74
CA VAL G 20 -31.36 -9.78 -77.25
C VAL G 20 -30.74 -8.48 -77.73
N GLN G 21 -29.41 -8.44 -77.89
CA GLN G 21 -28.76 -7.25 -78.44
C GLN G 21 -29.12 -7.06 -79.91
N THR G 22 -29.20 -8.16 -80.68
CA THR G 22 -29.63 -8.06 -82.07
C THR G 22 -31.08 -7.61 -82.15
N CYS G 23 -31.94 -8.13 -81.27
CA CYS G 23 -33.32 -7.67 -81.22
C CYS G 23 -33.40 -6.20 -80.81
N ARG G 24 -32.48 -5.75 -79.95
CA ARG G 24 -32.43 -4.35 -79.58
C ARG G 24 -32.08 -3.49 -80.78
N GLU G 25 -31.05 -3.88 -81.53
CA GLU G 25 -30.71 -3.19 -82.77
C GLU G 25 -31.90 -3.19 -83.72
N GLU G 26 -32.63 -4.29 -83.80
CA GLU G 26 -33.76 -4.39 -84.73
C GLU G 26 -34.87 -3.41 -84.35
N HIS G 27 -35.30 -3.44 -83.08
CA HIS G 27 -36.44 -2.60 -82.72
C HIS G 27 -36.01 -1.16 -82.44
N LYS G 28 -34.71 -0.89 -82.46
CA LYS G 28 -34.21 0.48 -82.44
C LYS G 28 -33.97 1.02 -83.83
N LYS G 29 -33.86 0.15 -84.83
CA LYS G 29 -33.77 0.58 -86.22
C LYS G 29 -35.12 0.65 -86.92
N LYS G 30 -36.12 -0.11 -86.45
CA LYS G 30 -37.44 -0.02 -87.04
C LYS G 30 -38.07 1.34 -86.79
N HIS G 31 -37.72 1.98 -85.68
CA HIS G 31 -38.21 3.32 -85.36
C HIS G 31 -37.27 3.96 -84.33
N PRO G 32 -36.19 4.60 -84.77
CA PRO G 32 -35.23 5.17 -83.81
C PRO G 32 -35.69 6.48 -83.21
N ASP G 33 -36.95 6.56 -82.78
CA ASP G 33 -37.45 7.76 -82.13
C ASP G 33 -38.41 7.46 -80.98
N ALA G 34 -38.66 6.19 -80.67
CA ALA G 34 -39.62 5.82 -79.62
C ALA G 34 -39.07 4.69 -78.75
N SER G 35 -37.80 4.79 -78.36
CA SER G 35 -37.19 3.82 -77.46
C SER G 35 -37.47 4.25 -76.02
N VAL G 36 -38.76 4.25 -75.67
CA VAL G 36 -39.23 4.73 -74.38
C VAL G 36 -39.78 3.61 -73.52
N ASN G 37 -40.43 2.62 -74.13
CA ASN G 37 -41.11 1.56 -73.40
C ASN G 37 -40.31 0.27 -73.46
N PHE G 38 -40.29 -0.45 -72.34
CA PHE G 38 -39.63 -1.75 -72.26
C PHE G 38 -40.62 -2.91 -72.21
N SER G 39 -41.86 -2.66 -71.78
CA SER G 39 -42.86 -3.72 -71.70
C SER G 39 -43.14 -4.34 -73.06
N GLU G 40 -43.18 -3.50 -74.11
CA GLU G 40 -43.36 -4.01 -75.45
C GLU G 40 -42.19 -4.91 -75.86
N PHE G 41 -40.97 -4.46 -75.58
CA PHE G 41 -39.80 -5.29 -75.83
C PHE G 41 -39.75 -6.49 -74.89
N SER G 42 -40.33 -6.36 -73.69
CA SER G 42 -40.40 -7.49 -72.77
C SER G 42 -41.32 -8.59 -73.32
N LYS G 43 -42.31 -8.21 -74.11
CA LYS G 43 -43.19 -9.16 -74.78
C LYS G 43 -42.79 -9.39 -76.23
N LYS G 44 -41.60 -8.95 -76.63
CA LYS G 44 -41.11 -9.12 -78.00
C LYS G 44 -40.16 -10.32 -78.10
N CYS G 45 -39.16 -10.39 -77.22
CA CYS G 45 -38.25 -11.52 -77.22
C CYS G 45 -38.90 -12.81 -76.75
N SER G 46 -40.12 -12.75 -76.20
CA SER G 46 -40.81 -13.97 -75.82
C SER G 46 -41.10 -14.85 -77.03
N GLU G 47 -41.29 -14.24 -78.20
CA GLU G 47 -41.45 -14.99 -79.44
C GLU G 47 -40.13 -15.23 -80.16
N ARG G 48 -39.17 -14.32 -79.98
CA ARG G 48 -37.86 -14.48 -80.61
C ARG G 48 -37.06 -15.62 -79.99
N TRP G 49 -37.44 -16.09 -78.81
CA TRP G 49 -36.77 -17.22 -78.16
C TRP G 49 -37.66 -18.45 -78.11
N LYS G 50 -38.81 -18.43 -78.75
CA LYS G 50 -39.72 -19.57 -78.75
C LYS G 50 -39.30 -20.62 -79.76
N LYS G 55 -32.17 -21.83 -83.99
CA LYS G 55 -32.28 -21.21 -85.30
C LYS G 55 -31.84 -19.75 -85.25
N GLU G 56 -30.91 -19.38 -86.14
CA GLU G 56 -30.38 -18.02 -86.23
C GLU G 56 -29.77 -17.56 -84.91
N LYS G 57 -29.15 -18.49 -84.18
CA LYS G 57 -28.54 -18.17 -82.90
C LYS G 57 -27.07 -18.58 -82.79
N GLY G 58 -26.60 -19.54 -83.58
CA GLY G 58 -25.21 -19.97 -83.49
C GLY G 58 -24.27 -18.86 -83.96
N LYS G 59 -24.59 -18.21 -85.08
CA LYS G 59 -23.77 -17.11 -85.57
C LYS G 59 -23.73 -15.93 -84.62
N PHE G 60 -24.66 -15.85 -83.68
CA PHE G 60 -24.67 -14.82 -82.64
C PHE G 60 -24.11 -15.31 -81.32
N GLU G 61 -24.38 -16.57 -80.96
CA GLU G 61 -23.75 -17.15 -79.79
C GLU G 61 -22.23 -17.20 -79.95
N ASP G 62 -21.74 -17.27 -81.19
CA ASP G 62 -20.30 -17.24 -81.42
C ASP G 62 -19.70 -15.91 -80.95
N MET G 63 -20.25 -14.80 -81.42
CA MET G 63 -19.74 -13.50 -80.99
C MET G 63 -20.06 -13.23 -79.53
N ALA G 64 -21.09 -13.89 -79.00
CA ALA G 64 -21.39 -13.77 -77.57
C ALA G 64 -20.30 -14.41 -76.73
N LYS G 65 -19.96 -15.65 -77.07
CA LYS G 65 -18.91 -16.37 -76.35
C LYS G 65 -17.53 -15.76 -76.60
N ALA G 66 -17.37 -15.07 -77.73
CA ALA G 66 -16.08 -14.46 -78.04
C ALA G 66 -15.63 -13.48 -76.96
N ASP G 67 -16.55 -13.03 -76.10
CA ASP G 67 -16.22 -12.11 -75.02
C ASP G 67 -15.99 -12.84 -73.70
N LYS G 68 -15.97 -14.18 -73.73
CA LYS G 68 -15.72 -14.94 -72.51
C LYS G 68 -14.29 -14.75 -72.03
N ALA G 69 -13.31 -15.09 -72.88
CA ALA G 69 -11.92 -14.90 -72.53
C ALA G 69 -11.52 -13.43 -72.61
N ARG G 70 -12.25 -12.64 -73.40
CA ARG G 70 -11.92 -11.22 -73.55
C ARG G 70 -12.23 -10.45 -72.26
N TYR G 71 -13.43 -10.61 -71.73
CA TYR G 71 -13.81 -9.91 -70.51
C TYR G 71 -13.04 -10.41 -69.29
N GLU G 72 -12.49 -11.62 -69.35
CA GLU G 72 -11.70 -12.16 -68.26
C GLU G 72 -10.31 -11.56 -68.16
N ARG G 73 -10.01 -10.62 -69.06
CA ARG G 73 -8.70 -9.97 -69.07
C ARG G 73 -8.76 -8.51 -68.64
N GLU G 74 -9.85 -8.13 -67.97
CA GLU G 74 -10.01 -6.75 -67.50
C GLU G 74 -10.93 -6.70 -66.28
N LYS G 86 -16.90 5.46 -44.78
CA LYS G 86 -16.35 5.97 -43.53
C LYS G 86 -17.47 6.47 -42.62
N LYS G 87 -17.35 6.14 -41.34
CA LYS G 87 -18.35 6.53 -40.35
C LYS G 87 -18.03 7.93 -39.81
N LYS G 88 -19.03 8.81 -39.84
CA LYS G 88 -18.88 10.18 -39.38
C LYS G 88 -20.15 10.56 -38.60
N PHE G 89 -20.31 11.86 -38.34
CA PHE G 89 -21.49 12.34 -37.65
C PHE G 89 -22.75 12.08 -38.46
N LYS G 90 -23.88 12.06 -37.76
CA LYS G 90 -25.19 11.79 -38.37
C LYS G 90 -26.14 12.92 -37.98
N ASP G 91 -26.09 14.00 -38.75
CA ASP G 91 -26.93 15.18 -38.59
C ASP G 91 -27.19 15.67 -37.17
N PRO G 92 -26.14 16.06 -36.44
CA PRO G 92 -26.37 16.59 -35.09
C PRO G 92 -27.01 17.97 -35.13
N ASN G 93 -27.13 18.61 -33.96
CA ASN G 93 -27.54 20.00 -33.93
C ASN G 93 -26.53 20.85 -34.71
N ALA G 94 -26.91 22.09 -35.00
CA ALA G 94 -26.03 22.86 -35.86
C ALA G 94 -25.44 24.12 -35.20
N PRO G 95 -24.86 24.04 -33.99
CA PRO G 95 -23.87 25.08 -33.63
C PRO G 95 -22.48 24.63 -34.05
N LYS G 96 -22.22 24.67 -35.35
CA LYS G 96 -21.00 24.10 -35.93
C LYS G 96 -20.33 25.10 -36.85
N ARG G 97 -19.01 25.23 -36.72
CA ARG G 97 -18.12 25.89 -37.69
C ARG G 97 -18.63 27.26 -38.13
N PRO G 98 -18.51 28.29 -37.30
CA PRO G 98 -18.89 29.62 -37.74
C PRO G 98 -18.02 30.05 -38.91
N PRO G 99 -18.58 30.84 -39.83
CA PRO G 99 -17.83 31.20 -41.04
C PRO G 99 -16.63 32.08 -40.73
N SER G 100 -15.67 32.05 -41.64
CA SER G 100 -14.41 32.76 -41.50
C SER G 100 -14.37 33.97 -42.43
N ALA G 101 -13.28 34.75 -42.30
CA ALA G 101 -13.10 35.92 -43.15
C ALA G 101 -12.96 35.51 -44.61
N PHE G 102 -12.12 34.52 -44.89
CA PHE G 102 -11.99 34.01 -46.24
C PHE G 102 -13.30 33.45 -46.76
N PHE G 103 -14.11 32.85 -45.88
CA PHE G 103 -15.41 32.35 -46.30
C PHE G 103 -16.35 33.47 -46.70
N LEU G 104 -16.33 34.58 -45.95
CA LEU G 104 -17.14 35.73 -46.32
C LEU G 104 -16.66 36.33 -47.64
N PHE G 105 -15.34 36.42 -47.82
CA PHE G 105 -14.79 36.92 -49.08
C PHE G 105 -15.23 36.07 -50.25
N CYS G 106 -15.20 34.75 -50.08
CA CYS G 106 -15.67 33.85 -51.13
C CYS G 106 -17.16 34.04 -51.39
N SER G 107 -17.98 34.01 -50.34
CA SER G 107 -19.42 34.12 -50.51
C SER G 107 -19.81 35.46 -51.14
N GLU G 108 -18.97 36.48 -51.00
CA GLU G 108 -19.28 37.80 -51.55
C GLU G 108 -18.65 38.05 -52.91
N TYR G 109 -17.64 37.29 -53.31
CA TYR G 109 -16.96 37.57 -54.57
C TYR G 109 -16.91 36.42 -55.56
N ARG G 110 -17.42 35.24 -55.23
CA ARG G 110 -17.54 34.17 -56.23
C ARG G 110 -18.60 34.44 -57.28
N PRO G 111 -19.83 34.88 -56.93
CA PRO G 111 -20.81 35.14 -57.99
C PRO G 111 -20.41 36.25 -58.94
N LYS G 112 -19.56 37.19 -58.50
CA LYS G 112 -19.04 38.22 -59.39
C LYS G 112 -18.29 37.59 -60.57
N ILE G 113 -17.26 36.80 -60.26
CA ILE G 113 -16.50 36.13 -61.31
C ILE G 113 -17.33 35.07 -62.02
N LYS G 114 -18.35 34.53 -61.36
CA LYS G 114 -19.22 33.56 -62.01
C LYS G 114 -20.06 34.21 -63.11
N GLY G 115 -20.70 35.33 -62.81
CA GLY G 115 -21.42 36.06 -63.83
C GLY G 115 -20.51 36.68 -64.86
N GLU G 116 -19.28 37.04 -64.47
CA GLU G 116 -18.33 37.58 -65.45
C GLU G 116 -17.72 36.47 -66.29
N HIS G 117 -17.55 35.27 -65.73
CA HIS G 117 -16.98 34.14 -66.46
C HIS G 117 -17.63 32.86 -65.94
N PRO G 118 -18.66 32.37 -66.64
CA PRO G 118 -19.35 31.18 -66.15
C PRO G 118 -18.54 29.90 -66.31
N GLY G 119 -17.60 29.86 -67.25
CA GLY G 119 -16.82 28.66 -67.48
C GLY G 119 -15.85 28.31 -66.37
N LEU G 120 -15.64 29.22 -65.42
CA LEU G 120 -14.69 28.98 -64.33
C LEU G 120 -15.31 28.03 -63.31
N SER G 121 -14.95 26.75 -63.39
CA SER G 121 -15.31 25.83 -62.32
C SER G 121 -14.62 26.26 -61.02
N ILE G 122 -15.27 25.97 -59.90
CA ILE G 122 -14.80 26.52 -58.63
C ILE G 122 -13.45 25.99 -58.20
N GLY G 123 -12.90 24.99 -58.92
CA GLY G 123 -11.49 24.67 -58.73
C GLY G 123 -10.62 25.82 -59.22
N ASP G 124 -10.70 26.13 -60.52
CA ASP G 124 -9.95 27.26 -61.06
C ASP G 124 -10.50 28.58 -60.55
N VAL G 125 -11.82 28.69 -60.39
CA VAL G 125 -12.42 29.91 -59.88
C VAL G 125 -11.97 30.17 -58.44
N ALA G 126 -11.85 29.10 -57.64
CA ALA G 126 -11.42 29.26 -56.26
C ALA G 126 -9.93 29.56 -56.19
N LYS G 127 -9.13 28.96 -57.08
CA LYS G 127 -7.72 29.35 -57.17
C LYS G 127 -7.60 30.82 -57.52
N LYS G 128 -8.44 31.31 -58.43
CA LYS G 128 -8.40 32.72 -58.82
C LYS G 128 -8.81 33.63 -57.67
N LEU G 129 -9.88 33.26 -56.97
CA LEU G 129 -10.37 34.03 -55.85
C LEU G 129 -9.35 34.05 -54.71
N GLY G 130 -8.60 32.96 -54.58
CA GLY G 130 -7.59 32.85 -53.54
C GLY G 130 -6.37 33.71 -53.86
N GLU G 131 -5.86 33.60 -55.10
CA GLU G 131 -4.76 34.47 -55.50
C GLU G 131 -5.17 35.93 -55.53
N MET G 132 -6.47 36.22 -55.67
CA MET G 132 -6.96 37.57 -55.46
C MET G 132 -6.88 37.96 -54.00
N TRP G 133 -7.32 37.06 -53.11
CA TRP G 133 -7.20 37.32 -51.67
C TRP G 133 -5.74 37.33 -51.23
N ASN G 134 -4.88 36.60 -51.93
CA ASN G 134 -3.45 36.59 -51.62
C ASN G 134 -2.72 37.82 -52.13
N ASN G 135 -3.42 38.80 -52.69
CA ASN G 135 -2.79 40.02 -53.18
C ASN G 135 -3.35 41.24 -52.48
N THR G 136 -4.60 41.15 -52.03
CA THR G 136 -5.24 42.25 -51.31
C THR G 136 -4.74 42.28 -49.88
N ALA G 137 -4.18 43.42 -49.47
CA ALA G 137 -3.68 43.56 -48.11
C ALA G 137 -4.84 43.56 -47.12
N ALA G 138 -4.54 43.09 -45.90
CA ALA G 138 -5.55 43.02 -44.86
C ALA G 138 -5.97 44.41 -44.40
N LYS G 141 -10.50 43.93 -43.75
CA LYS G 141 -10.08 43.48 -42.42
C LYS G 141 -11.22 43.55 -41.42
N GLN G 142 -11.63 44.78 -41.09
CA GLN G 142 -12.71 44.97 -40.12
C GLN G 142 -14.04 44.37 -40.54
N PRO G 143 -14.52 44.54 -41.79
CA PRO G 143 -15.77 43.86 -42.15
C PRO G 143 -15.67 42.34 -42.13
N TYR G 144 -14.46 41.79 -42.22
CA TYR G 144 -14.29 40.34 -42.23
C TYR G 144 -13.92 39.81 -40.84
N GLU G 145 -12.82 40.31 -40.29
CA GLU G 145 -12.28 39.74 -39.05
C GLU G 145 -13.12 40.08 -37.83
N LYS G 146 -13.57 41.32 -37.72
CA LYS G 146 -14.41 41.69 -36.58
C LYS G 146 -15.76 40.97 -36.65
N LYS G 147 -16.32 40.84 -37.85
CA LYS G 147 -17.57 40.11 -38.01
C LYS G 147 -17.39 38.64 -37.66
N ALA G 148 -16.27 38.04 -38.09
CA ALA G 148 -16.00 36.65 -37.74
C ALA G 148 -15.81 36.48 -36.24
N ALA G 149 -15.18 37.46 -35.59
CA ALA G 149 -15.01 37.39 -34.14
C ALA G 149 -16.34 37.49 -33.42
N LYS G 150 -17.23 38.38 -33.87
CA LYS G 150 -18.56 38.48 -33.27
C LYS G 150 -19.35 37.19 -33.50
N LEU G 151 -19.23 36.60 -34.69
CA LEU G 151 -19.90 35.34 -34.97
C LEU G 151 -19.37 34.23 -34.07
N LYS G 152 -18.07 34.19 -33.84
CA LYS G 152 -17.49 33.20 -32.94
C LYS G 152 -17.92 33.43 -31.50
N GLU G 153 -18.07 34.69 -31.10
CA GLU G 153 -18.55 35.00 -29.75
C GLU G 153 -19.98 34.51 -29.56
N LYS G 154 -20.86 34.78 -30.53
CA LYS G 154 -22.21 34.23 -30.47
C LYS G 154 -22.20 32.71 -30.60
N TYR G 155 -21.18 32.16 -31.24
CA TYR G 155 -21.05 30.71 -31.40
C TYR G 155 -20.76 30.04 -30.06
N GLU G 156 -19.80 30.58 -29.31
CA GLU G 156 -19.43 29.97 -28.04
C GLU G 156 -20.60 30.03 -27.04
N LYS G 157 -21.39 31.09 -27.10
CA LYS G 157 -22.52 31.23 -26.19
C LYS G 157 -23.65 30.28 -26.57
N ASP G 158 -24.18 30.42 -27.78
CA ASP G 158 -25.28 29.57 -28.26
C ASP G 158 -24.79 28.16 -28.55
N MET I 1 -2.65 -33.83 41.77
CA MET I 1 -3.64 -32.83 41.40
C MET I 1 -3.20 -31.42 41.81
N SER I 2 -2.21 -30.90 41.09
CA SER I 2 -1.69 -29.55 41.38
C SER I 2 -1.11 -28.98 40.09
N LEU I 3 -1.65 -27.84 39.65
CA LEU I 3 -1.16 -27.19 38.46
C LEU I 3 0.02 -26.27 38.80
N GLN I 4 0.81 -25.97 37.78
CA GLN I 4 1.98 -25.11 37.94
C GLN I 4 2.44 -24.64 36.57
N MET I 5 2.82 -23.37 36.48
CA MET I 5 3.29 -22.81 35.23
C MET I 5 4.69 -23.32 34.90
N VAL I 6 5.08 -23.15 33.64
CA VAL I 6 6.39 -23.56 33.16
C VAL I 6 6.96 -22.45 32.29
N THR I 7 8.16 -22.00 32.62
CA THR I 7 8.87 -20.97 31.85
C THR I 7 9.82 -21.67 30.88
N VAL I 8 9.48 -21.64 29.59
CA VAL I 8 10.25 -22.32 28.58
C VAL I 8 11.36 -21.40 28.09
N GLY I 9 12.38 -21.98 27.47
CA GLY I 9 13.50 -21.22 26.96
C GLY I 9 13.21 -20.52 25.65
N HIS I 10 14.18 -20.53 24.73
CA HIS I 10 14.04 -19.82 23.46
C HIS I 10 13.37 -20.67 22.39
N ASN I 11 13.72 -21.96 22.31
CA ASN I 11 13.22 -22.82 21.25
C ASN I 11 11.82 -23.36 21.57
N ILE I 12 10.86 -22.45 21.76
CA ILE I 12 9.48 -22.86 21.97
C ILE I 12 8.85 -23.31 20.66
N ALA I 13 9.33 -22.81 19.53
CA ALA I 13 8.72 -23.13 18.24
C ALA I 13 8.89 -24.61 17.89
N LEU I 14 9.88 -25.28 18.48
CA LEU I 14 10.12 -26.69 18.17
C LEU I 14 9.10 -27.62 18.80
N ILE I 15 8.15 -27.10 19.56
CA ILE I 15 7.09 -27.90 20.16
C ILE I 15 5.82 -27.73 19.35
N GLN I 16 5.13 -28.84 19.07
CA GLN I 16 3.92 -28.82 18.28
C GLN I 16 2.96 -29.86 18.84
N PRO I 17 1.65 -29.69 18.63
CA PRO I 17 0.69 -30.70 19.10
C PRO I 17 0.89 -32.06 18.44
N GLY I 18 1.30 -33.05 19.22
CA GLY I 18 1.52 -34.38 18.69
C GLY I 18 2.89 -34.93 19.00
N PHE I 19 3.58 -34.31 19.95
CA PHE I 19 4.92 -34.75 20.33
C PHE I 19 4.82 -36.03 21.16
N SER I 20 5.96 -36.52 21.65
CA SER I 20 5.98 -37.75 22.43
C SER I 20 7.13 -37.64 23.43
N LEU I 21 6.80 -37.71 24.72
CA LEU I 21 7.80 -37.62 25.78
C LEU I 21 8.18 -39.04 26.22
N MET I 22 9.20 -39.58 25.58
CA MET I 22 9.72 -40.88 25.98
C MET I 22 10.60 -40.74 27.23
N ASN I 23 10.58 -41.79 28.05
CA ASN I 23 11.26 -41.78 29.35
C ASN I 23 12.31 -42.88 29.38
N PHE I 24 13.47 -42.57 29.96
CA PHE I 24 14.55 -43.54 30.11
C PHE I 24 15.26 -43.26 31.42
N ASP I 25 14.88 -44.01 32.46
CA ASP I 25 15.50 -43.94 33.78
C ASP I 25 15.43 -42.51 34.33
N GLY I 26 14.21 -42.00 34.41
CA GLY I 26 13.98 -40.68 34.97
C GLY I 26 14.31 -39.54 34.03
N GLN I 27 15.11 -39.81 33.01
CA GLN I 27 15.50 -38.80 32.03
C GLN I 27 14.45 -38.76 30.92
N VAL I 28 13.49 -37.87 31.05
CA VAL I 28 12.45 -37.71 30.04
C VAL I 28 13.07 -37.10 28.79
N PHE I 29 12.71 -37.65 27.63
CA PHE I 29 13.28 -37.24 26.36
C PHE I 29 12.19 -36.79 25.41
N PHE I 30 12.54 -35.83 24.55
CA PHE I 30 11.59 -35.24 23.61
C PHE I 30 11.71 -35.89 22.24
N PHE I 31 10.62 -35.80 21.47
CA PHE I 31 10.58 -36.34 20.13
C PHE I 31 9.45 -35.67 19.37
N GLY I 32 9.57 -35.69 18.03
CA GLY I 32 8.55 -35.13 17.18
C GLY I 32 8.47 -33.62 17.21
N GLN I 33 9.50 -32.95 16.69
CA GLN I 33 9.51 -31.50 16.64
C GLN I 33 8.87 -31.00 15.35
N LYS I 34 8.56 -29.71 15.34
CA LYS I 34 7.93 -29.10 14.17
C LYS I 34 8.94 -28.92 13.06
N GLY I 35 8.53 -29.26 11.84
CA GLY I 35 9.39 -29.12 10.68
C GLY I 35 10.56 -30.08 10.67
N TRP I 36 11.35 -30.05 9.60
CA TRP I 36 12.50 -30.92 9.50
C TRP I 36 13.61 -30.41 10.43
N PRO I 37 14.47 -31.31 10.90
CA PRO I 37 15.51 -30.89 11.86
C PRO I 37 16.54 -29.96 11.22
N LYS I 38 16.87 -28.90 11.94
CA LYS I 38 17.86 -27.93 11.50
C LYS I 38 19.26 -28.44 11.82
N ARG I 39 20.25 -27.57 11.67
CA ARG I 39 21.64 -27.95 11.96
C ARG I 39 21.98 -27.83 13.44
N SER I 40 21.07 -27.33 14.28
CA SER I 40 21.32 -27.33 15.71
C SER I 40 21.24 -28.73 16.30
N CYS I 41 20.42 -29.60 15.72
CA CYS I 41 20.31 -30.99 16.17
C CYS I 41 19.84 -31.83 15.00
N PRO I 42 20.76 -32.45 14.26
CA PRO I 42 20.35 -33.27 13.12
C PRO I 42 19.55 -34.50 13.50
N THR I 43 19.50 -34.87 14.79
CA THR I 43 18.75 -36.05 15.20
C THR I 43 17.31 -35.73 15.59
N GLY I 44 17.05 -34.52 16.08
CA GLY I 44 15.70 -34.17 16.47
C GLY I 44 15.23 -34.76 17.77
N VAL I 45 16.12 -35.32 18.57
CA VAL I 45 15.79 -35.89 19.86
C VAL I 45 16.41 -35.01 20.94
N PHE I 46 15.57 -34.48 21.83
CA PHE I 46 15.97 -33.50 22.82
C PHE I 46 15.85 -34.07 24.22
N HIS I 47 16.68 -33.57 25.12
CA HIS I 47 16.68 -34.03 26.51
C HIS I 47 15.86 -33.09 27.40
N PHE I 48 14.67 -33.53 27.78
CA PHE I 48 13.78 -32.73 28.63
C PHE I 48 14.43 -32.47 29.99
N ASP I 49 14.21 -31.28 30.53
CA ASP I 49 14.77 -30.91 31.83
C ASP I 49 13.97 -29.78 32.47
N ILE I 50 13.33 -30.08 33.60
CA ILE I 50 12.54 -29.09 34.32
C ILE I 50 13.20 -28.86 35.67
N LYS I 51 13.65 -27.62 35.89
CA LYS I 51 14.27 -27.24 37.15
C LYS I 51 13.76 -25.85 37.54
N GLN I 52 13.30 -25.73 38.78
CA GLN I 52 12.74 -24.48 39.30
C GLN I 52 11.61 -23.97 38.43
N ASN I 53 10.77 -24.90 37.96
CA ASN I 53 9.64 -24.60 37.09
C ASN I 53 10.08 -23.93 35.79
N HIS I 54 11.30 -24.25 35.34
CA HIS I 54 11.84 -23.73 34.10
C HIS I 54 12.24 -24.89 33.20
N LEU I 55 12.01 -24.72 31.90
CA LEU I 55 12.25 -25.76 30.91
C LEU I 55 13.43 -25.39 30.02
N LYS I 56 14.23 -26.40 29.71
CA LYS I 56 15.35 -26.25 28.78
C LYS I 56 15.37 -27.44 27.84
N LEU I 57 15.91 -27.21 26.64
CA LEU I 57 16.00 -28.23 25.62
C LEU I 57 17.42 -28.24 25.04
N LYS I 58 18.05 -29.40 25.07
CA LYS I 58 19.41 -29.58 24.55
C LYS I 58 19.42 -30.76 23.58
N PRO I 59 20.30 -30.72 22.58
CA PRO I 59 20.31 -31.81 21.59
C PRO I 59 20.81 -33.14 22.12
N ALA I 60 20.76 -34.17 21.27
CA ALA I 60 21.27 -35.49 21.60
C ALA I 60 21.60 -36.20 20.29
N ILE I 61 22.59 -37.09 20.36
CA ILE I 61 23.10 -37.76 19.16
C ILE I 61 22.76 -39.24 19.22
N PHE I 62 23.02 -39.94 18.12
CA PHE I 62 22.79 -41.38 18.01
C PHE I 62 24.13 -42.11 17.94
N SER I 63 24.05 -43.44 17.84
CA SER I 63 25.23 -44.28 17.77
C SER I 63 25.79 -44.29 16.34
N LYS I 64 26.86 -45.03 16.14
CA LYS I 64 27.51 -45.13 14.84
C LYS I 64 26.79 -46.06 13.86
N ASP I 65 25.81 -46.80 14.36
CA ASP I 65 25.04 -47.73 13.52
C ASP I 65 23.55 -47.57 13.77
N SER I 66 23.09 -46.32 13.81
CA SER I 66 21.69 -46.00 14.00
C SER I 66 21.06 -45.62 12.66
N CYS I 67 19.79 -45.24 12.70
CA CYS I 67 19.03 -44.85 11.51
C CYS I 67 18.29 -43.57 11.82
N TYR I 68 18.67 -42.48 11.14
CA TYR I 68 18.03 -41.19 11.36
C TYR I 68 16.59 -41.21 10.85
N LEU I 69 15.63 -41.26 11.78
CA LEU I 69 14.22 -41.36 11.46
C LEU I 69 13.59 -39.97 11.35
N PRO I 70 12.56 -39.82 10.53
CA PRO I 70 11.89 -38.53 10.40
C PRO I 70 11.01 -38.26 11.61
N PRO I 71 10.87 -37.00 12.01
CA PRO I 71 10.03 -36.67 13.17
C PRO I 71 8.56 -36.89 12.85
N LEU I 72 7.93 -37.80 13.60
CA LEU I 72 6.53 -38.12 13.40
C LEU I 72 5.66 -37.17 14.21
N ARG I 73 4.34 -37.26 14.01
CA ARG I 73 3.40 -36.40 14.73
C ARG I 73 2.28 -37.15 15.43
N TYR I 74 1.98 -38.39 15.06
CA TYR I 74 1.01 -39.18 15.81
C TYR I 74 1.40 -40.66 15.80
N PRO I 75 2.50 -41.04 16.44
CA PRO I 75 2.92 -42.44 16.45
C PRO I 75 2.20 -43.21 17.54
N ALA I 76 2.59 -44.47 17.70
CA ALA I 76 2.11 -45.34 18.76
C ALA I 76 3.29 -45.72 19.64
N THR I 77 3.32 -45.19 20.86
CA THR I 77 4.43 -45.39 21.78
C THR I 77 4.03 -46.37 22.86
N CYS I 78 4.91 -47.33 23.16
CA CYS I 78 4.67 -48.31 24.20
C CYS I 78 6.00 -48.74 24.80
N SER I 79 6.00 -48.98 26.11
CA SER I 79 7.20 -49.42 26.79
C SER I 79 7.46 -50.90 26.49
N TYR I 80 8.63 -51.37 26.92
CA TYR I 80 9.02 -52.76 26.71
C TYR I 80 10.13 -53.11 27.68
N LYS I 81 10.14 -54.36 28.11
CA LYS I 81 11.15 -54.84 29.06
C LYS I 81 11.90 -56.03 28.49
N LYS I 88 17.58 -53.82 28.96
CA LYS I 88 16.99 -53.95 27.64
C LYS I 88 15.73 -53.10 27.51
N HIS I 89 15.59 -52.13 28.42
CA HIS I 89 14.44 -51.24 28.39
C HIS I 89 14.44 -50.41 27.12
N GLN I 90 13.38 -50.56 26.31
CA GLN I 90 13.32 -49.91 25.02
C GLN I 90 11.86 -49.60 24.69
N TYR I 91 11.69 -48.74 23.69
CA TYR I 91 10.38 -48.30 23.23
C TYR I 91 10.13 -48.76 21.79
N ILE I 92 8.87 -48.68 21.38
CA ILE I 92 8.47 -49.05 20.03
C ILE I 92 7.73 -47.88 19.41
N ILE I 93 8.12 -47.52 18.18
CA ILE I 93 7.49 -46.44 17.44
C ILE I 93 6.90 -47.01 16.16
N HIS I 94 5.63 -46.72 15.92
CA HIS I 94 4.94 -47.21 14.74
C HIS I 94 3.94 -46.16 14.27
N GLY I 95 3.74 -46.13 12.95
CA GLY I 95 2.81 -45.19 12.35
C GLY I 95 3.38 -43.79 12.24
N GLY I 96 2.63 -42.80 12.71
CA GLY I 96 3.08 -41.42 12.68
C GLY I 96 2.72 -40.72 11.39
N LYS I 97 2.94 -39.40 11.40
CA LYS I 97 2.67 -38.56 10.25
C LYS I 97 3.86 -37.63 10.01
N THR I 98 4.62 -37.91 8.95
CA THR I 98 5.81 -37.13 8.63
C THR I 98 5.42 -35.69 8.29
N PRO I 99 6.38 -34.75 8.34
CA PRO I 99 6.07 -33.36 8.01
C PRO I 99 5.63 -33.14 6.57
N ASN I 100 5.69 -34.18 5.73
CA ASN I 100 5.19 -34.13 4.37
C ASN I 100 3.86 -34.86 4.22
N ASN I 101 3.16 -35.11 5.34
CA ASN I 101 1.88 -35.80 5.35
C ASN I 101 1.98 -37.22 4.77
N GLU I 102 3.16 -37.82 4.81
CA GLU I 102 3.37 -39.17 4.31
C GLU I 102 3.34 -40.12 5.51
N LEU I 103 2.32 -40.97 5.55
CA LEU I 103 2.16 -41.90 6.67
C LEU I 103 3.20 -43.00 6.59
N SER I 104 4.12 -43.03 7.55
CA SER I 104 5.14 -44.08 7.58
C SER I 104 4.55 -45.38 8.13
N ASP I 105 5.05 -46.49 7.60
CA ASP I 105 4.62 -47.82 7.99
C ASP I 105 5.82 -48.67 8.39
N LYS I 106 6.73 -48.09 9.16
CA LYS I 106 7.95 -48.77 9.56
C LYS I 106 8.16 -48.59 11.06
N ILE I 107 8.63 -49.64 11.71
CA ILE I 107 8.79 -49.67 13.16
C ILE I 107 10.22 -49.27 13.51
N TYR I 108 10.34 -48.24 14.34
CA TYR I 108 11.63 -47.82 14.89
C TYR I 108 11.69 -48.15 16.37
N ILE I 109 12.90 -48.45 16.84
CA ILE I 109 13.12 -48.89 18.22
C ILE I 109 14.17 -48.01 18.86
N MET I 110 13.82 -47.34 19.95
CA MET I 110 14.74 -46.49 20.68
C MET I 110 15.39 -47.28 21.81
N SER I 111 16.69 -47.06 22.00
CA SER I 111 17.44 -47.74 23.06
C SER I 111 18.72 -47.00 23.39
N VAL I 112 18.94 -46.73 24.68
CA VAL I 112 20.16 -46.06 25.11
C VAL I 112 21.32 -47.05 25.06
N ALA I 113 22.38 -46.68 24.34
CA ALA I 113 23.54 -47.53 24.16
C ALA I 113 24.78 -47.04 24.88
N CYS I 114 24.78 -45.80 25.38
CA CYS I 114 25.93 -45.25 26.06
C CYS I 114 25.51 -44.00 26.81
N LYS I 115 26.12 -43.79 27.98
CA LYS I 115 25.84 -42.60 28.78
C LYS I 115 27.05 -42.32 29.67
N ASN I 116 27.40 -41.05 29.80
CA ASN I 116 28.54 -40.64 30.63
C ASN I 116 28.38 -39.17 31.01
N ASN I 117 27.94 -38.94 32.25
CA ASN I 117 27.77 -37.59 32.79
C ASN I 117 26.80 -36.76 31.93
N LYS I 118 25.55 -37.22 31.91
CA LYS I 118 24.45 -36.54 31.24
C LYS I 118 24.68 -36.41 29.74
N LYS I 119 25.37 -37.37 29.14
CA LYS I 119 25.59 -37.40 27.70
C LYS I 119 25.22 -38.79 27.20
N VAL I 120 24.06 -38.91 26.57
CA VAL I 120 23.51 -40.20 26.17
C VAL I 120 23.74 -40.41 24.68
N THR I 121 23.52 -41.65 24.25
CA THR I 121 23.69 -42.03 22.85
C THR I 121 22.70 -43.13 22.52
N PHE I 122 21.77 -42.84 21.61
CA PHE I 122 20.65 -43.74 21.34
C PHE I 122 21.08 -44.81 20.33
N ARG I 123 20.14 -45.69 19.98
CA ARG I 123 20.35 -46.68 18.93
C ARG I 123 18.98 -46.93 18.28
N CYS I 124 18.71 -46.21 17.19
CA CYS I 124 17.41 -46.26 16.52
C CYS I 124 17.49 -47.31 15.40
N THR I 125 17.19 -48.55 15.77
CA THR I 125 17.22 -49.64 14.82
C THR I 125 16.00 -49.56 13.89
N GLU I 126 16.07 -50.31 12.79
CA GLU I 126 15.04 -50.35 11.78
C GLU I 126 14.45 -51.75 11.71
N LYS I 127 13.12 -51.85 11.71
CA LYS I 127 12.43 -53.13 11.69
C LYS I 127 11.18 -53.01 10.84
N ASP I 128 11.08 -53.87 9.82
CA ASP I 128 9.91 -53.95 8.96
C ASP I 128 9.00 -55.07 9.45
N LEU I 129 7.96 -55.37 8.68
CA LEU I 129 7.02 -56.42 9.03
C LEU I 129 6.73 -57.28 7.80
N VAL I 130 6.24 -58.49 8.06
CA VAL I 130 5.90 -59.45 7.02
C VAL I 130 4.50 -60.00 7.27
N GLY I 131 3.95 -60.65 6.25
CA GLY I 131 2.63 -61.22 6.36
C GLY I 131 1.53 -60.20 6.25
N ASP I 132 0.69 -60.11 7.29
CA ASP I 132 -0.42 -59.15 7.32
C ASP I 132 0.10 -57.82 7.87
N VAL I 133 0.82 -57.11 7.02
CA VAL I 133 1.40 -55.82 7.44
C VAL I 133 0.27 -54.81 7.62
N PRO I 134 0.34 -53.91 8.61
CA PRO I 134 -0.74 -52.94 8.80
C PRO I 134 -0.65 -51.81 7.79
N GLU I 135 -1.82 -51.30 7.41
CA GLU I 135 -1.87 -50.11 6.58
C GLU I 135 -1.27 -48.93 7.35
N PRO I 136 -0.43 -48.11 6.71
CA PRO I 136 0.11 -46.95 7.42
C PRO I 136 -0.99 -46.01 7.88
N ARG I 137 -0.96 -45.68 9.17
CA ARG I 137 -2.05 -44.97 9.81
C ARG I 137 -1.48 -44.22 11.01
N TYR I 138 -2.37 -43.54 11.73
CA TYR I 138 -1.99 -42.79 12.92
C TYR I 138 -3.18 -42.78 13.87
N GLY I 139 -3.00 -42.12 15.02
CA GLY I 139 -4.07 -42.06 16.01
C GLY I 139 -4.46 -43.40 16.58
N HIS I 140 -3.55 -44.37 16.57
CA HIS I 140 -3.81 -45.71 17.06
C HIS I 140 -2.89 -45.99 18.25
N SER I 141 -2.92 -47.23 18.74
CA SER I 141 -2.14 -47.64 19.89
C SER I 141 -1.62 -49.05 19.70
N ILE I 142 -0.52 -49.35 20.39
CA ILE I 142 0.08 -50.67 20.39
C ILE I 142 0.55 -50.98 21.80
N ASP I 143 0.41 -52.24 22.21
CA ASP I 143 0.76 -52.65 23.56
C ASP I 143 1.43 -54.02 23.51
N VAL I 144 2.30 -54.26 24.49
CA VAL I 144 2.95 -55.56 24.63
C VAL I 144 2.15 -56.40 25.62
N VAL I 145 2.26 -57.72 25.48
CA VAL I 145 1.51 -58.67 26.29
C VAL I 145 2.43 -59.81 26.69
N TYR I 146 2.47 -60.12 27.99
CA TYR I 146 3.23 -61.25 28.49
C TYR I 146 2.27 -62.41 28.77
N SER I 147 2.49 -63.53 28.10
CA SER I 147 1.62 -64.69 28.27
C SER I 147 2.45 -65.95 28.16
N ARG I 148 2.58 -66.69 29.26
CA ARG I 148 3.33 -67.93 29.25
C ARG I 148 4.78 -67.73 28.81
N GLY I 149 5.51 -66.90 29.54
CA GLY I 149 6.90 -66.65 29.24
C GLY I 149 7.18 -66.21 27.82
N LYS I 150 6.39 -65.25 27.33
CA LYS I 150 6.56 -64.76 25.96
C LYS I 150 5.90 -63.40 25.86
N SER I 151 6.57 -62.49 25.14
CA SER I 151 6.10 -61.14 24.94
C SER I 151 5.60 -60.99 23.51
N MET I 152 4.35 -60.54 23.37
CA MET I 152 3.74 -60.32 22.07
C MET I 152 3.10 -58.94 22.04
N GLY I 153 3.24 -58.27 20.90
CA GLY I 153 2.71 -56.92 20.73
C GLY I 153 1.33 -56.95 20.10
N VAL I 154 0.39 -56.23 20.71
CA VAL I 154 -0.99 -56.13 20.24
C VAL I 154 -1.19 -54.73 19.69
N LEU I 155 -1.72 -54.64 18.47
CA LEU I 155 -1.96 -53.37 17.81
C LEU I 155 -3.43 -53.27 17.43
N PHE I 156 -3.99 -52.07 17.58
CA PHE I 156 -5.38 -51.80 17.24
C PHE I 156 -5.44 -50.76 16.14
N GLY I 157 -6.54 -50.79 15.39
CA GLY I 157 -6.66 -49.93 14.22
C GLY I 157 -6.86 -48.47 14.56
N GLY I 158 -6.52 -47.62 13.59
CA GLY I 158 -6.70 -46.19 13.73
C GLY I 158 -7.41 -45.58 12.54
N ARG I 159 -6.83 -44.53 11.96
CA ARG I 159 -7.39 -43.89 10.78
C ARG I 159 -6.28 -43.59 9.80
N SER I 160 -6.64 -43.52 8.52
CA SER I 160 -5.66 -43.29 7.45
C SER I 160 -6.38 -42.70 6.25
N TYR I 161 -5.59 -42.32 5.25
CA TYR I 161 -6.15 -41.74 4.04
C TYR I 161 -6.88 -42.79 3.21
N MET I 162 -7.49 -42.34 2.12
CA MET I 162 -8.14 -43.25 1.19
C MET I 162 -7.12 -44.19 0.57
N PRO I 163 -7.55 -45.36 0.13
CA PRO I 163 -6.62 -46.27 -0.57
C PRO I 163 -6.18 -45.69 -1.91
N SER I 164 -5.18 -46.33 -2.50
CA SER I 164 -4.56 -45.84 -3.73
C SER I 164 -5.49 -45.83 -4.93
N THR I 165 -6.74 -46.30 -4.79
CA THR I 165 -7.66 -46.35 -5.92
C THR I 165 -8.65 -45.19 -5.90
N GLN I 166 -9.37 -45.02 -4.79
CA GLN I 166 -10.44 -44.03 -4.71
C GLN I 166 -9.95 -42.68 -4.18
N ARG I 167 -8.66 -42.49 -4.00
CA ARG I 167 -8.13 -41.23 -3.48
C ARG I 167 -8.07 -40.22 -4.61
N THR I 168 -9.06 -39.32 -4.66
CA THR I 168 -9.14 -38.30 -5.69
C THR I 168 -8.45 -37.02 -5.23
N THR I 169 -8.09 -36.17 -6.19
CA THR I 169 -7.37 -34.94 -5.87
C THR I 169 -8.27 -33.94 -5.17
N GLU I 170 -9.55 -33.91 -5.53
CA GLU I 170 -10.49 -33.00 -4.87
C GLU I 170 -10.71 -33.35 -3.40
N LYS I 171 -10.38 -34.57 -2.99
CA LYS I 171 -10.44 -34.98 -1.59
C LYS I 171 -9.14 -35.69 -1.21
N TRP I 172 -8.01 -35.09 -1.58
CA TRP I 172 -6.72 -35.73 -1.38
C TRP I 172 -6.36 -35.88 0.09
N ASN I 173 -7.00 -35.13 0.98
CA ASN I 173 -6.69 -35.17 2.40
C ASN I 173 -7.80 -35.79 3.23
N SER I 174 -8.78 -36.44 2.61
CA SER I 174 -9.84 -37.08 3.36
C SER I 174 -9.31 -38.30 4.11
N VAL I 175 -9.81 -38.49 5.33
CA VAL I 175 -9.36 -39.56 6.21
C VAL I 175 -10.59 -40.26 6.80
N ALA I 176 -10.60 -41.59 6.72
CA ALA I 176 -11.65 -42.39 7.32
C ALA I 176 -11.04 -43.40 8.29
N ASP I 177 -11.86 -43.89 9.22
CA ASP I 177 -11.41 -44.85 10.21
C ASP I 177 -11.05 -46.18 9.55
N CYS I 178 -9.92 -46.76 9.97
CA CYS I 178 -9.48 -48.02 9.41
C CYS I 178 -10.38 -49.17 9.89
N LEU I 179 -10.20 -50.33 9.27
CA LEU I 179 -11.00 -51.49 9.62
C LEU I 179 -10.64 -51.97 11.02
N PRO I 180 -11.62 -52.23 11.88
CA PRO I 180 -11.30 -52.62 13.26
C PRO I 180 -10.79 -54.05 13.38
N HIS I 181 -9.53 -54.26 13.04
CA HIS I 181 -8.90 -55.56 13.21
C HIS I 181 -7.97 -55.54 14.42
N VAL I 182 -7.41 -56.70 14.75
CA VAL I 182 -6.45 -56.84 15.85
C VAL I 182 -5.24 -57.59 15.32
N PHE I 183 -4.06 -56.99 15.47
CA PHE I 183 -2.83 -57.56 14.96
C PHE I 183 -1.92 -58.02 16.09
N LEU I 184 -1.14 -59.05 15.83
CA LEU I 184 -0.12 -59.53 16.75
C LEU I 184 1.24 -59.40 16.08
N ILE I 185 2.09 -58.54 16.64
CA ILE I 185 3.40 -58.26 16.06
C ILE I 185 4.46 -58.89 16.95
N ASP I 186 5.28 -59.75 16.36
CA ASP I 186 6.40 -60.38 17.05
C ASP I 186 7.64 -59.50 16.85
N PHE I 187 8.11 -58.90 17.95
CA PHE I 187 9.23 -57.97 17.84
C PHE I 187 10.53 -58.68 17.49
N GLU I 188 10.65 -59.97 17.82
CA GLU I 188 11.87 -60.69 17.51
C GLU I 188 11.98 -61.02 16.03
N PHE I 189 10.86 -61.38 15.40
CA PHE I 189 10.84 -61.80 14.01
C PHE I 189 10.25 -60.77 13.07
N GLY I 190 9.20 -60.05 13.49
CA GLY I 190 8.54 -59.10 12.62
C GLY I 190 7.35 -59.65 11.88
N CYS I 191 6.68 -60.66 12.42
CA CYS I 191 5.52 -61.27 11.78
C CYS I 191 4.24 -60.68 12.38
N ALA I 192 3.38 -60.16 11.52
CA ALA I 192 2.11 -59.55 11.94
C ALA I 192 0.97 -60.36 11.34
N THR I 193 0.10 -60.88 12.20
CA THR I 193 -1.03 -61.70 11.79
C THR I 193 -2.32 -60.95 12.03
N SER I 194 -3.21 -60.99 11.04
CA SER I 194 -4.47 -60.25 11.09
C SER I 194 -5.58 -61.13 11.67
N TYR I 195 -6.27 -60.61 12.67
CA TYR I 195 -7.40 -61.29 13.29
C TYR I 195 -8.67 -60.46 13.12
N ILE I 196 -9.81 -61.14 13.22
CA ILE I 196 -11.12 -60.51 13.10
C ILE I 196 -11.94 -60.87 14.33
N LEU I 197 -12.57 -59.87 14.95
CA LEU I 197 -13.38 -60.07 16.13
C LEU I 197 -14.81 -59.64 15.88
N PRO I 198 -15.79 -60.50 16.17
CA PRO I 198 -17.19 -60.11 15.96
C PRO I 198 -17.65 -58.98 16.86
N GLU I 199 -17.07 -58.85 18.06
CA GLU I 199 -17.53 -57.82 18.99
C GLU I 199 -17.13 -56.43 18.51
N LEU I 200 -15.95 -56.31 17.90
CA LEU I 200 -15.48 -55.03 17.36
C LEU I 200 -16.27 -54.74 16.09
N GLN I 201 -17.35 -53.97 16.24
CA GLN I 201 -18.24 -53.71 15.11
C GLN I 201 -17.70 -52.62 14.19
N ASP I 202 -17.25 -51.51 14.75
CA ASP I 202 -16.78 -50.38 13.98
C ASP I 202 -15.37 -49.99 14.42
N GLY I 203 -14.71 -49.21 13.57
CA GLY I 203 -13.36 -48.74 13.86
C GLY I 203 -13.30 -47.75 15.00
N LEU I 204 -12.10 -47.31 15.34
CA LEU I 204 -11.91 -46.40 16.46
C LEU I 204 -10.54 -45.75 16.33
N SER I 205 -10.43 -44.53 16.84
CA SER I 205 -9.18 -43.79 16.77
C SER I 205 -9.07 -42.88 17.99
N PHE I 206 -7.83 -42.49 18.30
CA PHE I 206 -7.52 -41.62 19.44
C PHE I 206 -8.02 -42.19 20.76
N HIS I 207 -8.02 -43.52 20.89
CA HIS I 207 -8.50 -44.17 22.09
C HIS I 207 -7.39 -44.22 23.14
N VAL I 208 -7.67 -44.93 24.23
CA VAL I 208 -6.70 -45.15 25.31
C VAL I 208 -6.56 -46.65 25.52
N SER I 209 -5.34 -47.14 25.43
CA SER I 209 -5.05 -48.57 25.56
C SER I 209 -4.28 -48.78 26.87
N ILE I 210 -4.93 -49.42 27.84
CA ILE I 210 -4.32 -49.75 29.11
C ILE I 210 -3.79 -51.18 29.03
N ALA I 211 -2.51 -51.36 29.31
CA ALA I 211 -1.85 -52.65 29.22
C ALA I 211 -1.65 -53.25 30.61
N ARG I 212 -1.67 -54.57 30.66
CA ARG I 212 -1.45 -55.31 31.89
C ARG I 212 -0.77 -56.63 31.52
N ASN I 213 -0.78 -57.60 32.43
CA ASN I 213 -0.13 -58.89 32.24
C ASN I 213 -0.47 -59.51 30.89
N ASP I 214 -1.76 -59.80 30.67
CA ASP I 214 -2.15 -60.51 29.45
C ASP I 214 -3.44 -59.96 28.82
N THR I 215 -3.99 -58.84 29.31
CA THR I 215 -5.26 -58.33 28.81
C THR I 215 -5.13 -56.83 28.57
N VAL I 216 -5.42 -56.40 27.35
CA VAL I 216 -5.36 -54.99 26.99
C VAL I 216 -6.73 -54.37 27.18
N TYR I 217 -6.78 -53.17 27.77
CA TYR I 217 -8.02 -52.47 28.08
C TYR I 217 -8.15 -51.26 27.14
N ILE I 218 -9.09 -51.35 26.21
CA ILE I 218 -9.40 -50.22 25.35
C ILE I 218 -10.50 -49.38 25.99
N LEU I 219 -10.32 -48.06 25.98
CA LEU I 219 -11.25 -47.16 26.67
C LEU I 219 -11.40 -45.90 25.86
N GLY I 220 -12.65 -45.48 25.63
CA GLY I 220 -12.93 -44.26 24.92
C GLY I 220 -12.45 -44.27 23.48
N GLY I 221 -12.42 -43.07 22.90
CA GLY I 221 -11.95 -42.86 21.55
C GLY I 221 -12.95 -42.03 20.76
N HIS I 222 -12.74 -41.99 19.45
CA HIS I 222 -13.59 -41.24 18.54
C HIS I 222 -13.75 -42.00 17.24
N SER I 223 -14.99 -42.15 16.78
CA SER I 223 -15.31 -42.82 15.53
C SER I 223 -15.65 -41.77 14.49
N LEU I 224 -14.93 -41.79 13.37
CA LEU I 224 -15.13 -40.76 12.34
C LEU I 224 -16.30 -41.12 11.44
N ALA I 225 -16.60 -42.40 11.28
CA ALA I 225 -17.69 -42.82 10.41
C ALA I 225 -19.03 -42.30 10.93
N SER I 226 -19.44 -42.72 12.12
CA SER I 226 -20.70 -42.28 12.70
C SER I 226 -20.61 -40.91 13.36
N ASN I 227 -19.41 -40.37 13.53
CA ASN I 227 -19.19 -39.08 14.20
C ASN I 227 -19.79 -39.09 15.60
N ILE I 228 -19.45 -40.14 16.35
CA ILE I 228 -19.96 -40.35 17.69
C ILE I 228 -18.80 -40.73 18.60
N ARG I 229 -18.80 -40.19 19.82
CA ARG I 229 -17.83 -40.57 20.84
C ARG I 229 -18.47 -41.58 21.78
N PRO I 230 -18.20 -42.87 21.60
CA PRO I 230 -18.89 -43.89 22.39
C PRO I 230 -18.55 -43.80 23.87
N ALA I 231 -19.43 -44.38 24.68
CA ALA I 231 -19.26 -44.46 26.13
C ALA I 231 -19.03 -45.90 26.57
N ASN I 232 -18.23 -46.63 25.80
CA ASN I 232 -17.95 -48.03 26.08
C ASN I 232 -16.48 -48.24 26.41
N LEU I 233 -16.19 -49.36 27.06
CA LEU I 233 -14.83 -49.79 27.31
C LEU I 233 -14.72 -51.27 26.98
N TYR I 234 -13.62 -51.65 26.36
CA TYR I 234 -13.40 -53.01 25.88
C TYR I 234 -12.24 -53.65 26.63
N ARG I 235 -12.06 -54.94 26.39
CA ARG I 235 -10.99 -55.73 26.99
C ARG I 235 -10.58 -56.84 26.04
N ILE I 236 -9.27 -57.05 25.89
CA ILE I 236 -8.78 -58.08 24.97
C ILE I 236 -7.77 -58.97 25.71
N ARG I 237 -8.22 -60.16 26.06
CA ARG I 237 -7.37 -61.16 26.68
C ARG I 237 -6.88 -62.06 25.56
N VAL I 238 -5.65 -62.55 25.69
CA VAL I 238 -5.05 -63.42 24.69
C VAL I 238 -4.31 -64.55 25.40
N ASP I 239 -3.81 -65.49 24.60
CA ASP I 239 -3.04 -66.62 25.10
C ASP I 239 -1.94 -66.93 24.10
N LEU I 240 -0.83 -67.46 24.60
CA LEU I 240 0.33 -67.81 23.79
C LEU I 240 0.68 -69.27 24.04
N PRO I 241 -0.05 -70.20 23.42
CA PRO I 241 0.29 -71.62 23.55
C PRO I 241 1.50 -72.00 22.72
N LEU I 242 1.82 -73.29 22.67
CA LEU I 242 2.96 -73.77 21.90
C LEU I 242 2.68 -73.71 20.40
N GLY I 243 1.45 -73.35 20.03
CA GLY I 243 1.08 -73.27 18.63
C GLY I 243 0.49 -71.92 18.24
N THR I 244 -0.62 -71.95 17.51
CA THR I 244 -1.24 -70.72 17.05
C THR I 244 -1.86 -69.98 18.24
N PRO I 245 -1.76 -68.65 18.30
CA PRO I 245 -2.31 -67.90 19.43
C PRO I 245 -3.84 -67.92 19.47
N ALA I 246 -4.41 -67.29 20.48
CA ALA I 246 -5.86 -67.18 20.63
C ALA I 246 -6.17 -65.86 21.30
N VAL I 247 -7.28 -65.23 20.87
CA VAL I 247 -7.67 -63.92 21.36
C VAL I 247 -9.09 -63.99 21.91
N ASN I 248 -9.56 -62.87 22.43
CA ASN I 248 -10.89 -62.75 23.01
C ASN I 248 -11.20 -61.27 23.19
N CYS I 249 -12.49 -60.95 23.21
CA CYS I 249 -12.93 -59.57 23.38
C CYS I 249 -14.38 -59.57 23.87
N THR I 250 -14.61 -58.92 25.00
CA THR I 250 -15.95 -58.80 25.57
C THR I 250 -16.17 -57.38 26.04
N VAL I 251 -17.39 -56.88 25.84
CA VAL I 251 -17.75 -55.55 26.31
C VAL I 251 -17.85 -55.56 27.83
N LEU I 252 -17.83 -54.39 28.45
CA LEU I 252 -17.88 -54.26 29.90
C LEU I 252 -18.78 -53.10 30.26
N PRO I 253 -19.42 -53.15 31.43
CA PRO I 253 -20.25 -52.03 31.87
C PRO I 253 -19.41 -50.91 32.45
N GLY I 254 -20.00 -49.72 32.47
CA GLY I 254 -19.35 -48.55 33.05
C GLY I 254 -18.27 -47.97 32.16
N GLY I 255 -18.65 -47.54 30.96
CA GLY I 255 -17.71 -46.96 30.03
C GLY I 255 -17.53 -45.48 30.25
N ILE I 256 -16.54 -44.92 29.54
CA ILE I 256 -16.18 -43.51 29.65
C ILE I 256 -16.07 -42.95 28.24
N SER I 257 -16.59 -41.74 28.03
CA SER I 257 -16.58 -41.10 26.72
C SER I 257 -15.51 -40.00 26.74
N VAL I 258 -14.32 -40.34 26.24
CA VAL I 258 -13.20 -39.41 26.16
C VAL I 258 -12.52 -39.57 24.81
N SER I 259 -12.13 -38.45 24.22
CA SER I 259 -11.39 -38.43 22.96
C SER I 259 -10.03 -37.80 23.18
N SER I 260 -8.97 -38.53 22.82
CA SER I 260 -7.59 -38.05 22.92
C SER I 260 -7.23 -37.68 24.36
N ALA I 261 -7.23 -38.68 25.22
CA ALA I 261 -6.87 -38.49 26.61
C ALA I 261 -5.35 -38.54 26.79
N ILE I 262 -4.90 -38.39 28.03
CA ILE I 262 -3.49 -38.47 28.39
C ILE I 262 -3.40 -39.39 29.61
N LEU I 263 -2.84 -40.57 29.42
CA LEU I 263 -2.79 -41.59 30.46
C LEU I 263 -1.42 -41.60 31.12
N THR I 264 -1.41 -41.68 32.46
CA THR I 264 -0.18 -41.79 33.22
C THR I 264 -0.40 -42.77 34.36
N GLN I 265 0.69 -43.13 35.04
CA GLN I 265 0.65 -44.10 36.13
C GLN I 265 1.09 -43.43 37.42
N THR I 266 0.22 -43.47 38.43
CA THR I 266 0.54 -42.93 39.74
C THR I 266 1.24 -43.96 40.63
N ASN I 267 0.68 -45.16 40.72
CA ASN I 267 1.27 -46.23 41.52
C ASN I 267 1.14 -47.54 40.77
N ASN I 268 1.70 -48.60 41.36
CA ASN I 268 1.63 -49.92 40.75
C ASN I 268 0.19 -50.41 40.72
N ASP I 269 -0.32 -50.69 39.52
CA ASP I 269 -1.69 -51.16 39.32
C ASP I 269 -2.67 -50.08 39.76
N GLU I 270 -2.29 -48.82 39.57
CA GLU I 270 -3.17 -47.69 39.90
C GLU I 270 -2.90 -46.61 38.86
N PHE I 271 -3.73 -46.58 37.81
CA PHE I 271 -3.57 -45.66 36.70
C PHE I 271 -4.59 -44.54 36.82
N VAL I 272 -4.12 -43.29 36.76
CA VAL I 272 -5.00 -42.14 36.72
C VAL I 272 -5.01 -41.61 35.30
N ILE I 273 -6.16 -41.08 34.88
CA ILE I 273 -6.34 -40.52 33.55
C ILE I 273 -6.89 -39.11 33.69
N VAL I 274 -6.48 -38.22 32.80
CA VAL I 274 -6.93 -36.84 32.81
C VAL I 274 -7.94 -36.65 31.69
N GLY I 275 -8.57 -35.47 31.68
CA GLY I 275 -9.61 -35.21 30.71
C GLY I 275 -9.08 -35.24 29.28
N GLY I 276 -10.00 -35.45 28.34
CA GLY I 276 -9.70 -35.36 26.93
C GLY I 276 -10.66 -34.42 26.23
N TYR I 277 -11.36 -34.93 25.21
CA TYR I 277 -12.42 -34.21 24.55
C TYR I 277 -13.74 -34.93 24.79
N GLN I 278 -14.68 -34.24 25.41
CA GLN I 278 -15.99 -34.82 25.75
C GLN I 278 -16.94 -34.73 24.57
N LEU I 279 -17.16 -33.53 24.04
CA LEU I 279 -17.91 -33.31 22.81
C LEU I 279 -17.06 -32.52 21.83
N GLU I 280 -17.67 -32.11 20.73
CA GLU I 280 -16.95 -31.36 19.70
C GLU I 280 -16.46 -30.03 20.24
N ASN I 281 -17.37 -29.20 20.71
CA ASN I 281 -17.04 -27.88 21.24
C ASN I 281 -17.04 -27.85 22.77
N GLN I 282 -17.28 -28.98 23.43
CA GLN I 282 -17.26 -29.06 24.87
C GLN I 282 -15.96 -29.73 25.33
N LYS I 283 -15.33 -29.12 26.33
CA LYS I 283 -14.06 -29.63 26.83
C LYS I 283 -14.20 -30.39 28.14
N ARG I 284 -13.66 -31.61 28.15
CA ARG I 284 -13.70 -32.42 29.35
C ARG I 284 -12.92 -31.69 30.43
N MET I 285 -13.36 -31.85 31.67
CA MET I 285 -12.69 -31.18 32.78
C MET I 285 -12.36 -32.13 33.92
N VAL I 286 -13.30 -33.01 34.26
CA VAL I 286 -13.14 -33.90 35.41
C VAL I 286 -12.29 -35.09 35.02
N CYS I 287 -11.52 -35.59 35.99
CA CYS I 287 -10.60 -36.70 35.79
C CYS I 287 -11.15 -37.97 36.41
N SER I 288 -10.66 -39.11 35.93
CA SER I 288 -11.05 -40.42 36.43
C SER I 288 -9.85 -41.15 36.99
N LEU I 289 -10.12 -42.26 37.68
CA LEU I 289 -9.09 -43.08 38.30
C LEU I 289 -9.37 -44.53 37.98
N VAL I 290 -8.38 -45.23 37.43
CA VAL I 290 -8.51 -46.63 37.05
C VAL I 290 -7.69 -47.46 38.03
N SER I 291 -8.36 -48.31 38.80
CA SER I 291 -7.73 -49.23 39.72
C SER I 291 -8.15 -50.65 39.36
N LEU I 292 -7.18 -51.55 39.27
CA LEU I 292 -7.44 -52.91 38.80
C LEU I 292 -7.26 -53.92 39.92
N GLY I 293 -7.89 -55.07 39.75
CA GLY I 293 -7.74 -56.18 40.67
C GLY I 293 -7.01 -57.35 40.02
N ASP I 294 -7.78 -58.36 39.61
CA ASP I 294 -7.27 -59.46 38.80
C ASP I 294 -8.06 -59.66 37.52
N ASN I 295 -9.38 -59.53 37.58
CA ASN I 295 -10.25 -59.58 36.40
C ASN I 295 -11.33 -58.52 36.49
N THR I 296 -11.07 -57.46 37.26
CA THR I 296 -12.03 -56.39 37.51
C THR I 296 -11.44 -55.05 37.09
N ILE I 297 -12.29 -54.03 37.13
CA ILE I 297 -11.92 -52.65 36.83
C ILE I 297 -12.53 -51.74 37.88
N GLU I 298 -12.23 -50.45 37.78
CA GLU I 298 -12.76 -49.46 38.72
C GLU I 298 -12.58 -48.08 38.12
N ILE I 299 -13.65 -47.28 38.17
CA ILE I 299 -13.62 -45.89 37.71
C ILE I 299 -14.31 -45.04 38.75
N SER I 300 -13.83 -43.80 38.90
CA SER I 300 -14.38 -42.88 39.89
C SER I 300 -13.99 -41.44 39.59
N GLU I 301 -14.96 -40.54 39.65
CA GLU I 301 -14.68 -39.12 39.45
C GLU I 301 -13.89 -38.59 40.64
N MET I 302 -12.65 -38.18 40.40
CA MET I 302 -11.78 -37.69 41.45
C MET I 302 -12.10 -36.23 41.74
N GLU I 303 -11.31 -35.62 42.64
CA GLU I 303 -11.44 -34.20 42.94
C GLU I 303 -10.68 -33.42 41.87
N THR I 304 -11.43 -32.71 41.03
CA THR I 304 -10.82 -31.97 39.93
C THR I 304 -9.89 -30.89 40.45
N PRO I 305 -8.71 -30.72 39.86
CA PRO I 305 -7.80 -29.66 40.33
C PRO I 305 -8.36 -28.28 40.05
N ASP I 306 -7.78 -27.30 40.71
CA ASP I 306 -8.17 -25.90 40.54
C ASP I 306 -7.65 -25.41 39.19
N TRP I 307 -8.51 -25.46 38.18
CA TRP I 307 -8.13 -25.02 36.84
C TRP I 307 -8.10 -23.49 36.77
N THR I 308 -7.23 -22.97 35.91
CA THR I 308 -7.09 -21.53 35.74
C THR I 308 -8.13 -21.01 34.74
N SER I 309 -8.30 -19.69 34.76
CA SER I 309 -9.33 -19.06 33.91
C SER I 309 -9.00 -19.22 32.43
N ASP I 310 -7.71 -19.19 32.07
CA ASP I 310 -7.34 -19.33 30.67
C ASP I 310 -7.66 -20.72 30.14
N ILE I 311 -7.56 -21.73 31.01
CA ILE I 311 -7.88 -23.09 30.58
C ILE I 311 -9.39 -23.27 30.47
N LYS I 312 -10.15 -22.66 31.37
CA LYS I 312 -11.61 -22.82 31.41
C LYS I 312 -12.27 -22.27 30.16
N HIS I 313 -11.51 -21.56 29.32
CA HIS I 313 -12.07 -21.02 28.08
C HIS I 313 -11.27 -21.41 26.84
N SER I 314 -10.11 -22.03 26.97
CA SER I 314 -9.36 -22.47 25.80
C SER I 314 -10.11 -23.58 25.07
N LYS I 315 -10.06 -23.54 23.75
CA LYS I 315 -10.77 -24.51 22.92
C LYS I 315 -9.92 -25.73 22.56
N ILE I 316 -8.61 -25.54 22.39
CA ILE I 316 -7.72 -26.63 22.03
C ILE I 316 -6.63 -26.74 23.09
N TRP I 317 -6.25 -27.98 23.39
CA TRP I 317 -5.21 -28.27 24.37
C TRP I 317 -4.65 -29.65 24.06
N PHE I 318 -3.38 -29.87 24.37
CA PHE I 318 -2.76 -31.15 24.08
C PHE I 318 -1.72 -31.46 25.16
N GLY I 319 -1.04 -32.58 24.99
CA GLY I 319 -0.03 -32.99 25.95
C GLY I 319 0.26 -34.47 25.80
N SER I 320 1.07 -34.97 26.73
CA SER I 320 1.43 -36.38 26.76
C SER I 320 1.87 -36.74 28.18
N ASN I 321 2.42 -37.94 28.34
CA ASN I 321 2.84 -38.44 29.63
C ASN I 321 4.33 -38.19 29.85
N MET I 322 4.71 -38.06 31.12
CA MET I 322 6.10 -37.88 31.50
C MET I 322 6.70 -39.09 32.19
N GLY I 323 5.89 -40.06 32.59
CA GLY I 323 6.37 -41.28 33.23
C GLY I 323 6.39 -41.24 34.74
N ASN I 324 6.83 -40.14 35.32
CA ASN I 324 6.92 -40.00 36.78
C ASN I 324 5.66 -39.39 37.36
N GLY I 325 4.51 -39.95 37.02
CA GLY I 325 3.23 -39.50 37.53
C GLY I 325 2.96 -38.02 37.32
N THR I 326 3.48 -37.45 36.25
CA THR I 326 3.35 -36.02 35.98
C THR I 326 2.88 -35.82 34.55
N ILE I 327 2.01 -34.83 34.36
CA ILE I 327 1.42 -34.54 33.06
C ILE I 327 1.94 -33.20 32.57
N PHE I 328 2.41 -33.18 31.32
CA PHE I 328 2.90 -31.96 30.66
C PHE I 328 1.92 -31.60 29.55
N LEU I 329 1.16 -30.53 29.75
CA LEU I 329 0.17 -30.09 28.78
C LEU I 329 0.44 -28.65 28.41
N GLY I 330 -0.20 -28.21 27.31
CA GLY I 330 0.03 -26.87 26.80
C GLY I 330 -1.26 -26.19 26.39
N ILE I 331 -1.19 -24.87 26.32
CA ILE I 331 -2.33 -24.03 25.92
C ILE I 331 -1.86 -23.09 24.81
N PRO I 332 -2.57 -23.01 23.69
CA PRO I 332 -2.13 -22.13 22.61
C PRO I 332 -2.33 -20.66 22.97
N GLY I 333 -1.32 -19.85 22.67
CA GLY I 333 -1.38 -18.42 22.93
C GLY I 333 -1.99 -17.64 21.79
N ASP I 334 -1.26 -16.64 21.29
CA ASP I 334 -1.74 -15.82 20.19
C ASP I 334 -0.53 -15.29 19.43
N ASN I 335 -0.81 -14.59 18.32
CA ASN I 335 0.21 -14.00 17.47
C ASN I 335 1.21 -15.04 16.98
N GLU I 341 4.60 -16.93 24.37
CA GLU I 341 4.52 -16.40 23.01
C GLU I 341 3.42 -17.07 22.21
N ALA I 342 3.64 -18.34 21.86
CA ALA I 342 2.69 -19.09 21.05
C ALA I 342 1.99 -20.21 21.79
N PHE I 343 2.60 -20.75 22.85
CA PHE I 343 2.01 -21.87 23.57
C PHE I 343 2.38 -21.75 25.04
N TYR I 344 1.37 -21.55 25.89
CA TYR I 344 1.58 -21.61 27.33
C TYR I 344 1.62 -23.06 27.80
N PHE I 345 2.63 -23.38 28.60
CA PHE I 345 2.85 -24.75 29.05
C PHE I 345 2.66 -24.86 30.55
N TYR I 346 1.84 -25.81 30.97
CA TYR I 346 1.58 -26.09 32.37
C TYR I 346 1.96 -27.52 32.68
N THR I 347 2.21 -27.79 33.97
CA THR I 347 2.53 -29.13 34.45
C THR I 347 1.54 -29.54 35.52
N LEU I 348 1.29 -30.85 35.61
CA LEU I 348 0.32 -31.40 36.55
C LEU I 348 0.92 -32.62 37.23
N ARG I 349 0.92 -32.62 38.55
CA ARG I 349 1.47 -33.72 39.33
C ARG I 349 0.34 -34.46 40.05
N CYS I 350 0.45 -35.79 40.08
CA CYS I 350 -0.55 -36.65 40.70
C CYS I 350 0.10 -37.37 41.87
N SER I 351 -0.40 -37.10 43.08
CA SER I 351 0.09 -37.72 44.32
C SER I 351 1.60 -37.55 44.47
N MET J 1 45.02 24.01 15.97
CA MET J 1 44.99 23.51 14.61
C MET J 1 44.57 22.03 14.58
N SER J 2 43.75 21.64 15.54
CA SER J 2 43.29 20.26 15.66
C SER J 2 41.79 20.18 15.43
N LEU J 3 41.36 19.03 14.90
CA LEU J 3 39.95 18.75 14.64
C LEU J 3 39.57 17.49 15.41
N GLN J 4 38.56 17.61 16.27
CA GLN J 4 38.25 16.56 17.24
C GLN J 4 36.79 16.13 17.10
N MET J 5 36.56 14.83 17.18
CA MET J 5 35.22 14.29 17.22
C MET J 5 34.59 14.59 18.57
N VAL J 6 33.27 14.78 18.58
CA VAL J 6 32.54 15.14 19.79
C VAL J 6 31.32 14.24 19.91
N THR J 7 31.19 13.55 21.04
CA THR J 7 30.00 12.75 21.33
C THR J 7 28.98 13.60 22.08
N VAL J 8 27.73 13.54 21.63
CA VAL J 8 26.67 14.38 22.16
C VAL J 8 25.73 13.51 22.98
N GLY J 9 25.08 14.14 23.97
CA GLY J 9 24.16 13.44 24.84
C GLY J 9 22.84 13.08 24.19
N HIS J 10 21.76 13.07 24.96
CA HIS J 10 20.47 12.61 24.48
C HIS J 10 19.67 13.68 23.75
N ASN J 11 19.73 14.93 24.20
CA ASN J 11 18.92 16.00 23.61
C ASN J 11 19.66 16.73 22.49
N ILE J 12 20.22 15.96 21.56
CA ILE J 12 20.96 16.54 20.44
C ILE J 12 20.02 17.34 19.56
N ALA J 13 18.72 17.06 19.60
CA ALA J 13 17.76 17.82 18.82
C ALA J 13 17.64 19.26 19.31
N LEU J 14 18.12 19.57 20.51
CA LEU J 14 17.99 20.93 21.01
C LEU J 14 19.02 21.89 20.42
N ILE J 15 19.86 21.44 19.49
CA ILE J 15 20.83 22.29 18.82
C ILE J 15 20.40 22.47 17.37
N GLN J 16 20.34 23.72 16.92
CA GLN J 16 19.91 24.06 15.58
C GLN J 16 20.87 25.11 15.02
N PRO J 17 20.92 25.24 13.69
CA PRO J 17 21.76 26.31 13.10
C PRO J 17 21.27 27.69 13.52
N GLY J 18 22.22 28.56 13.82
CA GLY J 18 21.93 29.91 14.23
C GLY J 18 21.98 30.17 15.71
N PHE J 19 22.45 29.21 16.51
CA PHE J 19 22.54 29.40 17.95
C PHE J 19 23.61 30.44 18.28
N SER J 20 23.73 30.76 19.56
CA SER J 20 24.69 31.78 20.00
C SER J 20 25.26 31.34 21.35
N LEU J 21 26.53 30.92 21.34
CA LEU J 21 27.21 30.57 22.57
C LEU J 21 27.68 31.83 23.29
N MET J 22 27.49 31.85 24.60
CA MET J 22 27.91 32.98 25.43
C MET J 22 28.83 32.49 26.54
N ASN J 23 29.88 33.25 26.82
CA ASN J 23 30.91 32.87 27.78
C ASN J 23 30.83 33.75 29.02
N PHE J 24 31.10 33.16 30.17
CA PHE J 24 31.10 33.88 31.44
C PHE J 24 32.18 33.26 32.33
N ASP J 25 33.35 33.87 32.32
CA ASP J 25 34.48 33.47 33.18
C ASP J 25 34.81 31.99 32.99
N GLY J 26 35.19 31.64 31.76
CA GLY J 26 35.57 30.29 31.43
C GLY J 26 34.44 29.31 31.28
N GLN J 27 33.19 29.75 31.43
CA GLN J 27 32.03 28.88 31.30
C GLN J 27 31.21 29.31 30.09
N VAL J 28 31.03 28.40 29.15
CA VAL J 28 30.28 28.66 27.93
C VAL J 28 28.84 28.23 28.16
N PHE J 29 27.90 29.07 27.74
CA PHE J 29 26.48 28.84 27.96
C PHE J 29 25.76 28.81 26.61
N PHE J 30 24.94 27.79 26.41
CA PHE J 30 24.20 27.64 25.17
C PHE J 30 22.94 28.50 25.18
N PHE J 31 22.48 28.87 23.98
CA PHE J 31 21.28 29.67 23.83
C PHE J 31 20.74 29.47 22.43
N GLY J 32 19.42 29.70 22.28
CA GLY J 32 18.77 29.59 21.00
C GLY J 32 18.55 28.17 20.55
N GLN J 33 17.72 27.43 21.28
CA GLN J 33 17.43 26.05 20.94
C GLN J 33 16.37 25.99 19.84
N LYS J 34 15.86 24.80 19.56
CA LYS J 34 14.85 24.59 18.53
C LYS J 34 13.47 24.53 19.17
N GLY J 35 12.52 25.26 18.59
CA GLY J 35 11.17 25.27 19.11
C GLY J 35 11.03 26.00 20.43
N TRP J 36 9.81 26.05 20.95
CA TRP J 36 9.56 26.71 22.23
C TRP J 36 10.19 25.91 23.37
N PRO J 37 10.48 26.57 24.49
CA PRO J 37 11.09 25.86 25.63
C PRO J 37 10.12 24.84 26.22
N LYS J 38 10.59 23.60 26.34
CA LYS J 38 9.77 22.52 26.89
C LYS J 38 9.80 22.60 28.41
N ARG J 39 9.26 21.57 29.07
CA ARG J 39 9.23 21.52 30.53
C ARG J 39 10.51 20.99 31.13
N SER J 40 11.46 20.50 30.31
CA SER J 40 12.75 20.12 30.85
C SER J 40 13.55 21.35 31.30
N CYS J 41 13.35 22.48 30.64
CA CYS J 41 13.97 23.74 31.03
C CYS J 41 13.07 24.90 30.63
N PRO J 42 12.35 25.50 31.58
CA PRO J 42 11.42 26.59 31.24
C PRO J 42 12.09 27.88 30.79
N THR J 43 13.41 27.92 30.65
CA THR J 43 14.08 29.15 30.26
C THR J 43 14.77 29.04 28.90
N GLY J 44 15.49 27.95 28.64
CA GLY J 44 16.15 27.79 27.37
C GLY J 44 17.66 27.87 27.46
N VAL J 45 18.17 28.75 28.32
CA VAL J 45 19.61 28.90 28.48
C VAL J 45 20.19 27.62 29.07
N PHE J 46 21.19 27.06 28.38
CA PHE J 46 21.83 25.84 28.84
C PHE J 46 23.32 26.06 29.07
N HIS J 47 23.88 25.25 29.97
CA HIS J 47 25.30 25.32 30.31
C HIS J 47 26.15 24.52 29.33
N PHE J 48 27.08 25.18 28.65
CA PHE J 48 27.95 24.50 27.71
C PHE J 48 29.22 23.99 28.39
N ASP J 49 29.37 22.66 28.43
CA ASP J 49 30.54 22.05 29.05
C ASP J 49 30.99 20.82 28.28
N ILE J 50 32.27 20.79 27.91
CA ILE J 50 32.83 19.67 27.16
C ILE J 50 33.87 19.00 28.04
N LYS J 51 33.67 17.72 28.34
CA LYS J 51 34.56 16.96 29.20
C LYS J 51 34.95 15.66 28.50
N GLN J 52 36.25 15.46 28.31
CA GLN J 52 36.79 14.28 27.63
C GLN J 52 36.17 14.12 26.25
N ASN J 53 36.08 15.24 25.53
CA ASN J 53 35.53 15.28 24.17
C ASN J 53 34.09 14.80 24.10
N HIS J 54 33.38 14.86 25.21
CA HIS J 54 31.97 14.48 25.26
C HIS J 54 31.12 15.70 25.60
N LEU J 55 29.93 15.76 25.00
CA LEU J 55 29.05 16.90 25.13
C LEU J 55 27.87 16.56 26.03
N LYS J 56 27.59 17.44 26.99
CA LYS J 56 26.45 17.30 27.88
C LYS J 56 25.84 18.67 28.11
N LEU J 57 24.52 18.74 28.06
CA LEU J 57 23.79 19.98 28.29
C LEU J 57 23.23 20.00 29.71
N LYS J 58 23.10 21.19 30.28
CA LYS J 58 22.57 21.36 31.63
C LYS J 58 21.73 22.61 31.72
N PRO J 59 20.49 22.46 32.19
CA PRO J 59 19.58 23.61 32.25
C PRO J 59 20.00 24.64 33.29
N ALA J 60 19.32 25.78 33.31
CA ALA J 60 19.63 26.85 34.25
C ALA J 60 18.37 27.68 34.47
N ILE J 61 18.31 28.32 35.63
CA ILE J 61 17.16 29.12 36.02
C ILE J 61 17.56 30.60 36.03
N PHE J 62 16.56 31.46 36.14
CA PHE J 62 16.76 32.91 36.18
C PHE J 62 16.47 33.43 37.58
N SER J 63 16.70 34.72 37.77
CA SER J 63 16.42 35.37 39.04
C SER J 63 14.94 35.71 39.14
N LYS J 64 14.55 36.41 40.20
CA LYS J 64 13.15 36.76 40.38
C LYS J 64 12.75 37.93 39.48
N ASP J 65 13.61 38.95 39.40
CA ASP J 65 13.32 40.15 38.62
C ASP J 65 13.73 40.01 37.15
N SER J 66 13.86 38.79 36.66
CA SER J 66 14.25 38.58 35.27
C SER J 66 13.04 38.76 34.36
N CYS J 67 13.29 38.63 33.06
CA CYS J 67 12.23 38.70 32.04
C CYS J 67 12.42 37.52 31.10
N TYR J 68 11.50 36.56 31.16
CA TYR J 68 11.62 35.34 30.37
C TYR J 68 11.55 35.67 28.88
N LEU J 69 12.67 35.49 28.19
CA LEU J 69 12.87 35.84 26.80
C LEU J 69 12.60 34.65 25.89
N PRO J 70 12.06 34.90 24.70
CA PRO J 70 11.83 33.83 23.75
C PRO J 70 13.11 33.46 23.02
N PRO J 71 13.23 32.23 22.52
CA PRO J 71 14.44 31.86 21.78
C PRO J 71 14.58 32.68 20.51
N LEU J 72 15.82 32.95 20.14
CA LEU J 72 16.13 33.72 18.93
C LEU J 72 17.15 32.95 18.10
N ARG J 73 16.94 32.95 16.78
CA ARG J 73 17.75 32.15 15.88
C ARG J 73 18.83 32.93 15.14
N TYR J 74 18.78 34.27 15.15
CA TYR J 74 19.84 35.09 14.57
C TYR J 74 19.96 36.40 15.34
N PRO J 75 20.41 36.33 16.60
CA PRO J 75 20.56 37.56 17.38
C PRO J 75 21.83 38.31 17.03
N ALA J 76 22.10 39.40 17.74
CA ALA J 76 23.32 40.18 17.57
C ALA J 76 24.07 40.17 18.91
N THR J 77 24.88 39.14 19.11
CA THR J 77 25.64 39.01 20.34
C THR J 77 26.73 40.06 20.41
N CYS J 78 27.10 40.45 21.63
CA CYS J 78 28.12 41.47 21.83
C CYS J 78 28.58 41.42 23.28
N SER J 79 29.88 41.32 23.49
CA SER J 79 30.43 41.34 24.84
C SER J 79 30.41 42.76 25.38
N TYR J 80 30.65 42.89 26.68
CA TYR J 80 30.63 44.19 27.34
C TYR J 80 31.33 44.06 28.68
N LYS J 81 31.90 45.17 29.14
CA LYS J 81 32.59 45.20 30.42
C LYS J 81 31.96 46.23 31.36
N LYS J 88 28.84 44.72 36.26
CA LYS J 88 30.05 43.94 35.95
C LYS J 88 30.04 43.47 34.51
N HIS J 89 30.33 42.18 34.31
CA HIS J 89 30.35 41.59 32.98
C HIS J 89 28.94 41.21 32.55
N GLN J 90 28.63 41.53 31.29
CA GLN J 90 27.28 41.32 30.77
C GLN J 90 27.33 41.35 29.25
N TYR J 91 26.28 40.83 28.63
CA TYR J 91 26.15 40.74 27.18
C TYR J 91 24.93 41.52 26.70
N ILE J 92 24.80 41.61 25.38
CA ILE J 92 23.71 42.33 24.73
C ILE J 92 23.16 41.46 23.61
N ILE J 93 21.84 41.32 23.57
CA ILE J 93 21.15 40.56 22.53
C ILE J 93 20.16 41.48 21.83
N HIS J 94 20.21 41.50 20.50
CA HIS J 94 19.33 42.35 19.71
C HIS J 94 18.97 41.65 18.41
N GLY J 95 17.69 41.70 18.05
CA GLY J 95 17.22 41.10 16.82
C GLY J 95 17.17 39.59 16.87
N GLY J 96 16.66 38.97 15.82
CA GLY J 96 16.53 37.53 15.73
C GLY J 96 15.14 37.11 15.32
N LYS J 97 15.00 35.82 15.04
CA LYS J 97 13.70 35.28 14.61
C LYS J 97 13.05 34.39 15.66
N THR J 98 11.85 34.79 16.09
CA THR J 98 11.11 34.03 17.08
C THR J 98 10.72 32.67 16.49
N PRO J 99 10.37 31.70 17.34
CA PRO J 99 9.94 30.40 16.82
C PRO J 99 8.72 30.49 15.92
N ASN J 100 7.99 31.60 16.00
CA ASN J 100 6.86 31.86 15.12
C ASN J 100 7.26 32.56 13.83
N ASN J 101 8.55 32.50 13.46
CA ASN J 101 9.09 33.12 12.25
C ASN J 101 8.90 34.63 12.23
N GLU J 102 8.65 35.24 13.39
CA GLU J 102 8.52 36.68 13.52
C GLU J 102 9.82 37.27 14.04
N LEU J 103 10.00 38.57 13.80
CA LEU J 103 11.19 39.28 14.21
C LEU J 103 10.90 40.13 15.44
N SER J 104 11.89 40.26 16.30
CA SER J 104 11.77 40.99 17.57
C SER J 104 12.71 42.18 17.56
N ASP J 105 12.15 43.37 17.78
CA ASP J 105 12.94 44.59 17.85
C ASP J 105 13.50 44.86 19.25
N LYS J 106 13.11 44.07 20.24
CA LYS J 106 13.55 44.31 21.61
C LYS J 106 15.04 44.00 21.75
N ILE J 107 15.65 44.60 22.77
CA ILE J 107 17.05 44.40 23.09
C ILE J 107 17.16 43.86 24.50
N TYR J 108 18.08 42.92 24.71
CA TYR J 108 18.19 42.18 25.96
C TYR J 108 19.59 42.36 26.54
N ILE J 109 19.67 42.29 27.87
CA ILE J 109 20.93 42.45 28.60
C ILE J 109 21.01 41.30 29.60
N MET J 110 21.76 40.26 29.26
CA MET J 110 21.98 39.15 30.17
C MET J 110 23.08 39.49 31.17
N SER J 111 23.09 38.76 32.29
CA SER J 111 24.07 38.97 33.34
C SER J 111 24.07 37.81 34.32
N VAL J 112 24.95 37.87 35.32
CA VAL J 112 25.06 36.84 36.34
C VAL J 112 24.52 37.40 37.64
N ALA J 113 23.64 36.62 38.30
CA ALA J 113 23.03 37.05 39.55
C ALA J 113 23.67 36.44 40.78
N CYS J 114 24.05 35.16 40.73
CA CYS J 114 24.67 34.50 41.87
C CYS J 114 25.42 33.28 41.38
N LYS J 115 26.30 32.78 42.23
CA LYS J 115 27.11 31.61 41.90
C LYS J 115 27.38 30.81 43.17
N ASN J 116 27.01 29.53 43.15
CA ASN J 116 27.20 28.67 44.32
C ASN J 116 27.28 27.23 43.83
N ASN J 117 28.48 26.65 43.90
CA ASN J 117 28.72 25.26 43.54
C ASN J 117 28.30 24.99 42.09
N LYS J 118 28.96 25.70 41.17
CA LYS J 118 28.76 25.53 39.73
C LYS J 118 27.32 25.77 39.31
N LYS J 119 26.60 26.61 40.05
CA LYS J 119 25.24 26.98 39.73
C LYS J 119 25.19 28.48 39.48
N VAL J 120 24.64 28.87 38.33
CA VAL J 120 24.63 30.26 37.89
C VAL J 120 23.18 30.71 37.71
N THR J 121 22.89 31.91 38.21
CA THR J 121 21.58 32.54 38.06
C THR J 121 21.72 33.79 37.21
N PHE J 122 20.76 33.99 36.30
CA PHE J 122 20.82 35.07 35.33
C PHE J 122 19.84 36.17 35.72
N ARG J 123 20.01 37.33 35.08
CA ARG J 123 19.10 38.48 35.22
C ARG J 123 18.84 39.01 33.82
N CYS J 124 17.83 38.47 33.16
CA CYS J 124 17.43 38.92 31.83
C CYS J 124 16.53 40.14 31.98
N THR J 125 17.03 41.30 31.56
CA THR J 125 16.33 42.56 31.74
C THR J 125 16.06 43.18 30.37
N GLU J 126 14.79 43.39 30.05
CA GLU J 126 14.43 44.08 28.82
C GLU J 126 14.81 45.56 28.92
N LYS J 127 15.35 46.08 27.83
CA LYS J 127 15.77 47.47 27.75
C LYS J 127 14.94 48.20 26.71
N ASP J 128 14.44 49.38 27.08
CA ASP J 128 13.63 50.19 26.18
C ASP J 128 14.51 51.03 25.28
N LEU J 129 14.15 51.07 24.01
CA LEU J 129 14.90 51.82 23.00
C LEU J 129 14.01 52.94 22.46
N VAL J 130 14.51 54.17 22.49
CA VAL J 130 13.75 55.35 22.12
C VAL J 130 14.58 56.17 21.12
N GLY J 131 13.89 56.88 20.25
CA GLY J 131 14.55 57.73 19.26
C GLY J 131 14.46 57.17 17.86
N ASP J 132 15.61 56.98 17.21
CA ASP J 132 15.67 56.39 15.88
C ASP J 132 15.81 54.88 15.98
N VAL J 133 14.73 54.24 16.42
CA VAL J 133 14.76 52.79 16.63
C VAL J 133 14.86 52.08 15.29
N PRO J 134 15.72 51.07 15.15
CA PRO J 134 15.77 50.32 13.89
C PRO J 134 14.64 49.30 13.82
N GLU J 135 14.24 48.97 12.59
CA GLU J 135 13.27 47.93 12.39
C GLU J 135 13.85 46.58 12.82
N PRO J 136 13.00 45.62 13.16
CA PRO J 136 13.51 44.30 13.59
C PRO J 136 14.35 43.65 12.51
N ARG J 137 15.59 43.31 12.87
CA ARG J 137 16.56 42.77 11.93
C ARG J 137 17.07 41.41 12.42
N TYR J 138 17.96 40.81 11.65
CA TYR J 138 18.61 39.56 12.01
C TYR J 138 19.83 39.40 11.11
N GLY J 139 20.70 38.46 11.47
CA GLY J 139 21.90 38.22 10.69
C GLY J 139 22.85 39.39 10.63
N HIS J 140 22.85 40.24 11.65
CA HIS J 140 23.71 41.41 11.71
C HIS J 140 24.63 41.31 12.92
N SER J 141 25.37 42.38 13.18
CA SER J 141 26.33 42.41 14.27
C SER J 141 26.23 43.74 15.00
N ILE J 142 26.78 43.76 16.21
CA ILE J 142 26.78 44.96 17.04
C ILE J 142 28.02 44.92 17.93
N ASP J 143 28.66 46.08 18.10
CA ASP J 143 29.87 46.19 18.90
C ASP J 143 29.76 47.40 19.81
N VAL J 144 30.69 47.48 20.76
CA VAL J 144 30.75 48.57 21.72
C VAL J 144 32.13 49.22 21.61
N VAL J 145 32.14 50.55 21.50
CA VAL J 145 33.38 51.31 21.38
C VAL J 145 33.58 52.12 22.64
N TYR J 146 34.85 52.37 22.97
CA TYR J 146 35.24 53.14 24.15
C TYR J 146 35.96 54.39 23.68
N SER J 147 35.41 55.55 24.01
CA SER J 147 35.97 56.84 23.59
C SER J 147 35.93 57.79 24.78
N ARG J 148 37.11 58.03 25.37
CA ARG J 148 37.26 58.97 26.48
C ARG J 148 36.38 58.56 27.67
N GLY J 149 36.57 57.32 28.10
CA GLY J 149 35.85 56.81 29.26
C GLY J 149 34.37 56.66 29.08
N LYS J 150 33.88 56.62 27.84
CA LYS J 150 32.47 56.46 27.55
C LYS J 150 32.27 55.30 26.59
N SER J 151 31.12 54.66 26.71
CA SER J 151 30.76 53.51 25.88
C SER J 151 29.62 53.87 24.95
N MET J 152 29.58 53.17 23.81
CA MET J 152 28.57 53.40 22.80
C MET J 152 28.47 52.17 21.91
N GLY J 153 27.25 51.79 21.58
CA GLY J 153 26.99 50.62 20.74
C GLY J 153 26.87 51.00 19.28
N VAL J 154 27.51 50.22 18.43
CA VAL J 154 27.51 50.45 16.98
C VAL J 154 26.78 49.30 16.31
N LEU J 155 25.75 49.62 15.55
CA LEU J 155 24.94 48.62 14.85
C LEU J 155 24.97 48.90 13.35
N PHE J 156 25.06 47.85 12.55
CA PHE J 156 25.14 47.98 11.11
C PHE J 156 24.76 46.66 10.45
N GLY J 157 23.99 46.76 9.38
CA GLY J 157 23.61 45.61 8.58
C GLY J 157 22.26 45.03 8.99
N GLY J 158 22.02 43.81 8.53
CA GLY J 158 20.81 43.10 8.90
C GLY J 158 19.77 43.01 7.81
N ARG J 159 19.10 41.86 7.72
CA ARG J 159 18.01 41.64 6.79
C ARG J 159 16.67 41.80 7.50
N SER J 160 15.61 41.97 6.71
CA SER J 160 14.27 42.12 7.26
C SER J 160 13.27 41.85 6.15
N TYR J 161 12.01 41.72 6.56
CA TYR J 161 10.93 41.50 5.60
C TYR J 161 10.56 42.80 4.90
N MET J 162 9.59 42.70 4.00
CA MET J 162 9.12 43.88 3.28
C MET J 162 8.42 44.84 4.24
N PRO J 163 8.31 46.12 3.86
CA PRO J 163 7.58 47.07 4.71
C PRO J 163 6.12 46.67 4.87
N SER J 164 5.45 47.35 5.80
CA SER J 164 4.07 47.00 6.14
C SER J 164 3.14 47.14 4.93
N THR J 165 3.43 48.10 4.05
CA THR J 165 2.55 48.33 2.91
C THR J 165 2.80 47.32 1.79
N GLN J 166 4.04 47.23 1.32
CA GLN J 166 4.37 46.38 0.17
C GLN J 166 4.36 44.90 0.50
N ARG J 167 4.13 44.51 1.75
CA ARG J 167 4.16 43.10 2.13
C ARG J 167 2.85 42.44 1.73
N THR J 168 2.93 41.46 0.84
CA THR J 168 1.77 40.74 0.36
C THR J 168 1.87 39.26 0.72
N THR J 169 0.71 38.61 0.82
CA THR J 169 0.68 37.19 1.20
C THR J 169 1.14 36.26 0.10
N GLU J 170 1.43 36.76 -1.11
CA GLU J 170 2.04 35.94 -2.14
C GLU J 170 3.56 35.95 -2.07
N LYS J 171 4.15 36.96 -1.44
CA LYS J 171 5.58 37.05 -1.17
C LYS J 171 5.80 37.36 0.31
N TRP J 172 5.04 36.66 1.16
CA TRP J 172 5.10 36.91 2.59
C TRP J 172 6.46 36.66 3.26
N ASN J 173 7.27 35.80 2.67
CA ASN J 173 8.57 35.47 3.25
C ASN J 173 9.73 36.12 2.49
N SER J 174 9.45 37.05 1.59
CA SER J 174 10.53 37.72 0.88
C SER J 174 11.31 38.63 1.83
N VAL J 175 12.62 38.59 1.72
CA VAL J 175 13.51 39.37 2.58
C VAL J 175 14.24 40.41 1.75
N ALA J 176 14.62 41.50 2.40
CA ALA J 176 15.33 42.59 1.75
C ALA J 176 16.39 43.15 2.68
N ASP J 177 17.53 43.53 2.12
CA ASP J 177 18.62 44.08 2.91
C ASP J 177 18.23 45.47 3.42
N CYS J 178 18.47 45.71 4.71
CA CYS J 178 18.14 47.00 5.29
C CYS J 178 19.06 48.09 4.78
N LEU J 179 18.74 49.33 5.13
CA LEU J 179 19.50 50.46 4.66
C LEU J 179 20.92 50.43 5.26
N PRO J 180 21.90 50.99 4.56
CA PRO J 180 23.28 50.98 5.06
C PRO J 180 23.52 51.97 6.19
N HIS J 181 22.45 52.51 6.77
CA HIS J 181 22.58 53.48 7.86
C HIS J 181 23.33 52.87 9.05
N VAL J 182 24.04 53.70 9.81
CA VAL J 182 24.76 53.29 11.00
C VAL J 182 24.09 53.93 12.21
N PHE J 183 23.78 53.11 13.21
CA PHE J 183 23.03 53.54 14.38
C PHE J 183 23.91 53.40 15.62
N LEU J 184 24.02 54.48 16.39
CA LEU J 184 24.70 54.46 17.67
C LEU J 184 23.68 54.24 18.78
N ILE J 185 23.87 53.19 19.57
CA ILE J 185 22.95 52.83 20.64
C ILE J 185 23.59 53.17 21.97
N ASP J 186 22.89 53.93 22.79
CA ASP J 186 23.34 54.33 24.12
C ASP J 186 22.67 53.43 25.14
N PHE J 187 23.48 52.75 25.95
CA PHE J 187 22.93 51.80 26.93
C PHE J 187 22.42 52.47 28.18
N GLU J 188 22.84 53.71 28.46
CA GLU J 188 22.42 54.37 29.70
C GLU J 188 21.01 54.92 29.58
N PHE J 189 20.78 55.82 28.63
CA PHE J 189 19.46 56.38 28.39
C PHE J 189 18.54 55.43 27.64
N GLY J 190 19.08 54.41 26.98
CA GLY J 190 18.28 53.57 26.11
C GLY J 190 17.82 54.30 24.87
N CYS J 191 18.67 55.17 24.31
CA CYS J 191 18.33 55.97 23.14
C CYS J 191 19.30 55.68 22.02
N ALA J 192 18.83 55.87 20.78
CA ALA J 192 19.63 55.65 19.59
C ALA J 192 19.56 56.90 18.72
N THR J 193 20.37 56.91 17.66
CA THR J 193 20.44 58.04 16.75
C THR J 193 20.85 57.53 15.37
N SER J 194 20.18 58.02 14.33
CA SER J 194 20.38 57.56 12.97
C SER J 194 21.46 58.40 12.30
N TYR J 195 22.55 57.75 11.89
CA TYR J 195 23.62 58.39 11.13
C TYR J 195 23.74 57.73 9.76
N ILE J 196 23.86 58.57 8.73
CA ILE J 196 24.02 58.11 7.36
C ILE J 196 25.44 58.42 6.91
N LEU J 197 26.00 57.54 6.08
CA LEU J 197 27.37 57.67 5.62
C LEU J 197 27.43 57.62 4.10
N PRO J 198 28.30 58.41 3.49
CA PRO J 198 28.35 58.46 2.02
C PRO J 198 29.06 57.26 1.41
N GLU J 199 30.01 56.68 2.12
CA GLU J 199 30.75 55.52 1.62
C GLU J 199 29.97 54.22 1.73
N LEU J 200 28.71 54.26 2.14
CA LEU J 200 27.88 53.08 2.31
C LEU J 200 26.74 53.13 1.31
N GLN J 201 26.78 52.23 0.31
CA GLN J 201 25.80 52.22 -0.76
C GLN J 201 25.00 50.94 -0.86
N ASP J 202 25.56 49.80 -0.49
CA ASP J 202 24.90 48.50 -0.63
C ASP J 202 24.63 47.93 0.75
N GLY J 203 23.41 47.44 0.96
CA GLY J 203 23.10 46.78 2.22
C GLY J 203 23.90 45.50 2.38
N LEU J 204 24.37 45.27 3.61
CA LEU J 204 25.23 44.14 3.90
C LEU J 204 24.63 43.31 5.03
N SER J 205 24.88 42.01 4.99
CA SER J 205 24.36 41.10 6.00
C SER J 205 25.32 39.92 6.14
N PHE J 206 25.25 39.27 7.31
CA PHE J 206 26.09 38.11 7.63
C PHE J 206 27.57 38.45 7.56
N HIS J 207 27.95 39.66 7.95
CA HIS J 207 29.33 40.09 7.91
C HIS J 207 30.02 39.73 9.22
N VAL J 208 31.24 40.22 9.41
CA VAL J 208 32.03 39.98 10.61
C VAL J 208 32.51 41.32 11.14
N SER J 209 32.21 41.61 12.40
CA SER J 209 32.55 42.89 13.02
C SER J 209 33.67 42.67 14.03
N ILE J 210 34.81 43.28 13.78
CA ILE J 210 35.96 43.27 14.69
C ILE J 210 36.07 44.65 15.32
N ALA J 211 36.08 44.69 16.65
CA ALA J 211 36.09 45.94 17.39
C ALA J 211 37.47 46.21 17.98
N ARG J 212 37.65 47.46 18.41
CA ARG J 212 38.87 47.92 19.03
C ARG J 212 38.49 48.94 20.09
N ASN J 213 39.48 49.68 20.59
CA ASN J 213 39.20 50.70 21.60
C ASN J 213 38.05 51.61 21.19
N ASP J 214 38.17 52.27 20.03
CA ASP J 214 37.11 53.16 19.56
C ASP J 214 36.79 52.96 18.09
N THR J 215 37.22 51.85 17.49
CA THR J 215 36.96 51.58 16.08
C THR J 215 36.38 50.18 15.92
N VAL J 216 35.62 50.00 14.84
CA VAL J 216 35.05 48.71 14.48
C VAL J 216 35.33 48.47 13.00
N TYR J 217 35.59 47.21 12.65
CA TYR J 217 35.97 46.82 11.30
C TYR J 217 34.93 45.88 10.71
N ILE J 218 34.72 45.98 9.40
CA ILE J 218 33.74 45.18 8.68
C ILE J 218 34.47 44.29 7.69
N LEU J 219 34.04 43.03 7.61
CA LEU J 219 34.67 42.05 6.74
C LEU J 219 33.60 41.19 6.05
N GLY J 220 33.68 41.11 4.73
CA GLY J 220 32.81 40.24 3.95
C GLY J 220 31.33 40.45 4.15
N GLY J 221 30.53 39.45 3.79
CA GLY J 221 29.10 39.49 3.96
C GLY J 221 28.39 39.09 2.68
N HIS J 222 27.14 39.54 2.55
CA HIS J 222 26.32 39.23 1.39
C HIS J 222 25.42 40.42 1.10
N SER J 223 25.07 40.58 -0.17
CA SER J 223 24.19 41.67 -0.60
C SER J 223 23.11 41.09 -1.51
N LEU J 224 21.85 41.17 -1.07
CA LEU J 224 20.76 40.63 -1.86
C LEU J 224 20.52 41.47 -3.11
N ALA J 225 20.81 42.77 -3.02
CA ALA J 225 20.55 43.70 -4.13
C ALA J 225 21.40 43.37 -5.35
N SER J 226 22.50 42.66 -5.16
CA SER J 226 23.39 42.33 -6.26
C SER J 226 23.83 40.88 -6.32
N ASN J 227 23.59 40.08 -5.28
CA ASN J 227 24.02 38.68 -5.22
C ASN J 227 25.53 38.58 -5.42
N ILE J 228 26.27 39.40 -4.68
CA ILE J 228 27.72 39.48 -4.77
C ILE J 228 28.29 39.44 -3.36
N ARG J 229 29.43 38.78 -3.20
CA ARG J 229 30.17 38.74 -1.93
C ARG J 229 31.39 39.64 -2.07
N PRO J 230 31.27 40.93 -1.77
CA PRO J 230 32.41 41.84 -2.00
C PRO J 230 33.49 41.66 -0.94
N ALA J 231 34.71 41.96 -1.35
CA ALA J 231 35.87 41.91 -0.46
C ALA J 231 36.15 43.33 0.04
N ASN J 232 35.32 43.78 0.97
CA ASN J 232 35.40 45.12 1.51
C ASN J 232 36.09 45.13 2.86
N LEU J 233 36.61 46.31 3.23
CA LEU J 233 37.24 46.50 4.53
C LEU J 233 36.98 47.94 4.95
N TYR J 234 36.02 48.11 5.86
CA TYR J 234 35.59 49.43 6.30
C TYR J 234 36.17 49.75 7.68
N ARG J 235 36.60 50.99 7.85
CA ARG J 235 37.18 51.44 9.10
C ARG J 235 36.34 52.55 9.72
N ILE J 236 35.45 52.17 10.62
CA ILE J 236 34.57 53.11 11.30
C ILE J 236 35.22 53.54 12.60
N ARG J 237 35.50 54.84 12.72
CA ARG J 237 36.13 55.40 13.92
C ARG J 237 35.10 56.30 14.62
N VAL J 238 34.34 55.70 15.54
CA VAL J 238 33.39 56.48 16.31
C VAL J 238 34.13 57.26 17.40
N ASP J 239 33.75 58.53 17.55
CA ASP J 239 34.37 59.39 18.55
C ASP J 239 33.28 59.99 19.42
N LEU J 240 33.54 60.10 20.71
CA LEU J 240 32.58 60.60 21.68
C LEU J 240 33.10 61.88 22.32
N PRO J 241 32.91 63.04 21.69
CA PRO J 241 33.29 64.30 22.33
C PRO J 241 32.27 64.71 23.38
N LEU J 242 32.44 65.91 23.95
CA LEU J 242 31.48 66.40 24.93
C LEU J 242 30.14 66.78 24.32
N GLY J 243 30.03 66.75 22.99
CA GLY J 243 28.77 67.06 22.33
C GLY J 243 28.25 65.90 21.51
N THR J 244 27.85 66.18 20.27
CA THR J 244 27.33 65.13 19.40
C THR J 244 28.48 64.25 18.92
N PRO J 245 28.30 62.93 18.90
CA PRO J 245 29.37 62.03 18.45
C PRO J 245 29.70 62.25 16.98
N ALA J 246 30.82 61.64 16.57
CA ALA J 246 31.30 61.74 15.21
C ALA J 246 31.57 60.34 14.66
N VAL J 247 31.18 60.14 13.40
CA VAL J 247 31.35 58.86 12.72
C VAL J 247 31.96 59.11 11.35
N ASN J 248 33.00 58.33 11.01
CA ASN J 248 33.67 58.44 9.73
C ASN J 248 33.97 57.05 9.20
N CYS J 249 33.96 56.92 7.88
CA CYS J 249 34.25 55.67 7.20
C CYS J 249 35.46 55.82 6.29
N THR J 250 36.09 54.69 5.99
CA THR J 250 37.26 54.68 5.12
C THR J 250 37.44 53.28 4.56
N VAL J 251 37.54 53.18 3.24
CA VAL J 251 37.79 51.89 2.60
C VAL J 251 39.29 51.59 2.65
N LEU J 252 39.62 50.31 2.82
CA LEU J 252 40.99 49.87 2.90
C LEU J 252 41.19 48.66 1.99
N PRO J 253 42.38 48.49 1.42
CA PRO J 253 42.63 47.33 0.56
C PRO J 253 42.77 46.04 1.36
N GLY J 254 42.99 44.93 0.67
CA GLY J 254 43.14 43.64 1.33
C GLY J 254 41.86 43.13 1.95
N GLY J 255 40.86 42.87 1.12
CA GLY J 255 39.57 42.38 1.59
C GLY J 255 39.42 40.87 1.39
N ILE J 256 38.43 40.33 2.09
CA ILE J 256 38.11 38.91 2.01
C ILE J 256 36.67 38.75 1.55
N SER J 257 36.44 37.80 0.65
CA SER J 257 35.12 37.50 0.11
C SER J 257 34.58 36.28 0.86
N VAL J 258 33.85 36.54 1.93
CA VAL J 258 33.30 35.47 2.78
C VAL J 258 32.00 35.98 3.42
N SER J 259 31.04 35.09 3.55
CA SER J 259 29.77 35.38 4.21
C SER J 259 29.51 34.34 5.29
N SER J 260 29.01 34.80 6.43
CA SER J 260 28.71 33.93 7.58
C SER J 260 29.96 33.20 8.06
N ALA J 261 30.97 33.99 8.44
CA ALA J 261 32.22 33.45 8.95
C ALA J 261 32.18 33.37 10.48
N ILE J 262 33.18 32.69 11.04
CA ILE J 262 33.30 32.51 12.49
C ILE J 262 34.51 33.29 12.97
N LEU J 263 34.31 34.12 13.99
CA LEU J 263 35.34 34.97 14.55
C LEU J 263 35.73 34.44 15.93
N THR J 264 37.03 34.27 16.16
CA THR J 264 37.54 33.82 17.45
C THR J 264 38.76 34.64 17.82
N GLN J 265 39.13 34.58 19.10
CA GLN J 265 40.24 35.37 19.64
C GLN J 265 41.24 34.42 20.30
N THR J 266 42.39 34.23 19.64
CA THR J 266 43.46 33.46 20.26
C THR J 266 44.23 34.31 21.26
N ASN J 267 44.53 35.55 20.88
CA ASN J 267 45.23 36.48 21.76
C ASN J 267 44.78 37.89 21.38
N ASN J 268 45.18 38.86 22.20
CA ASN J 268 44.83 40.24 21.93
C ASN J 268 45.48 40.73 20.64
N ASP J 269 44.79 41.64 19.95
CA ASP J 269 45.27 42.28 18.72
C ASP J 269 45.51 41.29 17.59
N GLU J 270 44.89 40.10 17.66
CA GLU J 270 45.02 39.11 16.60
C GLU J 270 43.83 38.14 16.70
N PHE J 271 43.03 38.09 15.64
CA PHE J 271 41.88 37.21 15.57
C PHE J 271 42.08 36.17 14.47
N VAL J 272 41.28 35.12 14.53
CA VAL J 272 41.32 34.04 13.56
C VAL J 272 39.94 33.88 12.95
N ILE J 273 39.88 33.81 11.62
CA ILE J 273 38.64 33.67 10.87
C ILE J 273 38.67 32.35 10.11
N VAL J 274 37.59 31.59 10.22
CA VAL J 274 37.48 30.31 9.54
C VAL J 274 36.00 30.08 9.22
N GLY J 275 35.74 29.29 8.19
CA GLY J 275 34.37 29.01 7.78
C GLY J 275 33.83 30.08 6.85
N GLY J 276 32.56 29.91 6.51
CA GLY J 276 31.91 30.84 5.61
C GLY J 276 31.75 30.29 4.20
N TYR J 277 31.63 31.17 3.21
CA TYR J 277 31.41 30.75 1.84
C TYR J 277 32.06 31.75 0.90
N GLN J 278 32.73 31.23 -0.14
CA GLN J 278 33.31 32.07 -1.17
C GLN J 278 32.32 32.32 -2.30
N LEU J 279 31.72 31.26 -2.82
CA LEU J 279 30.67 31.36 -3.82
C LEU J 279 29.42 30.65 -3.32
N GLU J 280 28.43 30.53 -4.21
CA GLU J 280 27.17 29.88 -3.85
C GLU J 280 27.39 28.44 -3.42
N ASN J 281 28.18 27.70 -4.19
CA ASN J 281 28.46 26.30 -3.89
C ASN J 281 29.92 26.04 -3.56
N GLN J 282 30.78 27.06 -3.60
CA GLN J 282 32.19 26.92 -3.25
C GLN J 282 32.37 27.39 -1.81
N LYS J 283 32.29 26.45 -0.88
CA LYS J 283 32.46 26.75 0.53
C LYS J 283 33.90 27.10 0.85
N ARG J 284 34.10 28.11 1.68
CA ARG J 284 35.44 28.53 2.07
C ARG J 284 36.12 27.46 2.91
N MET J 285 37.38 27.19 2.60
CA MET J 285 38.15 26.18 3.32
C MET J 285 39.40 26.72 3.98
N VAL J 286 40.03 27.75 3.42
CA VAL J 286 41.25 28.31 3.99
C VAL J 286 40.90 29.24 5.13
N CYS J 287 41.83 29.39 6.06
CA CYS J 287 41.64 30.27 7.21
C CYS J 287 42.12 31.68 6.87
N SER J 288 42.19 32.55 7.88
CA SER J 288 42.64 33.92 7.69
C SER J 288 43.11 34.51 9.02
N LEU J 289 44.29 35.12 9.02
CA LEU J 289 44.87 35.73 10.22
C LEU J 289 44.89 37.23 10.08
N VAL J 290 44.37 37.94 11.07
CA VAL J 290 44.37 39.40 11.10
C VAL J 290 45.32 39.86 12.19
N SER J 291 45.57 41.18 12.21
CA SER J 291 46.45 41.77 13.20
C SER J 291 46.00 43.21 13.44
N LEU J 292 45.71 43.54 14.69
CA LEU J 292 45.22 44.87 15.06
C LEU J 292 46.36 45.67 15.67
N GLY J 293 46.91 46.60 14.91
CA GLY J 293 47.95 47.46 15.42
C GLY J 293 47.39 48.71 16.07
N ASP J 294 48.07 49.84 15.91
CA ASP J 294 47.56 51.10 16.44
C ASP J 294 46.44 51.65 15.56
N ASN J 295 46.71 51.79 14.26
CA ASN J 295 45.70 52.21 13.30
C ASN J 295 45.72 51.37 12.02
N THR J 296 46.57 50.35 11.96
CA THR J 296 46.69 49.52 10.76
C THR J 296 46.10 48.14 11.01
N ILE J 297 45.88 47.41 9.92
CA ILE J 297 45.39 46.04 9.95
C ILE J 297 46.12 45.24 8.88
N GLU J 298 46.34 43.95 9.16
CA GLU J 298 47.07 43.09 8.25
C GLU J 298 46.38 41.73 8.22
N ILE J 299 45.69 41.43 7.12
CA ILE J 299 45.03 40.15 6.92
C ILE J 299 45.96 39.24 6.15
N SER J 300 46.22 38.05 6.69
CA SER J 300 47.19 37.13 6.10
C SER J 300 46.68 35.71 6.22
N GLU J 301 47.30 34.83 5.44
CA GLU J 301 46.96 33.41 5.45
C GLU J 301 47.76 32.68 6.54
N MET J 302 47.17 31.60 7.06
CA MET J 302 47.83 30.77 8.06
C MET J 302 47.81 29.33 7.56
N GLU J 303 48.20 28.41 8.44
CA GLU J 303 48.15 27.00 8.11
C GLU J 303 46.71 26.54 7.94
N THR J 304 46.49 25.60 7.02
CA THR J 304 45.17 25.03 6.78
C THR J 304 45.02 23.74 7.58
N PRO J 305 44.15 23.70 8.58
CA PRO J 305 43.99 22.49 9.38
C PRO J 305 43.53 21.31 8.53
N ASP J 306 43.88 20.11 8.98
CA ASP J 306 43.56 18.88 8.25
C ASP J 306 42.07 18.59 8.41
N TRP J 307 41.32 18.84 7.35
CA TRP J 307 39.88 18.57 7.34
C TRP J 307 39.65 17.10 7.00
N THR J 308 38.65 16.51 7.65
CA THR J 308 38.33 15.10 7.37
C THR J 308 37.57 15.01 6.05
N SER J 309 37.19 13.78 5.67
CA SER J 309 36.48 13.58 4.42
C SER J 309 35.03 14.01 4.49
N ASP J 310 34.52 14.34 5.68
CA ASP J 310 33.13 14.75 5.82
C ASP J 310 32.94 16.20 5.42
N ILE J 311 33.81 17.09 5.91
CA ILE J 311 33.66 18.51 5.60
C ILE J 311 33.98 18.78 4.13
N LYS J 312 34.98 18.09 3.59
CA LYS J 312 35.43 18.38 2.23
C LYS J 312 34.34 18.13 1.19
N HIS J 313 33.38 17.25 1.51
CA HIS J 313 32.30 16.93 0.58
C HIS J 313 30.94 17.25 1.16
N SER J 314 30.87 18.10 2.18
CA SER J 314 29.60 18.54 2.73
C SER J 314 29.06 19.70 1.92
N LYS J 315 27.99 20.33 2.40
CA LYS J 315 27.39 21.47 1.71
C LYS J 315 27.10 22.66 2.61
N ILE J 316 26.93 22.47 3.92
CA ILE J 316 26.58 23.54 4.83
C ILE J 316 27.14 23.23 6.21
N TRP J 317 27.40 24.30 6.96
CA TRP J 317 27.93 24.21 8.32
C TRP J 317 27.52 25.47 9.09
N PHE J 318 27.67 25.44 10.40
CA PHE J 318 27.28 26.54 11.27
C PHE J 318 28.05 26.40 12.58
N GLY J 319 27.96 27.41 13.41
CA GLY J 319 28.63 27.42 14.70
C GLY J 319 28.84 28.84 15.18
N SER J 320 29.64 28.96 16.23
CA SER J 320 29.94 30.25 16.82
C SER J 320 31.23 30.12 17.62
N ASN J 321 31.57 31.19 18.34
CA ASN J 321 32.79 31.22 19.14
C ASN J 321 32.51 30.69 20.55
N MET J 322 33.56 30.14 21.16
CA MET J 322 33.48 29.66 22.52
C MET J 322 34.20 30.54 23.53
N GLY J 323 35.20 31.30 23.09
CA GLY J 323 35.89 32.24 23.95
C GLY J 323 37.32 31.87 24.27
N ASN J 324 37.56 30.59 24.55
CA ASN J 324 38.92 30.13 24.89
C ASN J 324 39.66 29.62 23.67
N GLY J 325 39.70 30.44 22.62
CA GLY J 325 40.40 30.11 21.40
C GLY J 325 39.87 28.88 20.68
N THR J 326 38.73 28.37 21.13
CA THR J 326 38.11 27.18 20.56
C THR J 326 36.85 27.56 19.81
N ILE J 327 36.52 26.78 18.78
CA ILE J 327 35.38 27.05 17.91
C ILE J 327 34.52 25.80 17.84
N PHE J 328 33.21 25.98 18.05
CA PHE J 328 32.26 24.89 17.98
C PHE J 328 31.67 24.82 16.58
N LEU J 329 31.85 23.67 15.91
CA LEU J 329 31.49 23.53 14.51
C LEU J 329 30.64 22.28 14.34
N GLY J 330 29.58 22.39 13.53
CA GLY J 330 28.69 21.27 13.29
C GLY J 330 28.38 21.10 11.82
N ILE J 331 28.06 19.87 11.44
CA ILE J 331 27.74 19.54 10.06
C ILE J 331 26.44 18.73 10.06
N PRO J 332 25.69 18.78 8.95
CA PRO J 332 24.41 18.06 8.88
C PRO J 332 24.61 16.56 8.73
N GLY J 333 24.04 15.80 9.65
CA GLY J 333 24.08 14.35 9.58
C GLY J 333 22.94 13.78 8.78
N ASP J 334 22.75 12.47 8.92
CA ASP J 334 21.69 11.76 8.21
C ASP J 334 20.38 11.92 8.97
N ASN J 335 19.31 11.36 8.40
CA ASN J 335 18.00 11.40 9.04
C ASN J 335 17.17 10.23 8.53
N LYS J 336 16.58 9.49 9.45
CA LYS J 336 15.77 8.33 9.11
C LYS J 336 14.78 7.99 10.22
N SER J 340 18.68 7.95 12.80
CA SER J 340 20.08 8.34 12.89
C SER J 340 20.24 9.69 13.57
N GLU J 341 21.49 10.16 13.66
CA GLU J 341 21.78 11.45 14.28
C GLU J 341 21.60 12.56 13.26
N ALA J 342 20.86 13.59 13.65
CA ALA J 342 20.54 14.67 12.71
C ALA J 342 21.76 15.51 12.37
N PHE J 343 22.73 15.60 13.27
CA PHE J 343 23.89 16.45 13.06
C PHE J 343 25.12 15.81 13.68
N TYR J 344 26.28 16.26 13.25
CA TYR J 344 27.55 15.96 13.89
C TYR J 344 28.16 17.28 14.37
N PHE J 345 29.14 17.19 15.26
CA PHE J 345 29.73 18.39 15.83
C PHE J 345 31.21 18.19 16.06
N TYR J 346 32.02 19.14 15.59
CA TYR J 346 33.47 19.09 15.69
C TYR J 346 33.96 20.34 16.39
N THR J 347 34.86 20.16 17.36
CA THR J 347 35.52 21.29 18.00
C THR J 347 36.86 21.56 17.34
N LEU J 348 37.20 22.85 17.23
CA LEU J 348 38.46 23.25 16.62
C LEU J 348 39.33 24.02 17.61
N ARG J 349 40.60 23.65 17.69
CA ARG J 349 41.54 24.31 18.60
C ARG J 349 42.54 25.16 17.83
N CYS J 350 42.77 26.37 18.32
CA CYS J 350 43.70 27.30 17.69
C CYS J 350 44.32 28.25 18.70
N SER J 351 45.51 27.92 19.17
CA SER J 351 46.21 28.75 20.14
C SER J 351 47.72 28.49 20.11
ZN ZN L . -11.97 21.41 31.54
CA CA M . -2.74 12.24 11.85
ZN ZN N . 28.15 -24.13 -7.66
CA CA O . 8.41 -12.51 -1.21
#